data_3DWC
#
_entry.id   3DWC
#
_cell.length_a   89.400
_cell.length_b   136.250
_cell.length_c   117.860
_cell.angle_alpha   90.00
_cell.angle_beta   103.06
_cell.angle_gamma   90.00
#
_symmetry.space_group_name_H-M   'P 1 21 1'
#
loop_
_entity.id
_entity.type
_entity.pdbx_description
1 polymer Metallocarboxypeptidase
2 non-polymer 'COBALT (II) ION'
3 non-polymer 'SULFATE ION'
4 non-polymer GLYCEROL
5 non-polymer GLYCINE
6 non-polymer ALANINE
7 water water
#
_entity_poly.entity_id   1
_entity_poly.type   'polypeptide(L)'
_entity_poly.pdbx_seq_one_letter_code
;GSMKPYKELERVFTKLYRYGHMLLLADWDSHTMMP(CSX)KGSDARGAAMAELQLHMHDTITAPKIRALIEEAEKSVGDL
EKLQRANLREMRRAWELENLLPEEFVERKTVLTTKAHQVWKTCREKNDFAGFLPTLKELIALFREEGKLRAGNSGKHPYE
ALVDIYEPGMTLQRLDEIFGNVRSWLPELLKEVQEKQKALGETVLEPKGPFPVSKQEALCRFFMDVWKFDFDGGRLDVSA
HPFCGNSKEDVRITTKYTETEFVTSLLGVIHETGHAKYEQNCGPKGFETQPVCMARSLGVHEGQSLFAEMQIGRSGAFME
FLAPRLVEYFGDQPAFTSSNMKRVIQRVSPGLIRIDADELCYPLHVMLRYEIERDLMDGNIEAEEVPRVWNEKMKSYLGL
ETLGNDKEGCLQDVHWSGGMFGYFPTYSLGAMVAAQLMSCVRRELGEEVVDDCIRKGDLGKILAKQNEKIWQHGSSLTTD
ELLRQATGETLNPEHYRRHLERRYRDDRG
;
_entity_poly.pdbx_strand_id   A,B,C,D
#
loop_
_chem_comp.id
_chem_comp.type
_chem_comp.name
_chem_comp.formula
CO non-polymer 'COBALT (II) ION' 'Co 2'
GOL non-polymer GLYCEROL 'C3 H8 O3'
SO4 non-polymer 'SULFATE ION' 'O4 S -2'
#
# COMPACT_ATOMS: atom_id res chain seq x y z
N SER A 2 -22.22 -25.31 -22.77
CA SER A 2 -21.78 -24.05 -22.11
C SER A 2 -20.29 -24.09 -21.81
N MET A 3 -19.83 -23.08 -21.05
CA MET A 3 -18.41 -22.84 -20.76
C MET A 3 -17.98 -23.46 -19.47
N LYS A 4 -18.91 -24.16 -18.82
CA LYS A 4 -18.68 -24.75 -17.49
C LYS A 4 -17.54 -25.76 -17.46
N PRO A 5 -17.59 -26.83 -18.28
CA PRO A 5 -16.43 -27.75 -18.25
C PRO A 5 -15.09 -27.05 -18.46
N TYR A 6 -15.00 -26.14 -19.42
CA TYR A 6 -13.74 -25.44 -19.64
C TYR A 6 -13.29 -24.65 -18.40
N LYS A 7 -14.22 -23.95 -17.74
CA LYS A 7 -13.82 -23.12 -16.62
C LYS A 7 -13.46 -23.97 -15.41
N GLU A 8 -14.12 -25.12 -15.27
CA GLU A 8 -13.71 -26.09 -14.27
C GLU A 8 -12.33 -26.71 -14.55
N LEU A 9 -11.98 -26.97 -15.81
CA LEU A 9 -10.63 -27.40 -16.15
C LEU A 9 -9.60 -26.36 -15.79
N GLU A 10 -9.90 -25.11 -16.07
CA GLU A 10 -9.01 -23.98 -15.69
C GLU A 10 -8.70 -24.02 -14.20
N ARG A 11 -9.75 -24.23 -13.39
CA ARG A 11 -9.62 -24.35 -11.92
C ARG A 11 -8.73 -25.57 -11.55
N VAL A 12 -8.97 -26.70 -12.20
CA VAL A 12 -8.07 -27.86 -12.00
C VAL A 12 -6.61 -27.60 -12.35
N PHE A 13 -6.34 -26.99 -13.51
CA PHE A 13 -4.97 -26.73 -13.89
C PHE A 13 -4.31 -25.65 -12.99
N THR A 14 -5.05 -24.69 -12.46
CA THR A 14 -4.46 -23.79 -11.46
C THR A 14 -3.96 -24.58 -10.20
N LYS A 15 -4.79 -25.49 -9.72
CA LYS A 15 -4.48 -26.38 -8.63
C LYS A 15 -3.15 -27.10 -8.90
N LEU A 16 -3.08 -27.75 -10.05
CA LEU A 16 -1.88 -28.42 -10.51
C LEU A 16 -0.72 -27.46 -10.60
N TYR A 17 -0.95 -26.21 -11.01
CA TYR A 17 0.13 -25.21 -11.12
C TYR A 17 0.67 -24.94 -9.68
N ARG A 18 -0.24 -24.82 -8.71
CA ARG A 18 0.12 -24.56 -7.33
C ARG A 18 0.95 -25.69 -6.75
N TYR A 19 0.52 -26.92 -6.98
CA TYR A 19 1.31 -28.11 -6.64
C TYR A 19 2.69 -28.11 -7.33
N GLY A 20 2.74 -27.80 -8.63
CA GLY A 20 4.03 -27.83 -9.37
C GLY A 20 5.01 -26.79 -8.82
N HIS A 21 4.48 -25.68 -8.32
CA HIS A 21 5.30 -24.68 -7.64
C HIS A 21 6.13 -25.29 -6.50
N MET A 22 5.46 -26.11 -5.71
CA MET A 22 6.09 -26.73 -4.57
C MET A 22 7.16 -27.71 -5.04
N LEU A 23 6.82 -28.52 -6.01
CA LEU A 23 7.79 -29.47 -6.58
C LEU A 23 9.00 -28.83 -7.20
N LEU A 24 8.78 -27.74 -7.90
CA LEU A 24 9.83 -26.95 -8.55
C LEU A 24 10.79 -26.36 -7.51
N LEU A 25 10.20 -25.77 -6.46
CA LEU A 25 11.04 -25.26 -5.35
C LEU A 25 11.84 -26.39 -4.71
N ALA A 26 11.20 -27.49 -4.38
CA ALA A 26 11.86 -28.66 -3.79
C ALA A 26 13.02 -29.19 -4.64
N ASP A 27 12.80 -29.19 -5.95
CA ASP A 27 13.83 -29.69 -6.86
C ASP A 27 15.04 -28.73 -6.90
N TRP A 28 14.79 -27.43 -7.03
CA TRP A 28 15.85 -26.45 -6.99
C TRP A 28 16.66 -26.52 -5.70
N ASP A 29 15.96 -26.59 -4.58
CA ASP A 29 16.57 -26.53 -3.29
C ASP A 29 17.47 -27.76 -3.12
N SER A 30 16.98 -28.92 -3.58
CA SER A 30 17.75 -30.21 -3.63
C SER A 30 19.15 -30.10 -4.17
N HIS A 31 19.27 -29.30 -5.20
CA HIS A 31 20.54 -29.09 -5.87
C HIS A 31 21.36 -27.91 -5.40
N THR A 32 20.80 -27.00 -4.61
CA THR A 32 21.48 -25.77 -4.17
C THR A 32 21.71 -25.68 -2.66
N MET A 33 20.69 -25.93 -1.86
CA MET A 33 20.77 -25.65 -0.44
C MET A 33 20.72 -26.87 0.46
N MET A 34 20.09 -27.94 0.02
CA MET A 34 19.81 -29.05 0.89
C MET A 34 21.05 -29.75 1.41
N PRO A 35 21.19 -29.89 2.73
CA PRO A 35 22.26 -30.73 3.25
C PRO A 35 22.02 -32.21 2.96
N CSX A 36 23.10 -32.98 2.91
CA CSX A 36 23.04 -34.33 2.40
CB CSX A 36 24.51 -34.80 2.21
SG CSX A 36 25.20 -35.28 3.63
C CSX A 36 22.12 -35.28 3.15
O CSX A 36 21.48 -36.14 2.53
OD CSX A 36 25.10 -37.07 4.02
N LYS A 37 22.00 -35.13 4.46
CA LYS A 37 21.07 -35.97 5.22
C LYS A 37 19.56 -35.64 5.04
N GLY A 38 19.27 -34.52 4.39
CA GLY A 38 17.91 -34.14 4.08
C GLY A 38 17.28 -34.88 2.93
N SER A 39 18.13 -35.61 2.22
CA SER A 39 17.90 -36.22 0.93
C SER A 39 16.75 -37.23 0.91
N ASP A 40 16.71 -38.13 1.86
CA ASP A 40 15.63 -39.12 1.95
C ASP A 40 14.26 -38.54 2.20
N ALA A 41 14.14 -37.65 3.18
CA ALA A 41 12.90 -36.93 3.44
C ALA A 41 12.47 -36.08 2.26
N ARG A 42 13.41 -35.48 1.56
CA ARG A 42 13.07 -34.64 0.41
C ARG A 42 12.55 -35.52 -0.73
N GLY A 43 13.19 -36.67 -0.98
CA GLY A 43 12.69 -37.55 -2.07
C GLY A 43 11.31 -38.12 -1.77
N ALA A 44 11.09 -38.58 -0.56
CA ALA A 44 9.80 -39.05 -0.14
C ALA A 44 8.69 -37.97 -0.26
N ALA A 45 9.02 -36.71 0.06
CA ALA A 45 8.05 -35.62 -0.06
C ALA A 45 7.71 -35.31 -1.51
N MET A 46 8.73 -35.27 -2.36
CA MET A 46 8.49 -34.94 -3.74
C MET A 46 7.65 -36.04 -4.40
N ALA A 47 7.97 -37.28 -4.08
CA ALA A 47 7.19 -38.43 -4.57
C ALA A 47 5.72 -38.47 -4.14
N GLU A 48 5.43 -38.13 -2.90
CA GLU A 48 4.06 -38.04 -2.47
C GLU A 48 3.31 -36.94 -3.22
N LEU A 49 3.96 -35.80 -3.45
CA LEU A 49 3.29 -34.70 -4.14
C LEU A 49 3.09 -35.02 -5.63
N GLN A 50 4.15 -35.53 -6.28
CA GLN A 50 4.09 -36.07 -7.66
C GLN A 50 2.92 -37.07 -7.86
N LEU A 51 2.74 -37.99 -6.91
CA LEU A 51 1.60 -38.92 -6.93
C LEU A 51 0.25 -38.19 -6.89
N HIS A 52 0.10 -37.22 -6.00
CA HIS A 52 -1.15 -36.49 -5.92
C HIS A 52 -1.47 -35.71 -7.23
N MET A 53 -0.44 -35.07 -7.81
CA MET A 53 -0.56 -34.44 -9.11
C MET A 53 -0.98 -35.41 -10.21
N HIS A 54 -0.33 -36.57 -10.27
CA HIS A 54 -0.72 -37.62 -11.20
C HIS A 54 -2.17 -38.09 -11.06
N ASP A 55 -2.55 -38.46 -9.85
CA ASP A 55 -3.93 -38.87 -9.59
C ASP A 55 -4.95 -37.74 -9.91
N THR A 56 -4.56 -36.49 -9.69
CA THR A 56 -5.42 -35.35 -10.00
C THR A 56 -5.68 -35.25 -11.49
N ILE A 57 -4.61 -35.31 -12.29
CA ILE A 57 -4.74 -35.05 -13.73
C ILE A 57 -5.29 -36.24 -14.51
N THR A 58 -5.07 -37.47 -14.02
CA THR A 58 -5.50 -38.68 -14.65
C THR A 58 -6.83 -39.21 -14.12
N ALA A 59 -7.47 -38.52 -13.18
CA ALA A 59 -8.79 -38.97 -12.72
C ALA A 59 -9.75 -38.97 -13.94
N PRO A 60 -10.64 -39.96 -14.03
CA PRO A 60 -11.65 -40.01 -15.12
C PRO A 60 -12.47 -38.73 -15.29
N LYS A 61 -12.72 -38.03 -14.19
CA LYS A 61 -13.30 -36.68 -14.20
C LYS A 61 -12.65 -35.76 -15.25
N ILE A 62 -11.31 -35.78 -15.32
CA ILE A 62 -10.61 -34.90 -16.25
C ILE A 62 -10.93 -35.21 -17.73
N ARG A 63 -10.93 -36.49 -18.06
CA ARG A 63 -11.30 -36.94 -19.38
C ARG A 63 -12.69 -36.44 -19.76
N ALA A 64 -13.63 -36.55 -18.82
CA ALA A 64 -15.04 -36.21 -19.05
C ALA A 64 -15.13 -34.68 -19.26
N LEU A 65 -14.42 -33.93 -18.44
CA LEU A 65 -14.33 -32.48 -18.63
C LEU A 65 -13.77 -32.08 -20.02
N ILE A 66 -12.66 -32.67 -20.42
CA ILE A 66 -12.06 -32.33 -21.71
C ILE A 66 -13.02 -32.67 -22.84
N GLU A 67 -13.63 -33.86 -22.79
CA GLU A 67 -14.59 -34.23 -23.81
C GLU A 67 -15.78 -33.30 -23.86
N GLU A 68 -16.27 -32.86 -22.71
CA GLU A 68 -17.41 -31.94 -22.70
C GLU A 68 -17.01 -30.57 -23.22
N ALA A 69 -15.87 -30.05 -22.77
CA ALA A 69 -15.37 -28.78 -23.26
C ALA A 69 -15.20 -28.77 -24.76
N GLU A 70 -14.73 -29.88 -25.32
CA GLU A 70 -14.38 -29.99 -26.71
C GLU A 70 -15.62 -30.04 -27.58
N LYS A 71 -16.75 -30.47 -27.03
CA LYS A 71 -17.91 -30.50 -27.89
C LYS A 71 -18.55 -29.12 -28.07
N SER A 72 -18.19 -28.14 -27.24
CA SER A 72 -18.56 -26.72 -27.49
C SER A 72 -17.31 -25.85 -27.62
N VAL A 73 -16.37 -26.25 -28.46
CA VAL A 73 -15.09 -25.55 -28.57
C VAL A 73 -15.28 -24.23 -29.32
N GLY A 74 -16.31 -24.17 -30.16
CA GLY A 74 -16.68 -22.93 -30.83
C GLY A 74 -17.25 -21.83 -29.96
N ASP A 75 -17.78 -22.15 -28.78
CA ASP A 75 -18.20 -21.14 -27.81
C ASP A 75 -17.02 -20.54 -27.01
N LEU A 76 -15.78 -20.82 -27.40
CA LEU A 76 -14.62 -20.36 -26.66
C LEU A 76 -13.87 -19.31 -27.47
N GLU A 77 -13.24 -18.38 -26.79
CA GLU A 77 -12.35 -17.44 -27.46
C GLU A 77 -11.04 -18.09 -27.85
N LYS A 78 -10.31 -17.39 -28.71
CA LYS A 78 -9.08 -17.88 -29.32
C LYS A 78 -8.09 -18.47 -28.29
N LEU A 79 -7.78 -17.70 -27.26
CA LEU A 79 -6.81 -18.14 -26.26
C LEU A 79 -7.34 -19.29 -25.40
N GLN A 80 -8.64 -19.32 -25.19
CA GLN A 80 -9.29 -20.42 -24.44
C GLN A 80 -9.24 -21.76 -25.23
N ARG A 81 -9.45 -21.69 -26.54
CA ARG A 81 -9.37 -22.88 -27.40
C ARG A 81 -7.93 -23.39 -27.42
N ALA A 82 -6.97 -22.47 -27.50
CA ALA A 82 -5.55 -22.88 -27.45
C ALA A 82 -5.28 -23.51 -26.10
N ASN A 83 -5.76 -22.89 -25.03
CA ASN A 83 -5.54 -23.43 -23.70
C ASN A 83 -6.12 -24.83 -23.59
N LEU A 84 -7.32 -25.07 -24.11
CA LEU A 84 -7.95 -26.40 -24.13
C LEU A 84 -7.13 -27.45 -24.92
N ARG A 85 -6.55 -27.05 -26.04
CA ARG A 85 -5.57 -27.89 -26.73
C ARG A 85 -4.39 -28.25 -25.87
N GLU A 86 -3.85 -27.28 -25.14
CA GLU A 86 -2.70 -27.54 -24.29
C GLU A 86 -3.07 -28.36 -23.07
N MET A 87 -4.27 -28.13 -22.53
CA MET A 87 -4.82 -29.05 -21.51
C MET A 87 -4.90 -30.51 -21.92
N ARG A 88 -5.52 -30.81 -23.04
CA ARG A 88 -5.55 -32.17 -23.57
C ARG A 88 -4.17 -32.72 -23.72
N ARG A 89 -3.22 -31.90 -24.20
CA ARG A 89 -1.85 -32.39 -24.38
C ARG A 89 -1.22 -32.81 -23.03
N ALA A 90 -1.38 -31.98 -22.00
CA ALA A 90 -0.83 -32.33 -20.70
C ALA A 90 -1.45 -33.60 -20.13
N TRP A 91 -2.75 -33.73 -20.33
CA TRP A 91 -3.50 -34.88 -19.82
C TRP A 91 -3.05 -36.15 -20.54
N GLU A 92 -2.97 -36.11 -21.87
CA GLU A 92 -2.46 -37.26 -22.63
C GLU A 92 -1.06 -37.66 -22.24
N LEU A 93 -0.21 -36.68 -22.00
CA LEU A 93 1.16 -36.96 -21.57
C LEU A 93 1.20 -37.77 -20.27
N GLU A 94 0.29 -37.47 -19.33
CA GLU A 94 0.24 -38.20 -18.06
C GLU A 94 -0.61 -39.44 -18.17
N ASN A 95 -1.70 -39.37 -18.94
CA ASN A 95 -2.77 -40.38 -18.87
C ASN A 95 -2.53 -41.62 -19.73
N LEU A 96 -1.67 -41.50 -20.74
CA LEU A 96 -1.39 -42.62 -21.66
C LEU A 96 -0.63 -43.83 -21.13
N LEU A 97 0.31 -43.67 -20.20
CA LEU A 97 1.04 -44.84 -19.71
C LEU A 97 0.27 -45.46 -18.56
N PRO A 98 0.10 -46.79 -18.56
CA PRO A 98 -0.45 -47.45 -17.36
C PRO A 98 0.44 -47.22 -16.13
N GLU A 99 -0.17 -47.15 -14.96
CA GLU A 99 0.54 -46.85 -13.71
C GLU A 99 1.59 -47.92 -13.43
N GLU A 100 1.29 -49.16 -13.83
CA GLU A 100 2.26 -50.25 -13.76
C GLU A 100 3.53 -49.92 -14.59
N PHE A 101 3.32 -49.36 -15.78
CA PHE A 101 4.44 -48.92 -16.61
C PHE A 101 5.27 -47.86 -15.92
N VAL A 102 4.62 -46.86 -15.34
CA VAL A 102 5.31 -45.72 -14.72
C VAL A 102 6.16 -46.12 -13.51
N GLU A 103 5.64 -47.05 -12.71
CA GLU A 103 6.37 -47.65 -11.62
C GLU A 103 7.65 -48.31 -12.13
N ARG A 104 7.51 -49.21 -13.10
CA ARG A 104 8.67 -49.91 -13.67
C ARG A 104 9.73 -48.96 -14.14
N LYS A 105 9.32 -47.91 -14.87
CA LYS A 105 10.25 -46.91 -15.36
C LYS A 105 10.98 -46.16 -14.24
N THR A 106 10.24 -45.67 -13.25
CA THR A 106 10.87 -44.93 -12.15
C THR A 106 11.90 -45.82 -11.43
N VAL A 107 11.56 -47.10 -11.27
CA VAL A 107 12.45 -48.08 -10.63
C VAL A 107 13.70 -48.23 -11.48
N LEU A 108 13.49 -48.61 -12.74
CA LEU A 108 14.59 -48.90 -13.64
C LEU A 108 15.53 -47.69 -13.79
N THR A 109 14.96 -46.50 -13.82
CA THR A 109 15.75 -45.32 -14.12
C THR A 109 16.56 -44.89 -12.93
N THR A 110 15.99 -45.07 -11.73
CA THR A 110 16.66 -44.69 -10.50
C THR A 110 17.88 -45.58 -10.27
N LYS A 111 17.75 -46.85 -10.65
CA LYS A 111 18.86 -47.82 -10.59
C LYS A 111 19.88 -47.54 -11.70
N ALA A 112 19.37 -47.33 -12.92
CA ALA A 112 20.18 -47.00 -14.08
C ALA A 112 21.09 -45.79 -13.83
N HIS A 113 20.65 -44.78 -13.09
CA HIS A 113 21.52 -43.64 -12.83
C HIS A 113 22.77 -44.03 -12.04
N GLN A 114 22.58 -44.94 -11.08
CA GLN A 114 23.67 -45.47 -10.27
C GLN A 114 24.67 -46.28 -11.10
N VAL A 115 24.21 -47.33 -11.79
CA VAL A 115 25.12 -48.16 -12.64
C VAL A 115 25.79 -47.39 -13.79
N TRP A 116 25.05 -46.50 -14.45
CA TRP A 116 25.61 -45.65 -15.52
C TRP A 116 26.80 -44.86 -15.01
N LYS A 117 26.57 -44.12 -13.91
CA LYS A 117 27.57 -43.23 -13.34
C LYS A 117 28.93 -43.92 -13.05
N THR A 118 28.89 -45.14 -12.47
CA THR A 118 30.13 -45.88 -12.16
C THR A 118 30.77 -46.46 -13.42
N CYS A 119 29.96 -47.14 -14.23
CA CYS A 119 30.38 -47.65 -15.54
C CYS A 119 31.05 -46.56 -16.38
N ARG A 120 30.45 -45.37 -16.39
CA ARG A 120 31.07 -44.23 -17.05
C ARG A 120 32.44 -43.89 -16.46
N GLU A 121 32.52 -43.67 -15.14
CA GLU A 121 33.82 -43.41 -14.50
C GLU A 121 34.83 -44.55 -14.74
N LYS A 122 34.34 -45.79 -14.83
CA LYS A 122 35.24 -46.96 -14.96
C LYS A 122 35.40 -47.46 -16.42
N ASN A 123 34.81 -46.75 -17.38
CA ASN A 123 34.94 -47.11 -18.79
C ASN A 123 34.45 -48.52 -19.10
N ASP A 124 33.29 -48.88 -18.55
CA ASP A 124 32.82 -50.26 -18.50
C ASP A 124 31.43 -50.42 -19.12
N PHE A 125 31.40 -50.47 -20.45
CA PHE A 125 30.16 -50.69 -21.18
C PHE A 125 29.52 -52.04 -20.85
N ALA A 126 30.38 -53.07 -20.72
CA ALA A 126 29.93 -54.43 -20.40
C ALA A 126 29.06 -54.45 -19.14
N GLY A 127 29.50 -53.75 -18.09
CA GLY A 127 28.69 -53.63 -16.86
C GLY A 127 27.37 -52.91 -17.05
N PHE A 128 27.37 -51.92 -17.93
CA PHE A 128 26.16 -51.15 -18.21
C PHE A 128 25.21 -51.85 -19.18
N LEU A 129 25.73 -52.78 -19.99
CA LEU A 129 24.94 -53.34 -21.10
C LEU A 129 23.62 -53.99 -20.66
N PRO A 130 23.60 -54.75 -19.55
CA PRO A 130 22.34 -55.27 -19.01
C PRO A 130 21.26 -54.22 -18.77
N THR A 131 21.59 -53.18 -18.00
CA THR A 131 20.69 -52.08 -17.76
C THR A 131 20.23 -51.47 -19.10
N LEU A 132 21.17 -51.24 -20.02
CA LEU A 132 20.85 -50.54 -21.29
C LEU A 132 19.91 -51.34 -22.18
N LYS A 133 20.04 -52.66 -22.20
CA LYS A 133 19.10 -53.48 -22.98
C LYS A 133 17.65 -53.34 -22.45
N GLU A 134 17.54 -53.19 -21.13
CA GLU A 134 16.25 -52.99 -20.45
C GLU A 134 15.70 -51.59 -20.78
N LEU A 135 16.57 -50.60 -20.73
CA LEU A 135 16.18 -49.22 -21.04
C LEU A 135 15.62 -49.19 -22.46
N ILE A 136 16.35 -49.76 -23.41
CA ILE A 136 15.90 -49.78 -24.82
C ILE A 136 14.59 -50.53 -24.99
N ALA A 137 14.44 -51.65 -24.28
CA ALA A 137 13.18 -52.38 -24.29
C ALA A 137 12.08 -51.52 -23.73
N LEU A 138 12.36 -50.85 -22.62
CA LEU A 138 11.43 -49.87 -22.04
C LEU A 138 11.01 -48.75 -23.02
N PHE A 139 11.99 -48.14 -23.69
CA PHE A 139 11.70 -47.00 -24.59
C PHE A 139 10.86 -47.41 -25.76
N ARG A 140 11.14 -48.58 -26.33
CA ARG A 140 10.32 -49.09 -27.43
C ARG A 140 8.87 -49.30 -26.95
N GLU A 141 8.71 -49.89 -25.77
CA GLU A 141 7.38 -50.06 -25.19
C GLU A 141 6.72 -48.69 -24.92
N GLU A 142 7.45 -47.76 -24.31
CA GLU A 142 6.90 -46.40 -24.03
C GLU A 142 6.42 -45.71 -25.31
N GLY A 143 7.17 -45.83 -26.40
CA GLY A 143 6.84 -45.18 -27.67
C GLY A 143 5.53 -45.65 -28.27
N LYS A 144 5.34 -46.97 -28.23
CA LYS A 144 4.13 -47.61 -28.70
C LYS A 144 2.95 -47.20 -27.86
N LEU A 145 3.15 -47.15 -26.54
CA LEU A 145 2.09 -46.67 -25.64
C LEU A 145 1.73 -45.23 -26.00
N ARG A 146 2.74 -44.35 -26.08
CA ARG A 146 2.46 -42.92 -26.39
C ARG A 146 1.93 -42.64 -27.81
N ALA A 147 2.16 -43.56 -28.76
CA ALA A 147 1.64 -43.45 -30.11
C ALA A 147 0.17 -43.78 -30.17
N GLY A 148 -0.20 -44.88 -29.50
CA GLY A 148 -1.56 -45.35 -29.47
C GLY A 148 -2.03 -45.68 -30.87
N ASN A 149 -3.20 -45.15 -31.22
CA ASN A 149 -3.80 -45.35 -32.55
C ASN A 149 -3.57 -44.18 -33.51
N SER A 150 -2.54 -43.39 -33.23
CA SER A 150 -2.07 -42.33 -34.13
C SER A 150 -1.58 -42.92 -35.45
N GLY A 151 -0.90 -44.06 -35.39
CA GLY A 151 -0.11 -44.53 -36.51
C GLY A 151 1.28 -43.89 -36.58
N LYS A 152 1.67 -43.11 -35.56
CA LYS A 152 3.01 -42.54 -35.51
C LYS A 152 4.05 -43.60 -35.13
N HIS A 153 5.21 -43.50 -35.76
CA HIS A 153 6.37 -44.24 -35.33
C HIS A 153 6.55 -43.99 -33.83
N PRO A 154 6.82 -45.06 -33.06
CA PRO A 154 7.09 -44.93 -31.61
C PRO A 154 8.13 -43.86 -31.24
N TYR A 155 9.19 -43.71 -32.03
CA TYR A 155 10.21 -42.71 -31.70
C TYR A 155 9.67 -41.30 -31.92
N GLU A 156 8.88 -41.12 -32.97
CA GLU A 156 8.15 -39.88 -33.18
C GLU A 156 7.31 -39.50 -31.94
N ALA A 157 6.63 -40.48 -31.34
CA ALA A 157 5.82 -40.23 -30.13
C ALA A 157 6.70 -39.78 -28.96
N LEU A 158 7.92 -40.25 -28.90
CA LEU A 158 8.86 -39.78 -27.87
C LEU A 158 9.42 -38.38 -28.15
N VAL A 159 9.87 -38.13 -29.38
CA VAL A 159 10.25 -36.77 -29.81
C VAL A 159 9.17 -35.73 -29.52
N ASP A 160 7.92 -36.08 -29.77
CA ASP A 160 6.73 -35.21 -29.54
C ASP A 160 6.57 -34.69 -28.11
N ILE A 161 7.12 -35.40 -27.15
CA ILE A 161 7.02 -35.03 -25.76
C ILE A 161 7.75 -33.76 -25.56
N TYR A 162 8.92 -33.63 -26.19
CA TYR A 162 9.81 -32.49 -26.02
C TYR A 162 9.59 -31.46 -27.11
N GLU A 163 9.13 -31.90 -28.27
CA GLU A 163 8.98 -31.05 -29.46
C GLU A 163 7.62 -31.34 -30.09
N PRO A 164 6.54 -30.79 -29.49
CA PRO A 164 5.18 -31.04 -29.99
C PRO A 164 5.03 -30.77 -31.44
N GLY A 165 4.46 -31.72 -32.15
CA GLY A 165 4.19 -31.55 -33.58
C GLY A 165 5.34 -31.91 -34.49
N MET A 166 6.53 -32.18 -33.94
CA MET A 166 7.67 -32.57 -34.77
C MET A 166 7.52 -34.04 -35.27
N THR A 167 7.70 -34.21 -36.56
CA THR A 167 7.67 -35.55 -37.17
C THR A 167 9.09 -36.03 -37.52
N LEU A 168 9.29 -37.34 -37.59
CA LEU A 168 10.60 -37.92 -37.98
C LEU A 168 10.96 -37.60 -39.40
N GLN A 169 9.93 -37.48 -40.23
CA GLN A 169 10.11 -37.15 -41.62
C GLN A 169 10.70 -35.74 -41.71
N ARG A 170 10.13 -34.77 -40.98
CA ARG A 170 10.72 -33.44 -40.93
C ARG A 170 12.11 -33.44 -40.32
N LEU A 171 12.33 -34.28 -39.30
CA LEU A 171 13.66 -34.35 -38.70
C LEU A 171 14.68 -34.88 -39.67
N ASP A 172 14.30 -35.90 -40.45
CA ASP A 172 15.19 -36.43 -41.48
C ASP A 172 15.44 -35.42 -42.58
N GLU A 173 14.44 -34.63 -42.95
CA GLU A 173 14.69 -33.56 -43.94
C GLU A 173 15.73 -32.53 -43.41
N ILE A 174 15.59 -32.18 -42.14
CA ILE A 174 16.49 -31.23 -41.50
C ILE A 174 17.92 -31.74 -41.34
N PHE A 175 18.12 -32.94 -40.82
CA PHE A 175 19.47 -33.42 -40.67
C PHE A 175 20.08 -33.77 -41.98
N GLY A 176 19.25 -34.10 -42.97
CA GLY A 176 19.76 -34.37 -44.32
C GLY A 176 20.32 -33.10 -44.94
N ASN A 177 19.63 -31.99 -44.69
CA ASN A 177 20.09 -30.66 -45.11
C ASN A 177 21.41 -30.33 -44.44
N VAL A 178 21.46 -30.46 -43.13
CA VAL A 178 22.70 -30.19 -42.37
C VAL A 178 23.90 -30.98 -42.94
N ARG A 179 23.67 -32.25 -43.23
CA ARG A 179 24.66 -33.13 -43.90
C ARG A 179 25.08 -32.66 -45.28
N SER A 180 24.24 -31.89 -45.97
CA SER A 180 24.63 -31.44 -47.30
C SER A 180 25.70 -30.33 -47.32
N TRP A 181 25.90 -29.61 -46.21
CA TRP A 181 26.86 -28.48 -46.17
C TRP A 181 27.82 -28.51 -44.96
N LEU A 182 27.38 -29.07 -43.83
CA LEU A 182 28.19 -28.99 -42.62
C LEU A 182 29.58 -29.67 -42.74
N PRO A 183 29.64 -30.87 -43.35
CA PRO A 183 30.98 -31.51 -43.46
C PRO A 183 31.98 -30.77 -44.31
N GLU A 184 31.57 -30.23 -45.45
CA GLU A 184 32.52 -29.49 -46.25
C GLU A 184 32.91 -28.20 -45.47
N LEU A 185 31.96 -27.59 -44.75
CA LEU A 185 32.23 -26.39 -43.92
C LEU A 185 33.27 -26.63 -42.82
N LEU A 186 33.02 -27.62 -41.97
CA LEU A 186 33.98 -27.98 -40.95
C LEU A 186 35.35 -28.19 -41.56
N LYS A 187 35.45 -29.08 -42.55
CA LYS A 187 36.70 -29.37 -43.25
C LYS A 187 37.38 -28.07 -43.66
N GLU A 188 36.64 -27.24 -44.36
CA GLU A 188 37.14 -25.97 -44.83
C GLU A 188 37.67 -25.10 -43.69
N VAL A 189 36.91 -25.03 -42.61
CA VAL A 189 37.25 -24.15 -41.49
C VAL A 189 38.54 -24.62 -40.85
N GLN A 190 38.71 -25.93 -40.69
CA GLN A 190 39.92 -26.47 -40.10
C GLN A 190 41.15 -26.13 -40.94
N GLU A 191 41.06 -26.33 -42.26
CA GLU A 191 42.20 -26.06 -43.13
C GLU A 191 42.44 -24.53 -43.28
N LYS A 192 41.39 -23.74 -43.28
CA LYS A 192 41.52 -22.29 -43.14
C LYS A 192 42.28 -21.93 -41.84
N GLN A 193 41.80 -22.39 -40.69
CA GLN A 193 42.45 -22.10 -39.39
C GLN A 193 43.92 -22.52 -39.36
N LYS A 194 44.18 -23.75 -39.82
CA LYS A 194 45.53 -24.32 -39.82
C LYS A 194 46.52 -23.55 -40.74
N ALA A 195 46.03 -23.12 -41.90
CA ALA A 195 46.83 -22.33 -42.84
C ALA A 195 47.20 -20.96 -42.26
N LEU A 196 46.25 -20.33 -41.55
CA LEU A 196 46.48 -19.04 -40.91
C LEU A 196 47.41 -19.15 -39.70
N GLY A 197 47.26 -20.21 -38.93
CA GLY A 197 48.06 -20.41 -37.72
C GLY A 197 48.02 -19.21 -36.78
N GLU A 198 46.82 -18.66 -36.57
CA GLU A 198 46.62 -17.48 -35.71
C GLU A 198 46.97 -17.76 -34.24
N THR A 199 47.63 -16.79 -33.61
CA THR A 199 48.00 -16.90 -32.20
C THR A 199 46.77 -16.78 -31.31
N VAL A 200 46.58 -17.73 -30.40
CA VAL A 200 45.51 -17.62 -29.43
C VAL A 200 46.12 -17.66 -28.03
N LEU A 201 45.81 -16.67 -27.20
CA LEU A 201 46.31 -16.61 -25.83
C LEU A 201 45.19 -17.03 -24.91
N GLU A 202 45.40 -18.13 -24.20
CA GLU A 202 44.44 -18.61 -23.23
C GLU A 202 44.50 -17.75 -21.96
N PRO A 203 43.34 -17.27 -21.47
CA PRO A 203 43.38 -16.49 -20.23
C PRO A 203 44.05 -17.24 -19.08
N LYS A 204 44.85 -16.52 -18.30
CA LYS A 204 45.62 -17.10 -17.21
C LYS A 204 45.07 -16.71 -15.84
N GLY A 205 44.63 -17.71 -15.08
CA GLY A 205 44.11 -17.47 -13.74
C GLY A 205 45.22 -17.25 -12.73
N PRO A 206 44.91 -17.36 -11.43
CA PRO A 206 43.59 -17.61 -10.85
C PRO A 206 42.54 -16.52 -11.13
N PHE A 207 41.29 -16.94 -11.25
CA PHE A 207 40.16 -16.01 -11.34
C PHE A 207 39.31 -16.21 -10.08
N PRO A 208 39.45 -15.30 -9.09
CA PRO A 208 38.70 -15.40 -7.85
C PRO A 208 37.20 -15.59 -8.09
N VAL A 209 36.63 -16.55 -7.39
CA VAL A 209 35.25 -16.95 -7.66
C VAL A 209 34.26 -15.81 -7.32
N SER A 210 34.61 -14.93 -6.39
CA SER A 210 33.81 -13.75 -6.04
C SER A 210 33.74 -12.74 -7.19
N LYS A 211 34.86 -12.58 -7.89
CA LYS A 211 34.98 -11.73 -9.07
C LYS A 211 34.20 -12.33 -10.25
N GLN A 212 34.30 -13.65 -10.44
CA GLN A 212 33.52 -14.32 -11.48
C GLN A 212 32.06 -14.14 -11.26
N GLU A 213 31.63 -14.34 -10.02
CA GLU A 213 30.24 -14.15 -9.68
C GLU A 213 29.76 -12.73 -9.98
N ALA A 214 30.55 -11.71 -9.60
CA ALA A 214 30.20 -10.31 -9.86
C ALA A 214 30.04 -10.04 -11.38
N LEU A 215 30.96 -10.57 -12.20
CA LEU A 215 30.91 -10.48 -13.66
C LEU A 215 29.67 -11.14 -14.22
N CYS A 216 29.40 -12.36 -13.72
CA CYS A 216 28.20 -13.10 -14.15
C CYS A 216 26.92 -12.33 -13.83
N ARG A 217 26.77 -11.81 -12.61
CA ARG A 217 25.62 -10.94 -12.27
C ARG A 217 25.51 -9.72 -13.15
N PHE A 218 26.65 -9.13 -13.47
CA PHE A 218 26.69 -7.95 -14.34
C PHE A 218 26.14 -8.28 -15.72
N PHE A 219 26.52 -9.43 -16.29
CA PHE A 219 25.95 -9.84 -17.57
C PHE A 219 24.48 -10.23 -17.50
N MET A 220 24.02 -10.73 -16.35
CA MET A 220 22.59 -10.90 -16.11
C MET A 220 21.83 -9.57 -16.17
N ASP A 221 22.41 -8.52 -15.57
CA ASP A 221 21.93 -7.14 -15.72
C ASP A 221 21.91 -6.61 -17.15
N VAL A 222 22.95 -6.91 -17.94
CA VAL A 222 23.00 -6.60 -19.38
C VAL A 222 21.78 -7.24 -20.09
N TRP A 223 21.44 -8.46 -19.72
CA TRP A 223 20.25 -9.16 -20.29
C TRP A 223 18.93 -8.74 -19.58
N LYS A 224 19.05 -7.79 -18.66
CA LYS A 224 17.95 -7.23 -17.88
C LYS A 224 17.15 -8.31 -17.17
N PHE A 225 17.86 -9.31 -16.66
CA PHE A 225 17.27 -10.28 -15.75
C PHE A 225 16.60 -9.58 -14.57
N ASP A 226 15.36 -9.93 -14.28
CA ASP A 226 14.64 -9.32 -13.16
C ASP A 226 15.03 -10.03 -11.84
N PHE A 227 15.94 -9.45 -11.07
CA PHE A 227 16.36 -9.99 -9.79
C PHE A 227 15.34 -9.80 -8.67
N ASP A 228 14.29 -9.07 -8.91
CA ASP A 228 13.14 -9.12 -7.97
C ASP A 228 12.26 -10.37 -8.24
N GLY A 229 12.50 -11.03 -9.38
CA GLY A 229 11.78 -12.24 -9.81
C GLY A 229 12.72 -13.42 -10.17
N GLY A 230 13.85 -13.53 -9.49
CA GLY A 230 14.80 -14.62 -9.79
C GLY A 230 16.08 -14.53 -9.02
N ARG A 231 16.94 -15.56 -9.12
CA ARG A 231 18.19 -15.63 -8.38
C ARG A 231 19.28 -16.28 -9.27
N LEU A 232 20.53 -16.01 -8.89
CA LEU A 232 21.70 -16.79 -9.29
C LEU A 232 22.27 -17.44 -8.07
N ASP A 233 22.57 -18.75 -8.17
CA ASP A 233 23.16 -19.50 -7.11
C ASP A 233 24.14 -20.55 -7.73
N VAL A 234 24.82 -21.28 -6.87
CA VAL A 234 25.79 -22.30 -7.31
C VAL A 234 25.22 -23.72 -7.21
N SER A 235 25.48 -24.55 -8.21
CA SER A 235 25.15 -25.96 -8.15
C SER A 235 26.19 -26.79 -8.95
N ALA A 236 26.20 -28.09 -8.67
CA ALA A 236 27.10 -29.05 -9.30
C ALA A 236 26.91 -29.06 -10.81
N HIS A 237 25.66 -28.86 -11.25
CA HIS A 237 25.31 -28.84 -12.67
C HIS A 237 24.36 -27.65 -12.94
N PRO A 238 24.83 -26.63 -13.70
CA PRO A 238 24.10 -25.44 -14.09
C PRO A 238 22.75 -25.73 -14.71
N PHE A 239 21.72 -25.05 -14.22
CA PHE A 239 20.39 -25.19 -14.79
C PHE A 239 19.60 -23.94 -14.57
N CYS A 240 18.44 -23.93 -15.18
CA CYS A 240 17.48 -22.86 -15.08
C CYS A 240 16.25 -23.57 -14.52
N GLY A 241 15.83 -23.16 -13.32
CA GLY A 241 14.68 -23.81 -12.71
C GLY A 241 13.78 -22.94 -11.87
N ASN A 242 13.08 -23.60 -10.95
CA ASN A 242 12.07 -22.99 -10.11
C ASN A 242 10.92 -22.51 -11.00
N SER A 243 10.26 -21.41 -10.67
CA SER A 243 8.99 -21.07 -11.32
C SER A 243 9.10 -19.79 -12.07
N LYS A 244 8.10 -19.48 -12.90
CA LYS A 244 8.15 -18.29 -13.75
C LYS A 244 8.16 -16.91 -13.04
N GLU A 245 7.56 -16.87 -11.85
CA GLU A 245 7.56 -15.66 -10.98
C GLU A 245 8.88 -15.55 -10.17
N ASP A 246 9.72 -16.56 -10.26
CA ASP A 246 10.84 -16.82 -9.34
C ASP A 246 11.78 -17.80 -10.02
N VAL A 247 12.42 -17.27 -11.07
CA VAL A 247 13.38 -17.98 -11.90
C VAL A 247 14.80 -18.04 -11.32
N ARG A 248 15.25 -19.26 -11.02
CA ARG A 248 16.45 -19.43 -10.28
C ARG A 248 17.45 -20.23 -11.13
N ILE A 249 18.55 -19.59 -11.49
CA ILE A 249 19.54 -20.24 -12.31
C ILE A 249 20.77 -20.46 -11.48
N THR A 250 21.54 -21.46 -11.88
CA THR A 250 22.77 -21.84 -11.14
C THR A 250 23.99 -21.92 -12.05
N THR A 251 25.16 -21.81 -11.44
CA THR A 251 26.40 -21.99 -12.16
C THR A 251 27.37 -22.68 -11.22
N LYS A 252 28.54 -23.01 -11.75
CA LYS A 252 29.59 -23.58 -10.96
C LYS A 252 30.84 -22.83 -11.40
N TYR A 253 31.77 -22.61 -10.48
CA TYR A 253 32.94 -21.80 -10.71
C TYR A 253 34.22 -22.57 -10.42
N THR A 254 35.20 -22.37 -11.30
CA THR A 254 36.57 -22.84 -11.11
C THR A 254 37.52 -21.65 -11.29
N GLU A 255 38.55 -21.59 -10.45
CA GLU A 255 39.54 -20.52 -10.50
C GLU A 255 40.41 -20.50 -11.77
N THR A 256 40.48 -21.61 -12.49
CA THR A 256 41.44 -21.74 -13.59
C THR A 256 40.94 -21.14 -14.89
N GLU A 257 39.63 -21.07 -15.08
CA GLU A 257 39.09 -20.47 -16.26
C GLU A 257 37.74 -19.90 -15.91
N PHE A 258 37.30 -18.89 -16.65
CA PHE A 258 36.02 -18.23 -16.39
C PHE A 258 35.04 -18.33 -17.55
N VAL A 259 35.48 -18.79 -18.72
CA VAL A 259 34.67 -18.68 -19.94
C VAL A 259 33.43 -19.55 -19.86
N THR A 260 33.63 -20.78 -19.40
CA THR A 260 32.58 -21.80 -19.40
C THR A 260 31.46 -21.31 -18.52
N SER A 261 31.83 -20.78 -17.36
CA SER A 261 30.85 -20.31 -16.41
C SER A 261 30.15 -19.02 -16.89
N LEU A 262 30.90 -18.10 -17.50
CA LEU A 262 30.31 -16.90 -18.07
C LEU A 262 29.27 -17.23 -19.15
N LEU A 263 29.70 -17.95 -20.16
CA LEU A 263 28.85 -18.34 -21.25
C LEU A 263 27.71 -19.22 -20.82
N GLY A 264 27.97 -20.11 -19.87
CA GLY A 264 26.95 -20.89 -19.19
C GLY A 264 25.87 -20.05 -18.53
N VAL A 265 26.26 -19.03 -17.78
CA VAL A 265 25.31 -18.12 -17.14
C VAL A 265 24.53 -17.35 -18.22
N ILE A 266 25.19 -16.95 -19.29
CA ILE A 266 24.50 -16.21 -20.36
C ILE A 266 23.44 -17.14 -21.05
N HIS A 267 23.82 -18.40 -21.24
CA HIS A 267 22.93 -19.44 -21.76
C HIS A 267 21.66 -19.58 -20.91
N GLU A 268 21.86 -19.78 -19.63
CA GLU A 268 20.74 -19.98 -18.68
C GLU A 268 19.89 -18.74 -18.51
N THR A 269 20.54 -17.61 -18.54
CA THR A 269 19.84 -16.32 -18.60
C THR A 269 18.98 -16.19 -19.87
N GLY A 270 19.43 -16.73 -21.01
CA GLY A 270 18.56 -16.70 -22.21
C GLY A 270 17.28 -17.52 -21.99
N HIS A 271 17.39 -18.68 -21.33
CA HIS A 271 16.23 -19.50 -20.88
C HIS A 271 15.35 -18.74 -19.90
N ALA A 272 15.99 -18.12 -18.91
CA ALA A 272 15.31 -17.38 -17.83
C ALA A 272 14.47 -16.24 -18.39
N LYS A 273 14.94 -15.54 -19.39
CA LYS A 273 14.19 -14.41 -20.02
C LYS A 273 12.83 -14.83 -20.61
N TYR A 274 12.84 -16.00 -21.23
CA TYR A 274 11.67 -16.65 -21.74
C TYR A 274 10.71 -17.02 -20.63
N GLU A 275 11.19 -17.71 -19.58
CA GLU A 275 10.36 -18.06 -18.43
C GLU A 275 9.81 -16.76 -17.72
N GLN A 276 10.63 -15.71 -17.55
CA GLN A 276 10.20 -14.48 -16.83
C GLN A 276 9.17 -13.69 -17.60
N ASN A 277 9.14 -13.85 -18.92
CA ASN A 277 8.26 -13.07 -19.77
C ASN A 277 7.22 -13.92 -20.52
N CYS A 278 7.05 -15.16 -20.15
CA CYS A 278 6.17 -16.05 -20.88
C CYS A 278 4.71 -15.63 -20.77
N GLY A 279 4.06 -15.49 -21.92
CA GLY A 279 2.65 -15.22 -21.97
C GLY A 279 1.91 -16.46 -22.42
N PRO A 280 0.62 -16.32 -22.72
CA PRO A 280 -0.12 -15.10 -22.76
C PRO A 280 -0.54 -14.53 -21.39
N LYS A 281 -0.53 -13.20 -21.31
CA LYS A 281 -0.90 -12.49 -20.12
C LYS A 281 -2.31 -12.87 -19.77
N GLY A 282 -2.58 -13.00 -18.48
CA GLY A 282 -3.88 -13.41 -18.01
C GLY A 282 -4.09 -14.90 -17.92
N PHE A 283 -3.17 -15.71 -18.45
CA PHE A 283 -3.30 -17.16 -18.44
C PHE A 283 -2.14 -17.82 -17.68
N GLU A 284 -1.58 -17.09 -16.71
CA GLU A 284 -0.34 -17.40 -16.03
C GLU A 284 -0.31 -18.81 -15.40
N THR A 285 -1.42 -19.24 -14.79
CA THR A 285 -1.48 -20.57 -14.09
C THR A 285 -1.96 -21.69 -15.01
N GLN A 286 -2.04 -21.42 -16.31
CA GLN A 286 -2.59 -22.34 -17.33
C GLN A 286 -1.57 -22.90 -18.29
N PRO A 287 -1.87 -24.07 -18.86
CA PRO A 287 -0.87 -24.68 -19.72
C PRO A 287 -0.62 -23.97 -21.03
N VAL A 288 -1.50 -23.08 -21.47
CA VAL A 288 -1.18 -22.24 -22.59
C VAL A 288 0.01 -21.29 -22.28
N CYS A 289 0.20 -20.92 -21.01
CA CYS A 289 1.32 -20.07 -20.64
C CYS A 289 2.52 -20.90 -20.22
N MET A 290 3.15 -21.55 -21.21
CA MET A 290 4.34 -22.39 -21.03
C MET A 290 5.20 -22.18 -22.28
N ALA A 291 6.50 -22.42 -22.17
CA ALA A 291 7.35 -22.45 -23.38
C ALA A 291 6.76 -23.41 -24.38
N ARG A 292 6.95 -23.12 -25.66
CA ARG A 292 6.35 -23.89 -26.75
C ARG A 292 6.95 -25.29 -26.89
N SER A 293 8.27 -25.38 -26.76
CA SER A 293 9.01 -26.63 -26.96
C SER A 293 10.41 -26.51 -26.44
N LEU A 294 11.07 -27.66 -26.26
CA LEU A 294 12.48 -27.60 -25.89
C LEU A 294 13.33 -26.96 -26.99
N GLY A 295 12.94 -27.19 -28.24
CA GLY A 295 13.57 -26.51 -29.37
C GLY A 295 13.49 -25.02 -29.32
N VAL A 296 12.29 -24.49 -29.12
CA VAL A 296 12.11 -23.05 -28.96
C VAL A 296 12.84 -22.50 -27.72
N HIS A 297 12.83 -23.27 -26.63
CA HIS A 297 13.49 -22.89 -25.37
C HIS A 297 14.97 -22.75 -25.54
N GLU A 298 15.57 -23.79 -26.12
CA GLU A 298 16.99 -23.80 -26.45
C GLU A 298 17.33 -22.78 -27.52
N GLY A 299 16.34 -22.41 -28.32
CA GLY A 299 16.48 -21.27 -29.21
C GLY A 299 16.74 -19.95 -28.51
N GLN A 300 16.10 -19.79 -27.35
CA GLN A 300 16.27 -18.56 -26.55
C GLN A 300 17.61 -18.54 -25.85
N SER A 301 18.02 -19.68 -25.32
CA SER A 301 19.33 -19.80 -24.67
C SER A 301 20.48 -19.64 -25.66
N LEU A 302 20.34 -20.25 -26.84
CA LEU A 302 21.35 -20.08 -27.88
C LEU A 302 21.33 -18.77 -28.62
N PHE A 303 20.20 -18.12 -28.68
CA PHE A 303 20.19 -16.72 -29.17
C PHE A 303 21.09 -15.89 -28.24
N ALA A 304 20.90 -16.04 -26.93
CA ALA A 304 21.73 -15.32 -25.94
C ALA A 304 23.21 -15.71 -26.07
N GLU A 305 23.49 -17.02 -25.97
CA GLU A 305 24.83 -17.51 -25.88
C GLU A 305 25.61 -17.48 -27.19
N MET A 306 25.00 -18.00 -28.24
CA MET A 306 25.72 -18.12 -29.51
C MET A 306 25.53 -16.94 -30.42
N GLN A 307 24.29 -16.51 -30.60
CA GLN A 307 24.03 -15.41 -31.53
C GLN A 307 24.53 -14.08 -31.03
N ILE A 308 24.40 -13.82 -29.73
CA ILE A 308 24.98 -12.60 -29.13
C ILE A 308 26.35 -12.89 -28.48
N GLY A 309 26.37 -13.82 -27.54
CA GLY A 309 27.52 -14.07 -26.67
C GLY A 309 28.84 -14.52 -27.28
N ARG A 310 28.80 -15.14 -28.47
CA ARG A 310 30.03 -15.54 -29.17
C ARG A 310 30.34 -14.73 -30.40
N SER A 311 29.67 -13.58 -30.57
CA SER A 311 29.87 -12.70 -31.71
C SER A 311 31.05 -11.78 -31.45
N GLY A 312 31.62 -11.25 -32.53
CA GLY A 312 32.78 -10.35 -32.44
C GLY A 312 32.40 -9.08 -31.76
N ALA A 313 31.18 -8.60 -32.05
CA ALA A 313 30.67 -7.37 -31.45
C ALA A 313 30.61 -7.48 -29.94
N PHE A 314 30.19 -8.64 -29.42
CA PHE A 314 30.11 -8.84 -28.00
C PHE A 314 31.48 -8.85 -27.33
N MET A 315 32.50 -9.28 -28.07
CA MET A 315 33.87 -9.30 -27.57
C MET A 315 34.40 -7.93 -27.35
N GLU A 316 33.95 -6.98 -28.17
CA GLU A 316 34.29 -5.55 -27.98
C GLU A 316 33.80 -5.08 -26.63
N PHE A 317 32.54 -5.42 -26.32
CA PHE A 317 32.00 -5.12 -24.99
C PHE A 317 32.67 -5.92 -23.85
N LEU A 318 32.91 -7.20 -24.09
CA LEU A 318 33.40 -8.12 -23.04
C LEU A 318 34.82 -7.84 -22.60
N ALA A 319 35.71 -7.58 -23.54
CA ALA A 319 37.13 -7.49 -23.23
C ALA A 319 37.43 -6.46 -22.12
N PRO A 320 36.92 -5.21 -22.24
CA PRO A 320 37.10 -4.18 -21.19
C PRO A 320 36.49 -4.57 -19.89
N ARG A 321 35.46 -5.40 -19.93
CA ARG A 321 34.85 -5.88 -18.67
C ARG A 321 35.73 -6.90 -17.99
N LEU A 322 36.41 -7.74 -18.75
CA LEU A 322 37.38 -8.68 -18.17
C LEU A 322 38.50 -7.93 -17.45
N VAL A 323 39.01 -6.88 -18.07
CA VAL A 323 40.06 -6.06 -17.49
C VAL A 323 39.55 -5.45 -16.16
N GLU A 324 38.34 -4.89 -16.21
CA GLU A 324 37.70 -4.29 -15.06
C GLU A 324 37.54 -5.29 -13.91
N TYR A 325 36.98 -6.47 -14.19
CA TYR A 325 36.71 -7.42 -13.12
C TYR A 325 37.92 -8.21 -12.63
N PHE A 326 38.83 -8.60 -13.53
CA PHE A 326 39.92 -9.49 -13.14
C PHE A 326 41.29 -8.83 -13.17
N GLY A 327 41.41 -7.67 -13.80
CA GLY A 327 42.72 -7.05 -13.96
C GLY A 327 43.22 -7.39 -15.34
N ASP A 328 44.01 -6.49 -15.91
CA ASP A 328 44.42 -6.59 -17.30
C ASP A 328 45.39 -7.74 -17.50
N GLN A 329 45.35 -8.36 -18.67
CA GLN A 329 46.37 -9.33 -19.07
C GLN A 329 46.34 -9.41 -20.59
N PRO A 330 47.42 -9.90 -21.20
CA PRO A 330 47.49 -9.98 -22.66
C PRO A 330 46.29 -10.62 -23.37
N ALA A 331 45.70 -11.66 -22.77
CA ALA A 331 44.54 -12.34 -23.37
C ALA A 331 43.32 -11.46 -23.49
N PHE A 332 43.24 -10.39 -22.69
CA PHE A 332 42.02 -9.61 -22.64
C PHE A 332 41.95 -8.57 -23.73
N THR A 333 41.91 -9.05 -24.96
CA THR A 333 41.60 -8.18 -26.08
C THR A 333 40.39 -8.74 -26.80
N SER A 334 39.74 -7.85 -27.51
CA SER A 334 38.62 -8.16 -28.38
C SER A 334 38.93 -9.28 -29.35
N SER A 335 40.05 -9.09 -30.04
CA SER A 335 40.49 -9.93 -31.12
C SER A 335 40.84 -11.30 -30.57
N ASN A 336 41.59 -11.30 -29.47
CA ASN A 336 42.01 -12.56 -28.89
C ASN A 336 40.88 -13.36 -28.22
N MET A 337 40.01 -12.70 -27.48
CA MET A 337 38.88 -13.38 -26.82
C MET A 337 37.95 -14.00 -27.85
N LYS A 338 37.77 -13.31 -28.98
CA LYS A 338 36.98 -13.84 -30.08
C LYS A 338 37.53 -15.16 -30.59
N ARG A 339 38.85 -15.24 -30.69
CA ARG A 339 39.56 -16.44 -31.08
C ARG A 339 39.46 -17.54 -30.04
N VAL A 340 39.52 -17.18 -28.76
CA VAL A 340 39.31 -18.17 -27.71
C VAL A 340 37.87 -18.71 -27.76
N ILE A 341 36.90 -17.82 -27.86
CA ILE A 341 35.49 -18.20 -27.71
C ILE A 341 34.96 -18.89 -28.97
N GLN A 342 35.48 -18.51 -30.15
CA GLN A 342 35.07 -19.05 -31.43
C GLN A 342 36.00 -20.18 -31.92
N ARG A 343 36.86 -20.71 -31.04
CA ARG A 343 37.81 -21.75 -31.47
C ARG A 343 37.14 -23.08 -31.92
N VAL A 344 37.62 -23.62 -33.04
CA VAL A 344 37.11 -24.86 -33.62
C VAL A 344 38.15 -25.98 -33.45
N SER A 345 37.74 -27.06 -32.81
CA SER A 345 38.64 -28.19 -32.51
C SER A 345 37.75 -29.38 -32.16
N PRO A 346 37.44 -30.23 -33.15
CA PRO A 346 36.61 -31.42 -32.91
C PRO A 346 37.13 -32.23 -31.73
N GLY A 347 36.23 -32.75 -30.91
CA GLY A 347 36.61 -33.58 -29.74
C GLY A 347 35.51 -34.61 -29.48
N LEU A 348 35.70 -35.43 -28.45
CA LEU A 348 34.81 -36.58 -28.24
C LEU A 348 33.54 -36.25 -27.42
N ILE A 349 33.61 -35.19 -26.62
CA ILE A 349 32.62 -34.93 -25.61
C ILE A 349 31.65 -33.80 -26.06
N ARG A 350 30.38 -34.14 -26.24
CA ARG A 350 29.37 -33.21 -26.77
C ARG A 350 29.20 -31.90 -25.97
N ILE A 351 29.25 -31.96 -24.63
CA ILE A 351 29.09 -30.74 -23.79
C ILE A 351 30.22 -29.76 -24.14
N ASP A 352 31.41 -30.32 -24.43
CA ASP A 352 32.57 -29.49 -24.70
C ASP A 352 32.70 -29.03 -26.17
N ALA A 353 31.69 -29.27 -27.02
CA ALA A 353 31.83 -29.08 -28.45
C ALA A 353 31.56 -27.64 -28.86
N ASP A 354 32.33 -27.18 -29.82
CA ASP A 354 32.16 -25.87 -30.42
C ASP A 354 30.91 -25.78 -31.31
N GLU A 355 30.62 -24.58 -31.75
CA GLU A 355 29.36 -24.24 -32.36
C GLU A 355 29.21 -24.97 -33.68
N LEU A 356 30.34 -25.28 -34.31
CA LEU A 356 30.35 -25.96 -35.58
C LEU A 356 30.18 -27.50 -35.45
N CYS A 357 30.84 -28.05 -34.45
CA CYS A 357 30.89 -29.47 -34.22
C CYS A 357 29.69 -30.00 -33.47
N TYR A 358 29.10 -29.12 -32.64
CA TYR A 358 27.95 -29.48 -31.83
C TYR A 358 26.81 -30.22 -32.58
N PRO A 359 26.29 -29.69 -33.71
CA PRO A 359 25.28 -30.42 -34.46
C PRO A 359 25.62 -31.84 -34.94
N LEU A 360 26.91 -32.11 -35.15
CA LEU A 360 27.37 -33.44 -35.54
C LEU A 360 27.16 -34.49 -34.42
N HIS A 361 27.56 -34.14 -33.22
CA HIS A 361 27.24 -34.90 -31.98
C HIS A 361 25.73 -35.17 -31.83
N VAL A 362 24.89 -34.16 -32.09
CA VAL A 362 23.44 -34.30 -31.99
C VAL A 362 22.91 -35.28 -33.03
N MET A 363 23.34 -35.07 -34.29
CA MET A 363 22.94 -35.93 -35.42
C MET A 363 23.31 -37.43 -35.19
N LEU A 364 24.50 -37.71 -34.70
CA LEU A 364 24.79 -39.10 -34.38
C LEU A 364 23.90 -39.72 -33.32
N ARG A 365 23.53 -38.99 -32.28
CA ARG A 365 22.61 -39.50 -31.25
C ARG A 365 21.20 -39.69 -31.81
N TYR A 366 20.71 -38.72 -32.55
CA TYR A 366 19.43 -38.85 -33.27
C TYR A 366 19.40 -40.18 -34.08
N GLU A 367 20.38 -40.35 -34.96
CA GLU A 367 20.47 -41.55 -35.79
C GLU A 367 20.49 -42.84 -34.99
N ILE A 368 21.27 -42.84 -33.91
CA ILE A 368 21.35 -44.01 -33.06
C ILE A 368 20.06 -44.24 -32.27
N GLU A 369 19.42 -43.19 -31.77
CA GLU A 369 18.16 -43.41 -31.07
C GLU A 369 17.08 -43.96 -32.01
N ARG A 370 17.09 -43.49 -33.24
CA ARG A 370 16.09 -43.85 -34.23
C ARG A 370 16.24 -45.29 -34.64
N ASP A 371 17.50 -45.74 -34.78
CA ASP A 371 17.79 -47.11 -35.19
C ASP A 371 17.47 -48.10 -34.09
N LEU A 372 17.81 -47.74 -32.85
CA LEU A 372 17.46 -48.54 -31.69
C LEU A 372 15.92 -48.71 -31.60
N MET A 373 15.19 -47.60 -31.65
CA MET A 373 13.73 -47.66 -31.58
C MET A 373 13.15 -48.50 -32.71
N ASP A 374 13.68 -48.33 -33.92
CA ASP A 374 13.19 -49.04 -35.10
C ASP A 374 13.64 -50.51 -35.14
N GLY A 375 14.61 -50.89 -34.31
CA GLY A 375 15.14 -52.26 -34.32
C GLY A 375 16.16 -52.52 -35.43
N ASN A 376 16.80 -51.43 -35.89
CA ASN A 376 17.85 -51.49 -36.91
C ASN A 376 19.21 -51.76 -36.29
N ILE A 377 19.36 -51.45 -35.01
CA ILE A 377 20.47 -51.98 -34.21
C ILE A 377 19.95 -52.37 -32.85
N GLU A 378 20.75 -53.14 -32.13
CA GLU A 378 20.45 -53.50 -30.74
C GLU A 378 21.49 -52.90 -29.80
N ALA A 379 21.18 -52.91 -28.50
CA ALA A 379 22.03 -52.25 -27.49
C ALA A 379 23.50 -52.68 -27.53
N GLU A 380 23.76 -53.92 -27.93
CA GLU A 380 25.10 -54.52 -27.98
C GLU A 380 26.00 -53.80 -29.00
N GLU A 381 25.35 -53.24 -30.03
CA GLU A 381 26.01 -52.66 -31.20
C GLU A 381 26.31 -51.18 -31.07
N VAL A 382 25.88 -50.54 -29.99
CA VAL A 382 25.99 -49.09 -29.87
C VAL A 382 27.43 -48.57 -29.85
N PRO A 383 28.32 -49.18 -29.04
CA PRO A 383 29.74 -48.82 -29.12
C PRO A 383 30.32 -48.82 -30.56
N ARG A 384 30.06 -49.88 -31.33
CA ARG A 384 30.60 -49.98 -32.67
C ARG A 384 30.00 -48.91 -33.58
N VAL A 385 28.68 -48.76 -33.52
CA VAL A 385 28.02 -47.77 -34.33
C VAL A 385 28.41 -46.37 -33.93
N TRP A 386 28.71 -46.18 -32.64
CA TRP A 386 29.05 -44.85 -32.11
C TRP A 386 30.39 -44.38 -32.71
N ASN A 387 31.34 -45.29 -32.67
CA ASN A 387 32.67 -45.13 -33.30
C ASN A 387 32.59 -44.77 -34.80
N GLU A 388 31.76 -45.52 -35.53
CA GLU A 388 31.60 -45.39 -36.97
C GLU A 388 31.06 -44.00 -37.34
N LYS A 389 30.06 -43.56 -36.58
CA LYS A 389 29.44 -42.26 -36.79
C LYS A 389 30.37 -41.11 -36.35
N MET A 390 31.14 -41.33 -35.28
CA MET A 390 32.11 -40.33 -34.83
C MET A 390 33.27 -40.20 -35.81
N LYS A 391 33.70 -41.32 -36.41
CA LYS A 391 34.70 -41.29 -37.45
C LYS A 391 34.21 -40.52 -38.69
N SER A 392 33.00 -40.83 -39.14
CA SER A 392 32.48 -40.21 -40.33
C SER A 392 32.17 -38.70 -40.13
N TYR A 393 31.51 -38.35 -39.04
CA TYR A 393 31.14 -36.96 -38.74
C TYR A 393 32.30 -36.06 -38.28
N LEU A 394 33.07 -36.57 -37.33
CA LEU A 394 34.05 -35.76 -36.60
C LEU A 394 35.51 -36.15 -36.76
N GLY A 395 35.80 -37.22 -37.48
CA GLY A 395 37.16 -37.59 -37.73
C GLY A 395 37.83 -38.28 -36.57
N LEU A 396 37.05 -38.74 -35.58
CA LEU A 396 37.60 -39.23 -34.33
C LEU A 396 37.10 -40.62 -33.94
N GLU A 397 38.07 -41.44 -33.53
CA GLU A 397 37.86 -42.80 -33.07
C GLU A 397 37.52 -42.79 -31.57
N THR A 398 36.45 -43.50 -31.21
CA THR A 398 36.10 -43.75 -29.81
C THR A 398 36.21 -45.25 -29.43
N LEU A 399 36.61 -46.13 -30.34
CA LEU A 399 36.63 -47.58 -30.06
C LEU A 399 37.44 -47.91 -28.80
N GLY A 400 36.77 -48.55 -27.83
CA GLY A 400 37.37 -48.93 -26.52
C GLY A 400 37.33 -47.82 -25.48
N ASN A 401 36.81 -46.64 -25.87
CA ASN A 401 36.72 -45.48 -24.97
C ASN A 401 35.26 -45.10 -24.90
N ASP A 402 34.50 -45.89 -24.14
CA ASP A 402 33.07 -45.70 -24.04
C ASP A 402 32.81 -44.58 -23.03
N LYS A 403 33.72 -44.44 -22.07
CA LYS A 403 33.69 -43.31 -21.15
C LYS A 403 33.52 -41.98 -21.91
N GLU A 404 34.26 -41.81 -22.99
CA GLU A 404 34.16 -40.60 -23.82
C GLU A 404 33.42 -40.87 -25.12
N GLY A 405 32.74 -42.02 -25.17
CA GLY A 405 31.96 -42.47 -26.31
C GLY A 405 30.49 -42.54 -25.91
N CYS A 406 29.85 -43.68 -26.11
CA CYS A 406 28.43 -43.82 -25.84
C CYS A 406 27.98 -43.65 -24.39
N LEU A 407 28.86 -43.84 -23.40
CA LEU A 407 28.44 -43.71 -21.99
C LEU A 407 28.56 -42.28 -21.50
N GLN A 408 29.07 -41.43 -22.37
CA GLN A 408 29.30 -40.03 -22.09
C GLN A 408 28.18 -39.24 -21.41
N ASP A 409 26.93 -39.50 -21.83
CA ASP A 409 25.79 -38.65 -21.43
C ASP A 409 24.75 -39.34 -20.50
N VAL A 410 24.09 -38.54 -19.67
CA VAL A 410 23.18 -39.08 -18.64
C VAL A 410 21.78 -39.43 -19.17
N HIS A 411 21.41 -38.77 -20.27
CA HIS A 411 20.06 -38.84 -20.83
C HIS A 411 19.43 -40.23 -20.83
N TRP A 412 20.09 -41.24 -21.38
CA TRP A 412 19.40 -42.55 -21.52
C TRP A 412 19.10 -43.20 -20.18
N SER A 413 20.05 -43.11 -19.23
CA SER A 413 19.87 -43.67 -17.87
C SER A 413 18.76 -42.89 -17.10
N GLY A 414 18.54 -41.64 -17.49
CA GLY A 414 17.52 -40.79 -16.89
C GLY A 414 16.14 -40.92 -17.53
N GLY A 415 16.01 -41.85 -18.49
CA GLY A 415 14.73 -42.06 -19.16
C GLY A 415 14.42 -41.06 -20.28
N MET A 416 15.44 -40.39 -20.80
CA MET A 416 15.25 -39.41 -21.83
C MET A 416 15.72 -39.82 -23.22
N PHE A 417 14.78 -40.32 -24.02
CA PHE A 417 14.99 -40.71 -25.39
C PHE A 417 14.17 -39.78 -26.24
N GLY A 418 14.73 -39.28 -27.34
CA GLY A 418 14.02 -38.35 -28.23
C GLY A 418 14.30 -36.92 -27.88
N TYR A 419 15.17 -36.72 -26.91
CA TYR A 419 15.48 -35.40 -26.37
C TYR A 419 16.58 -34.68 -27.19
N PHE A 420 17.63 -35.41 -27.55
CA PHE A 420 18.80 -34.81 -28.21
C PHE A 420 18.52 -33.91 -29.42
N PRO A 421 17.60 -34.34 -30.32
CA PRO A 421 17.38 -33.50 -31.50
C PRO A 421 17.08 -32.04 -31.20
N THR A 422 16.46 -31.76 -30.05
CA THR A 422 15.97 -30.43 -29.75
C THR A 422 17.13 -29.45 -29.58
N TYR A 423 18.34 -29.93 -29.21
CA TYR A 423 19.50 -29.07 -29.18
C TYR A 423 19.78 -28.38 -30.50
N SER A 424 19.82 -29.14 -31.61
CA SER A 424 20.04 -28.54 -32.95
C SER A 424 18.88 -27.72 -33.47
N LEU A 425 17.67 -28.17 -33.21
CA LEU A 425 16.50 -27.37 -33.47
C LEU A 425 16.58 -26.01 -32.78
N GLY A 426 17.06 -25.96 -31.56
CA GLY A 426 17.27 -24.69 -30.87
C GLY A 426 18.29 -23.82 -31.55
N ALA A 427 19.42 -24.42 -31.95
CA ALA A 427 20.44 -23.65 -32.70
C ALA A 427 19.85 -23.02 -33.98
N MET A 428 18.95 -23.74 -34.64
CA MET A 428 18.34 -23.29 -35.87
C MET A 428 17.32 -22.19 -35.61
N VAL A 429 16.56 -22.33 -34.53
CA VAL A 429 15.57 -21.34 -34.12
C VAL A 429 16.30 -20.03 -33.79
N ALA A 430 17.42 -20.15 -33.10
CA ALA A 430 18.21 -19.00 -32.71
C ALA A 430 18.70 -18.29 -33.94
N ALA A 431 19.22 -19.06 -34.91
CA ALA A 431 19.79 -18.38 -36.12
C ALA A 431 18.69 -17.71 -36.97
N GLN A 432 17.54 -18.35 -37.10
CA GLN A 432 16.41 -17.78 -37.85
C GLN A 432 15.87 -16.57 -37.14
N LEU A 433 15.77 -16.63 -35.81
CA LEU A 433 15.35 -15.47 -35.07
C LEU A 433 16.27 -14.28 -35.26
N MET A 434 17.57 -14.51 -35.07
CA MET A 434 18.52 -13.44 -35.28
C MET A 434 18.51 -12.87 -36.70
N SER A 435 18.34 -13.71 -37.72
CA SER A 435 18.13 -13.15 -39.10
C SER A 435 17.06 -12.12 -39.19
N CYS A 436 15.88 -12.42 -38.61
CA CYS A 436 14.74 -11.50 -38.70
C CYS A 436 15.04 -10.27 -37.95
N VAL A 437 15.62 -10.44 -36.75
CA VAL A 437 15.99 -9.30 -35.90
C VAL A 437 16.92 -8.36 -36.67
N ARG A 438 17.96 -8.89 -37.30
CA ARG A 438 18.90 -8.07 -38.09
C ARG A 438 18.24 -7.36 -39.29
N ARG A 439 17.31 -8.07 -39.93
CA ARG A 439 16.61 -7.52 -41.05
C ARG A 439 15.70 -6.35 -40.62
N GLU A 440 15.04 -6.50 -39.48
CA GLU A 440 14.10 -5.50 -38.95
C GLU A 440 14.75 -4.27 -38.32
N LEU A 441 15.73 -4.52 -37.47
CA LEU A 441 16.48 -3.49 -36.81
C LEU A 441 17.54 -2.87 -37.72
N GLY A 442 18.14 -3.67 -38.63
CA GLY A 442 19.35 -3.24 -39.33
C GLY A 442 20.61 -3.88 -38.74
N GLU A 443 21.52 -4.34 -39.57
CA GLU A 443 22.77 -4.93 -39.11
C GLU A 443 23.53 -3.98 -38.20
N GLU A 444 23.71 -2.74 -38.64
CA GLU A 444 24.42 -1.71 -37.87
C GLU A 444 23.81 -1.48 -36.49
N VAL A 445 22.48 -1.41 -36.41
CA VAL A 445 21.81 -1.18 -35.11
C VAL A 445 22.04 -2.39 -34.19
N VAL A 446 21.84 -3.59 -34.72
CA VAL A 446 22.14 -4.81 -33.95
C VAL A 446 23.59 -4.84 -33.42
N ASP A 447 24.55 -4.69 -34.32
CA ASP A 447 25.98 -4.64 -33.89
C ASP A 447 26.23 -3.59 -32.84
N ASP A 448 25.69 -2.38 -33.04
CA ASP A 448 25.76 -1.30 -32.05
C ASP A 448 25.21 -1.69 -30.69
N CYS A 449 24.10 -2.42 -30.69
CA CYS A 449 23.47 -2.85 -29.46
C CYS A 449 24.33 -3.84 -28.68
N ILE A 450 24.91 -4.79 -29.40
CA ILE A 450 25.71 -5.84 -28.80
C ILE A 450 27.01 -5.23 -28.29
N ARG A 451 27.64 -4.39 -29.10
CA ARG A 451 28.98 -3.95 -28.74
C ARG A 451 28.97 -2.93 -27.62
N LYS A 452 27.83 -2.29 -27.39
CA LYS A 452 27.65 -1.37 -26.26
C LYS A 452 26.93 -1.96 -25.04
N GLY A 453 26.58 -3.23 -25.11
CA GLY A 453 25.88 -3.88 -24.00
C GLY A 453 24.50 -3.33 -23.81
N ASP A 454 23.86 -3.00 -24.93
CA ASP A 454 22.61 -2.23 -24.92
C ASP A 454 21.53 -3.00 -25.67
N LEU A 455 21.03 -4.04 -25.01
CA LEU A 455 20.35 -5.15 -25.68
C LEU A 455 18.84 -4.95 -25.74
N GLY A 456 18.33 -3.95 -25.04
CA GLY A 456 16.92 -3.58 -25.04
C GLY A 456 16.10 -3.80 -26.30
N LYS A 457 16.55 -3.25 -27.43
CA LYS A 457 15.82 -3.39 -28.70
C LYS A 457 15.77 -4.84 -29.22
N ILE A 458 16.83 -5.61 -28.95
CA ILE A 458 16.88 -6.99 -29.34
C ILE A 458 15.94 -7.83 -28.46
N LEU A 459 16.07 -7.69 -27.15
CA LEU A 459 15.17 -8.36 -26.22
C LEU A 459 13.73 -8.07 -26.50
N ALA A 460 13.40 -6.81 -26.84
CA ALA A 460 12.04 -6.43 -27.12
C ALA A 460 11.47 -7.24 -28.27
N LYS A 461 12.31 -7.53 -29.26
CA LYS A 461 11.90 -8.30 -30.41
C LYS A 461 11.66 -9.75 -30.09
N GLN A 462 12.55 -10.37 -29.31
CA GLN A 462 12.33 -11.72 -28.78
C GLN A 462 11.05 -11.84 -27.98
N ASN A 463 10.82 -10.88 -27.11
CA ASN A 463 9.58 -10.82 -26.37
C ASN A 463 8.33 -10.78 -27.25
N GLU A 464 8.29 -9.83 -28.20
CA GLU A 464 7.20 -9.70 -29.14
C GLU A 464 7.03 -10.95 -29.98
N LYS A 465 8.15 -11.48 -30.47
CA LYS A 465 8.05 -12.58 -31.43
C LYS A 465 7.80 -13.92 -30.82
N ILE A 466 8.35 -14.14 -29.63
CA ILE A 466 8.31 -15.44 -29.05
C ILE A 466 7.67 -15.43 -27.64
N TRP A 467 8.23 -14.64 -26.72
CA TRP A 467 8.01 -14.93 -25.30
C TRP A 467 6.55 -14.70 -24.98
N GLN A 468 5.98 -13.62 -25.50
CA GLN A 468 4.62 -13.25 -25.15
C GLN A 468 3.54 -14.25 -25.56
N HIS A 469 3.84 -15.11 -26.53
CA HIS A 469 2.90 -16.12 -27.01
C HIS A 469 2.83 -17.45 -26.22
N GLY A 470 3.83 -17.75 -25.41
CA GLY A 470 4.00 -19.09 -24.85
C GLY A 470 3.58 -20.24 -25.77
N SER A 471 2.54 -20.98 -25.38
CA SER A 471 2.03 -22.14 -26.18
C SER A 471 0.66 -21.85 -26.80
N SER A 472 0.36 -20.57 -27.01
CA SER A 472 -0.93 -20.20 -27.61
C SER A 472 -0.99 -20.53 -29.08
N LEU A 473 0.17 -20.61 -29.73
CA LEU A 473 0.26 -20.96 -31.14
C LEU A 473 1.01 -22.26 -31.32
N THR A 474 0.71 -22.98 -32.37
CA THR A 474 1.56 -24.13 -32.71
C THR A 474 2.95 -23.60 -33.03
N THR A 475 3.90 -24.49 -33.04
CA THR A 475 5.29 -24.10 -33.27
C THR A 475 5.45 -23.57 -34.67
N ASP A 476 4.79 -24.22 -35.62
CA ASP A 476 4.80 -23.74 -37.03
C ASP A 476 4.18 -22.38 -37.17
N GLU A 477 2.97 -22.17 -36.58
CA GLU A 477 2.34 -20.84 -36.53
C GLU A 477 3.22 -19.78 -35.88
N LEU A 478 3.73 -20.10 -34.71
CA LEU A 478 4.64 -19.23 -33.97
C LEU A 478 5.85 -18.78 -34.83
N LEU A 479 6.56 -19.73 -35.42
CA LEU A 479 7.71 -19.37 -36.23
C LEU A 479 7.30 -18.61 -37.49
N ARG A 480 6.16 -18.95 -38.08
CA ARG A 480 5.68 -18.20 -39.24
C ARG A 480 5.35 -16.75 -38.88
N GLN A 481 4.61 -16.54 -37.79
CA GLN A 481 4.27 -15.18 -37.34
C GLN A 481 5.48 -14.37 -36.99
N ALA A 482 6.45 -15.01 -36.36
CA ALA A 482 7.70 -14.39 -35.90
C ALA A 482 8.73 -14.11 -37.00
N THR A 483 8.86 -15.03 -37.95
CA THR A 483 9.98 -15.02 -38.85
C THR A 483 9.59 -15.16 -40.31
N GLY A 484 8.30 -15.30 -40.60
CA GLY A 484 7.83 -15.33 -42.01
C GLY A 484 7.83 -16.71 -42.62
N GLU A 485 8.29 -17.69 -41.86
CA GLU A 485 8.40 -19.06 -42.35
C GLU A 485 8.57 -20.04 -41.18
N THR A 486 8.27 -21.28 -41.48
CA THR A 486 8.53 -22.44 -40.61
C THR A 486 10.04 -22.64 -40.43
N LEU A 487 10.48 -23.50 -39.51
CA LEU A 487 11.88 -23.63 -39.26
C LEU A 487 12.62 -23.99 -40.50
N ASN A 488 13.62 -23.17 -40.84
CA ASN A 488 14.45 -23.37 -42.02
C ASN A 488 15.94 -23.42 -41.64
N PRO A 489 16.59 -24.60 -41.75
CA PRO A 489 17.99 -24.69 -41.39
C PRO A 489 18.98 -23.83 -42.21
N GLU A 490 18.56 -23.20 -43.30
CA GLU A 490 19.50 -22.43 -44.11
C GLU A 490 20.01 -21.22 -43.38
N HIS A 491 19.25 -20.72 -42.42
CA HIS A 491 19.67 -19.56 -41.60
C HIS A 491 20.83 -19.98 -40.74
N TYR A 492 20.72 -21.17 -40.17
CA TYR A 492 21.80 -21.78 -39.39
C TYR A 492 23.05 -21.96 -40.23
N ARG A 493 22.91 -22.56 -41.41
CA ARG A 493 24.00 -22.62 -42.39
C ARG A 493 24.72 -21.30 -42.63
N ARG A 494 23.98 -20.26 -42.98
CA ARG A 494 24.61 -19.02 -43.33
C ARG A 494 25.23 -18.39 -42.08
N HIS A 495 24.63 -18.61 -40.90
CA HIS A 495 25.24 -18.14 -39.66
C HIS A 495 26.62 -18.75 -39.47
N LEU A 496 26.69 -20.07 -39.58
CA LEU A 496 27.93 -20.77 -39.39
C LEU A 496 28.97 -20.40 -40.46
N GLU A 497 28.52 -20.22 -41.70
CA GLU A 497 29.39 -19.84 -42.81
C GLU A 497 29.95 -18.46 -42.60
N ARG A 498 29.11 -17.49 -42.23
CA ARG A 498 29.63 -16.15 -42.03
C ARG A 498 30.62 -16.13 -40.85
N ARG A 499 30.27 -16.79 -39.77
CA ARG A 499 31.10 -16.71 -38.59
C ARG A 499 32.45 -17.43 -38.72
N TYR A 500 32.45 -18.61 -39.36
CA TYR A 500 33.61 -19.49 -39.30
C TYR A 500 34.39 -19.56 -40.60
N ARG A 501 33.74 -19.41 -41.74
CA ARG A 501 34.45 -19.53 -43.00
C ARG A 501 34.86 -18.17 -43.55
N ASP A 502 33.95 -17.20 -43.50
CA ASP A 502 34.20 -15.87 -44.10
C ASP A 502 34.95 -14.92 -43.15
N SER B 2 -8.37 -52.18 16.09
CA SER B 2 -7.34 -53.08 15.55
C SER B 2 -6.09 -52.32 15.08
N MET B 3 -5.01 -53.09 14.95
CA MET B 3 -3.85 -52.67 14.18
C MET B 3 -4.26 -52.16 12.82
N LYS B 4 -5.20 -52.85 12.16
CA LYS B 4 -5.59 -52.50 10.80
C LYS B 4 -5.94 -51.01 10.66
N PRO B 5 -6.97 -50.51 11.38
CA PRO B 5 -7.30 -49.08 11.31
C PRO B 5 -6.20 -48.16 11.84
N TYR B 6 -5.52 -48.57 12.90
CA TYR B 6 -4.38 -47.81 13.41
C TYR B 6 -3.28 -47.67 12.35
N LYS B 7 -2.88 -48.78 11.73
CA LYS B 7 -1.89 -48.75 10.66
C LYS B 7 -2.36 -47.91 9.43
N GLU B 8 -3.65 -47.96 9.15
CA GLU B 8 -4.20 -47.11 8.11
C GLU B 8 -4.05 -45.64 8.49
N LEU B 9 -4.33 -45.29 9.75
CA LEU B 9 -4.02 -43.96 10.24
C LEU B 9 -2.55 -43.60 10.10
N GLU B 10 -1.67 -44.54 10.40
CA GLU B 10 -0.25 -44.25 10.32
C GLU B 10 0.09 -43.79 8.92
N ARG B 11 -0.43 -44.52 7.94
CA ARG B 11 -0.26 -44.23 6.51
C ARG B 11 -0.77 -42.85 6.10
N VAL B 12 -1.94 -42.49 6.61
CA VAL B 12 -2.49 -41.16 6.39
C VAL B 12 -1.56 -40.13 6.99
N PHE B 13 -1.03 -40.38 8.19
CA PHE B 13 -0.22 -39.36 8.86
C PHE B 13 1.18 -39.18 8.22
N THR B 14 1.72 -40.25 7.63
CA THR B 14 2.90 -40.19 6.81
C THR B 14 2.65 -39.34 5.57
N LYS B 15 1.48 -39.48 4.95
CA LYS B 15 1.10 -38.62 3.82
C LYS B 15 1.15 -37.17 4.21
N LEU B 16 0.47 -36.82 5.31
CA LEU B 16 0.44 -35.46 5.84
C LEU B 16 1.82 -34.90 6.16
N TYR B 17 2.69 -35.73 6.76
CA TYR B 17 4.09 -35.39 7.05
C TYR B 17 4.81 -35.00 5.75
N ARG B 18 4.56 -35.73 4.67
CA ARG B 18 5.20 -35.42 3.41
C ARG B 18 4.75 -34.11 2.84
N TYR B 19 3.46 -33.84 2.95
CA TYR B 19 2.93 -32.58 2.48
C TYR B 19 3.46 -31.44 3.35
N GLY B 20 3.61 -31.70 4.65
CA GLY B 20 4.12 -30.70 5.60
C GLY B 20 5.56 -30.34 5.33
N HIS B 21 6.35 -31.32 4.92
CA HIS B 21 7.69 -31.07 4.42
C HIS B 21 7.74 -29.93 3.36
N MET B 22 6.93 -30.05 2.34
CA MET B 22 6.79 -28.97 1.33
C MET B 22 6.45 -27.59 1.88
N LEU B 23 5.46 -27.54 2.76
CA LEU B 23 5.04 -26.30 3.39
C LEU B 23 6.15 -25.65 4.22
N LEU B 24 6.82 -26.46 4.99
CA LEU B 24 7.91 -25.97 5.84
C LEU B 24 9.08 -25.40 4.99
N LEU B 25 9.37 -26.08 3.90
CA LEU B 25 10.42 -25.61 2.96
C LEU B 25 9.99 -24.32 2.36
N ALA B 26 8.77 -24.30 1.86
CA ALA B 26 8.19 -23.09 1.24
C ALA B 26 8.20 -21.91 2.21
N ASP B 27 7.95 -22.18 3.48
CA ASP B 27 7.92 -21.11 4.49
C ASP B 27 9.34 -20.65 4.78
N TRP B 28 10.26 -21.59 4.99
CA TRP B 28 11.66 -21.24 5.19
C TRP B 28 12.19 -20.35 4.05
N ASP B 29 11.90 -20.74 2.81
CA ASP B 29 12.43 -20.09 1.64
C ASP B 29 11.84 -18.71 1.49
N SER B 30 10.55 -18.55 1.82
CA SER B 30 9.90 -17.24 1.67
C SER B 30 10.61 -16.18 2.54
N HIS B 31 11.25 -16.61 3.60
CA HIS B 31 11.93 -15.71 4.56
C HIS B 31 13.42 -15.54 4.31
N THR B 32 14.00 -16.37 3.46
CA THR B 32 15.46 -16.44 3.32
C THR B 32 15.87 -16.15 1.89
N MET B 33 15.33 -16.91 0.93
CA MET B 33 15.84 -16.89 -0.44
C MET B 33 14.91 -16.18 -1.40
N MET B 34 13.62 -16.15 -1.10
CA MET B 34 12.63 -15.76 -2.13
C MET B 34 12.70 -14.29 -2.51
N PRO B 35 12.87 -13.97 -3.78
CA PRO B 35 12.77 -12.57 -4.12
C PRO B 35 11.35 -12.03 -4.08
N CSX B 36 11.19 -10.70 -4.03
CA CSX B 36 9.92 -10.09 -3.66
CB CSX B 36 10.03 -8.59 -3.26
SG CSX B 36 10.37 -7.58 -4.54
C CSX B 36 8.78 -10.37 -4.61
O CSX B 36 7.65 -10.61 -4.17
OD CSX B 36 9.08 -6.75 -5.56
N LYS B 37 9.02 -10.39 -5.90
CA LYS B 37 7.96 -10.70 -6.84
C LYS B 37 7.43 -12.15 -6.89
N GLY B 38 8.10 -13.08 -6.24
CA GLY B 38 7.61 -14.47 -6.12
C GLY B 38 6.58 -14.72 -5.04
N SER B 39 6.26 -13.66 -4.29
CA SER B 39 5.44 -13.69 -3.11
C SER B 39 4.01 -14.15 -3.33
N ASP B 40 3.29 -13.56 -4.25
CA ASP B 40 1.93 -14.03 -4.53
C ASP B 40 1.87 -15.50 -4.96
N ALA B 41 2.78 -15.89 -5.87
CA ALA B 41 2.88 -17.30 -6.30
C ALA B 41 3.12 -18.22 -5.17
N ARG B 42 4.04 -17.84 -4.28
CA ARG B 42 4.35 -18.66 -3.12
C ARG B 42 3.18 -18.77 -2.14
N GLY B 43 2.43 -17.68 -1.94
CA GLY B 43 1.35 -17.68 -0.94
C GLY B 43 0.18 -18.48 -1.49
N ALA B 44 -0.09 -18.31 -2.78
CA ALA B 44 -1.11 -19.12 -3.50
C ALA B 44 -0.81 -20.63 -3.43
N ALA B 45 0.47 -20.99 -3.52
CA ALA B 45 0.88 -22.39 -3.52
C ALA B 45 0.78 -22.98 -2.13
N MET B 46 1.27 -22.26 -1.13
CA MET B 46 1.12 -22.66 0.25
C MET B 46 -0.35 -22.84 0.66
N ALA B 47 -1.24 -21.95 0.21
CA ALA B 47 -2.66 -22.01 0.52
C ALA B 47 -3.30 -23.25 -0.06
N GLU B 48 -2.97 -23.56 -1.31
CA GLU B 48 -3.54 -24.72 -1.96
C GLU B 48 -3.09 -25.99 -1.25
N LEU B 49 -1.83 -26.07 -0.89
CA LEU B 49 -1.33 -27.28 -0.18
C LEU B 49 -1.90 -27.40 1.25
N GLN B 50 -1.99 -26.28 1.97
CA GLN B 50 -2.67 -26.23 3.27
C GLN B 50 -4.09 -26.77 3.12
N LEU B 51 -4.79 -26.35 2.07
CA LEU B 51 -6.15 -26.84 1.79
C LEU B 51 -6.21 -28.38 1.72
N HIS B 52 -5.30 -28.97 0.96
CA HIS B 52 -5.28 -30.41 0.75
C HIS B 52 -5.02 -31.11 2.08
N MET B 53 -4.04 -30.62 2.83
CA MET B 53 -3.78 -31.18 4.15
C MET B 53 -5.03 -31.12 5.02
N HIS B 54 -5.74 -30.00 4.96
CA HIS B 54 -6.99 -29.85 5.70
C HIS B 54 -8.09 -30.84 5.30
N ASP B 55 -8.31 -31.02 4.00
CA ASP B 55 -9.28 -31.98 3.48
C ASP B 55 -8.90 -33.42 3.82
N THR B 56 -7.60 -33.71 3.81
CA THR B 56 -7.10 -35.03 4.14
C THR B 56 -7.39 -35.40 5.60
N ILE B 57 -7.04 -34.53 6.54
CA ILE B 57 -7.25 -34.82 7.97
C ILE B 57 -8.70 -34.71 8.42
N THR B 58 -9.51 -33.95 7.67
CA THR B 58 -10.92 -33.73 8.02
C THR B 58 -11.89 -34.60 7.25
N ALA B 59 -11.42 -35.53 6.42
CA ALA B 59 -12.36 -36.41 5.72
C ALA B 59 -13.11 -37.26 6.77
N PRO B 60 -14.39 -37.56 6.49
CA PRO B 60 -15.14 -38.43 7.39
C PRO B 60 -14.39 -39.68 7.83
N LYS B 61 -13.66 -40.33 6.93
CA LYS B 61 -13.02 -41.61 7.25
C LYS B 61 -12.02 -41.56 8.41
N ILE B 62 -11.36 -40.41 8.62
CA ILE B 62 -10.32 -40.33 9.66
C ILE B 62 -10.95 -40.54 11.03
N ARG B 63 -12.02 -39.81 11.30
CA ARG B 63 -12.75 -39.97 12.56
C ARG B 63 -13.20 -41.40 12.81
N ALA B 64 -13.79 -42.01 11.79
CA ALA B 64 -14.19 -43.42 11.84
C ALA B 64 -12.99 -44.32 12.09
N LEU B 65 -11.85 -43.98 11.46
CA LEU B 65 -10.63 -44.77 11.68
C LEU B 65 -10.16 -44.64 13.13
N ILE B 66 -10.11 -43.42 13.63
CA ILE B 66 -9.68 -43.16 14.99
C ILE B 66 -10.58 -43.91 15.99
N GLU B 67 -11.88 -43.84 15.79
CA GLU B 67 -12.85 -44.55 16.63
C GLU B 67 -12.69 -46.08 16.62
N GLU B 68 -12.52 -46.70 15.45
CA GLU B 68 -12.23 -48.13 15.42
C GLU B 68 -10.93 -48.48 16.12
N ALA B 69 -9.90 -47.68 15.92
CA ALA B 69 -8.61 -47.96 16.53
C ALA B 69 -8.65 -47.86 18.05
N GLU B 70 -9.50 -46.96 18.54
CA GLU B 70 -9.58 -46.68 19.98
C GLU B 70 -10.37 -47.72 20.77
N LYS B 71 -11.26 -48.47 20.12
CA LYS B 71 -11.98 -49.51 20.81
C LYS B 71 -11.07 -50.72 21.09
N SER B 72 -10.03 -50.88 20.27
CA SER B 72 -9.11 -52.04 20.37
C SER B 72 -7.73 -51.64 20.93
N VAL B 73 -7.74 -50.65 21.82
CA VAL B 73 -6.54 -49.92 22.21
C VAL B 73 -5.41 -50.83 22.73
N GLY B 74 -5.80 -51.80 23.54
CA GLY B 74 -4.83 -52.69 24.19
C GLY B 74 -4.12 -53.65 23.26
N ASP B 75 -4.57 -53.76 22.02
CA ASP B 75 -3.87 -54.56 21.01
C ASP B 75 -2.71 -53.79 20.34
N LEU B 76 -2.35 -52.63 20.85
CA LEU B 76 -1.34 -51.81 20.19
C LEU B 76 -0.13 -51.77 21.10
N GLU B 77 1.07 -51.60 20.55
CA GLU B 77 2.24 -51.40 21.38
C GLU B 77 2.10 -50.07 22.15
N LYS B 78 2.95 -49.86 23.15
CA LYS B 78 2.79 -48.73 24.06
C LYS B 78 2.89 -47.39 23.32
N LEU B 79 3.92 -47.31 22.49
CA LEU B 79 4.20 -46.14 21.70
C LEU B 79 3.16 -45.89 20.61
N GLN B 80 2.53 -46.96 20.10
CA GLN B 80 1.45 -46.86 19.13
C GLN B 80 0.23 -46.30 19.80
N ARG B 81 -0.01 -46.74 21.05
CA ARG B 81 -1.09 -46.16 21.87
C ARG B 81 -0.89 -44.67 22.07
N ALA B 82 0.34 -44.25 22.37
CA ALA B 82 0.62 -42.80 22.51
C ALA B 82 0.42 -42.08 21.17
N ASN B 83 0.84 -42.77 20.11
CA ASN B 83 0.74 -42.16 18.78
C ASN B 83 -0.73 -41.99 18.44
N LEU B 84 -1.57 -42.97 18.81
CA LEU B 84 -3.01 -42.84 18.54
C LEU B 84 -3.61 -41.64 19.30
N ARG B 85 -3.15 -41.44 20.55
CA ARG B 85 -3.50 -40.22 21.31
C ARG B 85 -3.10 -38.94 20.57
N GLU B 86 -1.89 -38.92 20.02
CA GLU B 86 -1.41 -37.72 19.36
C GLU B 86 -2.14 -37.52 18.03
N MET B 87 -2.54 -38.60 17.35
CA MET B 87 -3.35 -38.51 16.16
C MET B 87 -4.71 -37.88 16.42
N ARG B 88 -5.42 -38.34 17.45
CA ARG B 88 -6.69 -37.72 17.84
C ARG B 88 -6.54 -36.24 18.11
N ARG B 89 -5.48 -35.88 18.85
CA ARG B 89 -5.20 -34.48 19.14
C ARG B 89 -5.02 -33.64 17.86
N ALA B 90 -4.18 -34.09 16.92
CA ALA B 90 -4.00 -33.37 15.65
C ALA B 90 -5.33 -33.30 14.89
N TRP B 91 -6.12 -34.37 14.93
CA TRP B 91 -7.41 -34.40 14.24
C TRP B 91 -8.41 -33.41 14.89
N GLU B 92 -8.46 -33.40 16.22
CA GLU B 92 -9.34 -32.46 16.93
C GLU B 92 -8.94 -31.01 16.68
N LEU B 93 -7.65 -30.75 16.57
CA LEU B 93 -7.17 -29.40 16.35
C LEU B 93 -7.64 -28.83 15.02
N GLU B 94 -7.80 -29.67 14.00
CA GLU B 94 -8.28 -29.21 12.67
C GLU B 94 -9.78 -29.34 12.49
N ASN B 95 -10.37 -30.23 13.26
CA ASN B 95 -11.75 -30.62 12.99
C ASN B 95 -12.76 -29.87 13.85
N LEU B 96 -12.36 -29.36 15.00
CA LEU B 96 -13.29 -28.77 15.96
C LEU B 96 -13.78 -27.38 15.56
N LEU B 97 -13.08 -26.72 14.65
CA LEU B 97 -13.50 -25.42 14.15
C LEU B 97 -14.25 -25.59 12.83
N PRO B 98 -15.52 -25.13 12.77
CA PRO B 98 -16.20 -25.14 11.47
C PRO B 98 -15.55 -24.22 10.42
N GLU B 99 -15.61 -24.64 9.16
CA GLU B 99 -14.89 -23.98 8.07
C GLU B 99 -15.32 -22.53 7.91
N GLU B 100 -16.58 -22.27 8.24
CA GLU B 100 -17.16 -20.92 8.26
C GLU B 100 -16.41 -20.03 9.25
N PHE B 101 -16.18 -20.54 10.46
CA PHE B 101 -15.36 -19.83 11.44
C PHE B 101 -13.94 -19.64 10.93
N VAL B 102 -13.35 -20.72 10.42
CA VAL B 102 -11.98 -20.70 9.91
C VAL B 102 -11.74 -19.59 8.87
N GLU B 103 -12.58 -19.53 7.83
CA GLU B 103 -12.44 -18.49 6.79
C GLU B 103 -12.65 -17.09 7.35
N ARG B 104 -13.60 -16.96 8.27
CA ARG B 104 -13.82 -15.69 8.97
C ARG B 104 -12.60 -15.24 9.78
N LYS B 105 -11.99 -16.19 10.50
CA LYS B 105 -10.81 -15.87 11.30
C LYS B 105 -9.72 -15.40 10.36
N THR B 106 -9.48 -16.19 9.32
CA THR B 106 -8.44 -15.91 8.31
C THR B 106 -8.56 -14.52 7.69
N VAL B 107 -9.79 -14.13 7.36
CA VAL B 107 -10.06 -12.82 6.76
C VAL B 107 -9.77 -11.73 7.76
N LEU B 108 -10.28 -11.89 8.97
CA LEU B 108 -10.05 -10.90 10.03
C LEU B 108 -8.56 -10.80 10.38
N THR B 109 -7.84 -11.92 10.45
CA THR B 109 -6.45 -11.83 10.88
C THR B 109 -5.60 -11.15 9.82
N THR B 110 -5.89 -11.42 8.55
CA THR B 110 -5.23 -10.73 7.41
C THR B 110 -5.60 -9.25 7.35
N LYS B 111 -6.85 -8.93 7.68
CA LYS B 111 -7.27 -7.53 7.86
C LYS B 111 -6.57 -6.95 9.07
N ALA B 112 -6.74 -7.61 10.21
CA ALA B 112 -6.25 -7.12 11.49
C ALA B 112 -4.77 -6.76 11.41
N HIS B 113 -4.02 -7.53 10.62
CA HIS B 113 -2.59 -7.32 10.48
C HIS B 113 -2.23 -5.93 9.94
N GLN B 114 -2.77 -5.56 8.79
CA GLN B 114 -2.46 -4.27 8.15
C GLN B 114 -2.88 -3.11 9.04
N VAL B 115 -4.05 -3.24 9.66
CA VAL B 115 -4.57 -2.25 10.61
C VAL B 115 -3.64 -2.07 11.82
N TRP B 116 -3.22 -3.19 12.42
CA TRP B 116 -2.25 -3.16 13.55
C TRP B 116 -0.93 -2.50 13.16
N LYS B 117 -0.32 -3.02 12.11
CA LYS B 117 1.00 -2.57 11.70
C LYS B 117 1.09 -1.03 11.61
N THR B 118 0.11 -0.40 10.95
CA THR B 118 0.10 1.05 10.76
C THR B 118 -0.21 1.81 12.04
N CYS B 119 -1.27 1.39 12.74
CA CYS B 119 -1.65 2.00 14.03
C CYS B 119 -0.50 1.98 15.02
N ARG B 120 0.14 0.81 15.13
CA ARG B 120 1.35 0.67 15.93
C ARG B 120 2.35 1.75 15.57
N GLU B 121 2.67 1.86 14.28
CA GLU B 121 3.66 2.83 13.81
C GLU B 121 3.25 4.27 14.09
N LYS B 122 1.94 4.51 14.18
CA LYS B 122 1.40 5.85 14.42
C LYS B 122 0.98 6.14 15.87
N ASN B 123 1.06 5.14 16.77
CA ASN B 123 0.66 5.29 18.18
C ASN B 123 -0.87 5.47 18.36
N ASP B 124 -1.65 4.77 17.53
CA ASP B 124 -3.09 5.02 17.40
C ASP B 124 -3.92 3.82 17.83
N PHE B 125 -4.20 3.75 19.13
CA PHE B 125 -4.93 2.60 19.67
C PHE B 125 -6.39 2.66 19.27
N ALA B 126 -6.92 3.87 19.28
CA ALA B 126 -8.29 4.21 18.86
C ALA B 126 -8.67 3.75 17.43
N GLY B 127 -7.72 3.86 16.49
CA GLY B 127 -7.87 3.26 15.17
C GLY B 127 -7.79 1.74 15.15
N PHE B 128 -7.09 1.17 16.12
CA PHE B 128 -6.99 -0.29 16.22
C PHE B 128 -8.22 -0.86 16.89
N LEU B 129 -8.77 -0.12 17.85
CA LEU B 129 -9.78 -0.62 18.80
C LEU B 129 -10.98 -1.36 18.19
N PRO B 130 -11.52 -0.87 17.05
CA PRO B 130 -12.65 -1.61 16.47
C PRO B 130 -12.25 -3.03 16.05
N THR B 131 -11.12 -3.15 15.34
CA THR B 131 -10.52 -4.46 15.05
C THR B 131 -10.31 -5.26 16.34
N LEU B 132 -9.61 -4.66 17.31
CA LEU B 132 -9.24 -5.36 18.55
C LEU B 132 -10.48 -5.94 19.24
N LYS B 133 -11.57 -5.16 19.32
CA LYS B 133 -12.85 -5.65 19.84
C LYS B 133 -13.34 -6.90 19.10
N GLU B 134 -13.12 -6.97 17.79
CA GLU B 134 -13.58 -8.13 16.97
C GLU B 134 -12.70 -9.37 17.17
N LEU B 135 -11.39 -9.14 17.27
CA LEU B 135 -10.43 -10.20 17.63
C LEU B 135 -10.82 -10.86 18.93
N ILE B 136 -10.97 -10.03 19.97
CA ILE B 136 -11.31 -10.54 21.29
C ILE B 136 -12.64 -11.32 21.27
N ALA B 137 -13.59 -10.92 20.42
CA ALA B 137 -14.85 -11.65 20.31
C ALA B 137 -14.66 -12.97 19.57
N LEU B 138 -13.80 -12.94 18.55
CA LEU B 138 -13.43 -14.14 17.79
C LEU B 138 -12.70 -15.19 18.67
N PHE B 139 -11.74 -14.70 19.48
CA PHE B 139 -10.97 -15.56 20.41
C PHE B 139 -11.86 -16.21 21.43
N ARG B 140 -12.78 -15.42 21.98
CA ARG B 140 -13.77 -15.94 22.94
C ARG B 140 -14.62 -17.03 22.29
N GLU B 141 -14.96 -16.80 21.02
CA GLU B 141 -15.75 -17.76 20.25
C GLU B 141 -14.90 -18.97 19.92
N GLU B 142 -13.64 -18.72 19.58
CA GLU B 142 -12.69 -19.80 19.33
C GLU B 142 -12.54 -20.72 20.56
N GLY B 143 -12.28 -20.14 21.73
CA GLY B 143 -12.18 -20.90 22.97
C GLY B 143 -13.33 -21.87 23.17
N LYS B 144 -14.54 -21.37 22.99
CA LYS B 144 -15.72 -22.23 23.17
C LYS B 144 -15.73 -23.44 22.22
N LEU B 145 -15.43 -23.18 20.94
CA LEU B 145 -15.37 -24.23 19.93
C LEU B 145 -14.32 -25.27 20.29
N ARG B 146 -13.11 -24.81 20.60
CA ARG B 146 -12.01 -25.71 20.98
C ARG B 146 -12.35 -26.43 22.31
N ALA B 147 -13.02 -25.72 23.23
CA ALA B 147 -13.49 -26.34 24.48
C ALA B 147 -14.37 -27.57 24.25
N GLY B 148 -15.14 -27.58 23.17
CA GLY B 148 -16.00 -28.73 22.84
C GLY B 148 -16.95 -29.09 23.97
N ASN B 149 -17.11 -30.40 24.21
CA ASN B 149 -17.91 -30.94 25.31
C ASN B 149 -17.08 -31.33 26.53
N SER B 150 -16.04 -30.54 26.83
CA SER B 150 -15.13 -30.84 27.95
C SER B 150 -15.47 -30.04 29.22
N GLY B 151 -16.04 -28.85 29.03
CA GLY B 151 -16.32 -27.94 30.14
C GLY B 151 -15.07 -27.18 30.55
N LYS B 152 -14.12 -27.06 29.63
CA LYS B 152 -12.92 -26.27 29.87
C LYS B 152 -13.22 -24.81 29.66
N HIS B 153 -12.51 -23.97 30.40
CA HIS B 153 -12.57 -22.53 30.22
C HIS B 153 -12.06 -22.19 28.80
N PRO B 154 -12.79 -21.34 28.04
CA PRO B 154 -12.31 -20.98 26.69
C PRO B 154 -10.82 -20.68 26.55
N TYR B 155 -10.24 -19.89 27.47
CA TYR B 155 -8.82 -19.57 27.46
C TYR B 155 -7.97 -20.83 27.65
N GLU B 156 -8.38 -21.70 28.55
CA GLU B 156 -7.73 -22.99 28.68
C GLU B 156 -7.71 -23.78 27.36
N ALA B 157 -8.84 -23.79 26.66
CA ALA B 157 -8.93 -24.46 25.34
C ALA B 157 -7.92 -23.85 24.37
N LEU B 158 -7.67 -22.55 24.51
CA LEU B 158 -6.72 -21.86 23.63
C LEU B 158 -5.26 -22.13 24.04
N VAL B 159 -4.96 -22.05 25.33
CA VAL B 159 -3.60 -22.32 25.81
C VAL B 159 -3.20 -23.76 25.44
N ASP B 160 -4.17 -24.66 25.48
CA ASP B 160 -4.00 -26.05 25.10
C ASP B 160 -3.48 -26.23 23.67
N ILE B 161 -3.73 -25.28 22.77
CA ILE B 161 -3.19 -25.36 21.42
C ILE B 161 -1.67 -25.48 21.45
N TYR B 162 -1.06 -24.70 22.33
CA TYR B 162 0.37 -24.55 22.42
C TYR B 162 0.98 -25.37 23.54
N GLU B 163 0.20 -25.64 24.57
CA GLU B 163 0.69 -26.27 25.79
C GLU B 163 -0.27 -27.38 26.21
N PRO B 164 -0.23 -28.52 25.52
CA PRO B 164 -1.19 -29.59 25.72
C PRO B 164 -1.34 -29.94 27.20
N GLY B 165 -2.57 -29.93 27.71
CA GLY B 165 -2.85 -30.42 29.04
C GLY B 165 -2.62 -29.41 30.16
N MET B 166 -2.19 -28.20 29.81
CA MET B 166 -2.02 -27.13 30.80
C MET B 166 -3.39 -26.54 31.15
N THR B 167 -3.70 -26.51 32.45
CA THR B 167 -4.97 -25.96 32.92
C THR B 167 -4.80 -24.51 33.38
N LEU B 168 -5.91 -23.74 33.32
CA LEU B 168 -5.90 -22.37 33.87
C LEU B 168 -5.66 -22.31 35.38
N GLN B 169 -6.09 -23.32 36.09
CA GLN B 169 -5.83 -23.38 37.52
C GLN B 169 -4.33 -23.39 37.79
N ARG B 170 -3.61 -24.29 37.09
CA ARG B 170 -2.16 -24.40 37.24
C ARG B 170 -1.45 -23.15 36.74
N LEU B 171 -1.86 -22.65 35.58
CA LEU B 171 -1.30 -21.39 35.04
C LEU B 171 -1.45 -20.20 36.01
N ASP B 172 -2.64 -20.01 36.57
CA ASP B 172 -2.86 -19.00 37.60
C ASP B 172 -1.98 -19.21 38.85
N GLU B 173 -1.76 -20.46 39.26
CA GLU B 173 -0.85 -20.76 40.39
C GLU B 173 0.60 -20.44 40.05
N ILE B 174 1.02 -20.75 38.83
CA ILE B 174 2.40 -20.50 38.40
C ILE B 174 2.67 -18.99 38.34
N PHE B 175 1.78 -18.22 37.72
CA PHE B 175 2.00 -16.79 37.57
C PHE B 175 1.77 -16.00 38.84
N GLY B 176 0.84 -16.44 39.67
CA GLY B 176 0.68 -15.92 41.04
C GLY B 176 1.93 -16.14 41.87
N ASN B 177 2.56 -17.31 41.68
CA ASN B 177 3.84 -17.59 42.35
C ASN B 177 4.87 -16.56 41.89
N VAL B 178 5.09 -16.44 40.60
CA VAL B 178 5.98 -15.37 40.08
C VAL B 178 5.63 -13.95 40.60
N ARG B 179 4.36 -13.60 40.61
CA ARG B 179 3.92 -12.26 41.01
C ARG B 179 4.25 -11.96 42.45
N SER B 180 4.32 -13.00 43.31
CA SER B 180 4.55 -12.82 44.73
C SER B 180 5.99 -12.38 45.06
N TRP B 181 6.95 -12.67 44.16
CA TRP B 181 8.40 -12.43 44.43
C TRP B 181 9.18 -11.63 43.39
N LEU B 182 8.76 -11.66 42.11
CA LEU B 182 9.62 -11.17 41.02
C LEU B 182 9.67 -9.66 40.92
N PRO B 183 8.52 -8.94 41.04
CA PRO B 183 8.60 -7.46 41.11
C PRO B 183 9.53 -6.89 42.20
N GLU B 184 9.53 -7.47 43.40
CA GLU B 184 10.49 -7.05 44.41
C GLU B 184 11.94 -7.54 44.16
N LEU B 185 12.09 -8.65 43.48
CA LEU B 185 13.43 -9.16 43.17
C LEU B 185 14.08 -8.20 42.20
N LEU B 186 13.31 -7.73 41.22
CA LEU B 186 13.81 -6.80 40.23
C LEU B 186 14.33 -5.53 40.93
N LYS B 187 13.50 -4.98 41.81
CA LYS B 187 13.83 -3.76 42.54
C LYS B 187 15.06 -3.95 43.40
N GLU B 188 15.18 -5.11 44.03
CA GLU B 188 16.34 -5.42 44.86
C GLU B 188 17.62 -5.48 44.03
N VAL B 189 17.53 -6.09 42.86
CA VAL B 189 18.67 -6.27 41.95
C VAL B 189 19.12 -4.92 41.44
N GLN B 190 18.16 -4.11 40.98
CA GLN B 190 18.46 -2.74 40.56
C GLN B 190 19.21 -1.91 41.60
N GLU B 191 18.75 -1.93 42.84
CA GLU B 191 19.35 -1.11 43.86
C GLU B 191 20.73 -1.62 44.27
N LYS B 192 20.90 -2.94 44.28
CA LYS B 192 22.21 -3.57 44.50
C LYS B 192 23.22 -3.16 43.41
N GLN B 193 22.80 -3.21 42.16
CA GLN B 193 23.68 -2.84 41.06
C GLN B 193 23.99 -1.33 41.02
N LYS B 194 23.05 -0.49 41.44
CA LYS B 194 23.25 0.97 41.43
C LYS B 194 24.19 1.40 42.55
N ALA B 195 24.05 0.76 43.71
CA ALA B 195 24.92 1.00 44.85
C ALA B 195 26.34 0.49 44.63
N LEU B 196 26.50 -0.66 43.96
CA LEU B 196 27.82 -1.17 43.58
C LEU B 196 28.59 -0.27 42.60
N GLY B 197 27.91 0.21 41.57
CA GLY B 197 28.58 1.04 40.55
C GLY B 197 29.72 0.36 39.79
N GLU B 198 29.59 -0.94 39.51
CA GLU B 198 30.62 -1.66 38.77
C GLU B 198 30.86 -1.09 37.37
N THR B 199 32.13 -1.02 36.98
CA THR B 199 32.51 -0.60 35.64
C THR B 199 32.11 -1.66 34.62
N VAL B 200 31.49 -1.22 33.55
CA VAL B 200 31.11 -2.06 32.44
C VAL B 200 31.65 -1.40 31.15
N LEU B 201 32.58 -2.08 30.49
CA LEU B 201 33.12 -1.63 29.21
C LEU B 201 32.27 -2.25 28.10
N GLU B 202 31.66 -1.39 27.29
CA GLU B 202 30.89 -1.83 26.16
C GLU B 202 31.82 -2.26 25.03
N PRO B 203 31.55 -3.42 24.45
CA PRO B 203 32.30 -3.77 23.25
C PRO B 203 32.20 -2.71 22.14
N LYS B 204 33.33 -2.35 21.55
CA LYS B 204 33.38 -1.37 20.45
C LYS B 204 33.49 -1.98 19.05
N GLY B 205 32.51 -1.69 18.19
CA GLY B 205 32.55 -2.12 16.80
C GLY B 205 33.38 -1.22 15.88
N PRO B 206 33.39 -1.51 14.56
CA PRO B 206 32.64 -2.56 13.88
C PRO B 206 33.08 -3.99 14.20
N PHE B 207 32.10 -4.89 14.13
CA PHE B 207 32.30 -6.32 14.20
C PHE B 207 31.89 -6.89 12.83
N PRO B 208 32.88 -7.19 11.96
CA PRO B 208 32.52 -7.59 10.60
C PRO B 208 31.57 -8.77 10.56
N VAL B 209 30.57 -8.65 9.70
CA VAL B 209 29.48 -9.60 9.66
C VAL B 209 29.96 -10.99 9.30
N SER B 210 31.00 -11.09 8.47
CA SER B 210 31.65 -12.38 8.13
C SER B 210 32.31 -13.03 9.34
N LYS B 211 32.93 -12.24 10.19
CA LYS B 211 33.55 -12.78 11.39
C LYS B 211 32.47 -13.20 12.42
N GLN B 212 31.38 -12.41 12.48
CA GLN B 212 30.20 -12.79 13.28
C GLN B 212 29.58 -14.12 12.88
N GLU B 213 29.46 -14.31 11.58
CA GLU B 213 28.95 -15.55 11.06
C GLU B 213 29.87 -16.71 11.39
N ALA B 214 31.17 -16.50 11.21
CA ALA B 214 32.10 -17.56 11.55
C ALA B 214 32.05 -17.93 13.04
N LEU B 215 31.94 -16.93 13.89
CA LEU B 215 31.80 -17.16 15.33
C LEU B 215 30.53 -17.91 15.72
N CYS B 216 29.43 -17.54 15.08
CA CYS B 216 28.16 -18.22 15.27
C CYS B 216 28.24 -19.69 14.87
N ARG B 217 28.80 -20.00 13.71
CA ARG B 217 28.96 -21.38 13.28
C ARG B 217 29.84 -22.13 14.23
N PHE B 218 30.87 -21.45 14.77
CA PHE B 218 31.77 -22.07 15.72
C PHE B 218 30.93 -22.50 16.92
N PHE B 219 30.02 -21.64 17.37
CA PHE B 219 29.19 -22.01 18.49
C PHE B 219 28.16 -23.06 18.17
N MET B 220 27.61 -23.06 16.96
CA MET B 220 26.80 -24.15 16.56
C MET B 220 27.60 -25.48 16.60
N ASP B 221 28.89 -25.47 16.23
CA ASP B 221 29.76 -26.65 16.44
C ASP B 221 29.98 -27.05 17.90
N VAL B 222 30.11 -26.06 18.78
CA VAL B 222 30.19 -26.29 20.22
C VAL B 222 28.93 -27.01 20.69
N TRP B 223 27.75 -26.65 20.15
CA TRP B 223 26.52 -27.37 20.49
C TRP B 223 26.29 -28.68 19.71
N LYS B 224 27.28 -29.05 18.91
CA LYS B 224 27.27 -30.25 18.07
C LYS B 224 26.09 -30.28 17.12
N PHE B 225 25.69 -29.09 16.63
CA PHE B 225 24.78 -29.01 15.48
C PHE B 225 25.29 -29.90 14.30
N ASP B 226 24.40 -30.74 13.82
CA ASP B 226 24.73 -31.53 12.64
C ASP B 226 24.51 -30.71 11.35
N PHE B 227 25.59 -30.22 10.75
CA PHE B 227 25.49 -29.41 9.53
C PHE B 227 25.24 -30.22 8.26
N ASP B 228 25.31 -31.54 8.36
CA ASP B 228 24.86 -32.38 7.26
C ASP B 228 23.36 -32.63 7.32
N GLY B 229 22.69 -32.06 8.33
CA GLY B 229 21.27 -32.18 8.50
C GLY B 229 20.62 -30.86 8.90
N GLY B 230 21.18 -29.76 8.45
CA GLY B 230 20.66 -28.45 8.77
C GLY B 230 21.52 -27.33 8.22
N ARG B 231 21.06 -26.09 8.40
CA ARG B 231 21.76 -24.94 7.83
C ARG B 231 21.71 -23.77 8.76
N LEU B 232 22.65 -22.82 8.58
CA LEU B 232 22.51 -21.43 9.10
C LEU B 232 22.43 -20.42 7.95
N ASP B 233 21.47 -19.50 7.99
CA ASP B 233 21.36 -18.46 6.93
C ASP B 233 20.89 -17.15 7.58
N VAL B 234 20.48 -16.16 6.76
CA VAL B 234 20.06 -14.83 7.22
C VAL B 234 18.55 -14.56 6.91
N SER B 235 17.81 -14.07 7.91
CA SER B 235 16.47 -13.52 7.70
C SER B 235 16.27 -12.28 8.57
N ALA B 236 15.21 -11.52 8.29
CA ALA B 236 14.83 -10.35 9.05
C ALA B 236 14.47 -10.72 10.51
N HIS B 237 13.84 -11.87 10.74
CA HIS B 237 13.59 -12.33 12.12
C HIS B 237 14.24 -13.71 12.33
N PRO B 238 15.15 -13.85 13.31
CA PRO B 238 15.69 -15.19 13.57
C PRO B 238 14.61 -16.21 13.93
N PHE B 239 14.71 -17.38 13.33
CA PHE B 239 13.81 -18.45 13.66
C PHE B 239 14.53 -19.76 13.39
N CYS B 240 13.93 -20.85 13.83
CA CYS B 240 14.38 -22.21 13.62
C CYS B 240 13.26 -22.88 12.82
N GLY B 241 13.55 -23.30 11.62
CA GLY B 241 12.49 -23.88 10.80
C GLY B 241 12.87 -25.04 9.92
N ASN B 242 12.08 -25.20 8.85
CA ASN B 242 12.13 -26.35 8.01
C ASN B 242 11.79 -27.65 8.75
N SER B 243 12.47 -28.76 8.45
CA SER B 243 12.06 -30.08 8.88
C SER B 243 13.11 -30.76 9.76
N LYS B 244 12.69 -31.77 10.50
CA LYS B 244 13.58 -32.46 11.47
C LYS B 244 14.85 -33.07 10.89
N GLU B 245 14.74 -33.57 9.67
CA GLU B 245 15.89 -34.09 8.91
C GLU B 245 16.77 -33.00 8.30
N ASP B 246 16.35 -31.74 8.39
CA ASP B 246 16.95 -30.69 7.64
C ASP B 246 16.55 -29.40 8.33
N VAL B 247 17.18 -29.13 9.49
CA VAL B 247 16.73 -28.06 10.37
C VAL B 247 17.51 -26.80 10.02
N ARG B 248 16.82 -25.73 9.71
CA ARG B 248 17.39 -24.54 9.15
C ARG B 248 17.02 -23.35 10.06
N ILE B 249 18.05 -22.75 10.64
CA ILE B 249 17.95 -21.64 11.52
C ILE B 249 18.51 -20.39 10.83
N THR B 250 18.05 -19.22 11.27
CA THR B 250 18.55 -17.98 10.72
C THR B 250 18.90 -16.98 11.84
N THR B 251 19.53 -15.89 11.40
CA THR B 251 19.90 -14.79 12.25
C THR B 251 20.09 -13.58 11.38
N LYS B 252 20.56 -12.52 11.98
CA LYS B 252 20.66 -11.24 11.29
C LYS B 252 21.81 -10.54 11.97
N TYR B 253 22.63 -9.84 11.19
CA TYR B 253 23.82 -9.20 11.70
C TYR B 253 23.81 -7.69 11.51
N THR B 254 24.32 -7.00 12.53
CA THR B 254 24.65 -5.58 12.49
C THR B 254 26.12 -5.47 12.91
N GLU B 255 26.86 -4.62 12.21
CA GLU B 255 28.27 -4.33 12.54
C GLU B 255 28.44 -3.71 13.91
N THR B 256 27.43 -3.02 14.40
CA THR B 256 27.56 -2.24 15.65
C THR B 256 27.67 -3.10 16.91
N GLU B 257 27.11 -4.31 16.89
CA GLU B 257 27.29 -5.24 18.02
C GLU B 257 27.13 -6.69 17.61
N PHE B 258 27.58 -7.61 18.44
CA PHE B 258 27.55 -9.03 18.14
C PHE B 258 26.70 -9.86 19.09
N VAL B 259 26.38 -9.30 20.25
CA VAL B 259 25.74 -10.07 21.32
C VAL B 259 24.39 -10.59 20.89
N THR B 260 23.55 -9.73 20.31
CA THR B 260 22.16 -10.11 20.08
C THR B 260 22.09 -11.28 19.14
N SER B 261 22.91 -11.21 18.12
CA SER B 261 22.99 -12.19 17.13
C SER B 261 23.67 -13.48 17.57
N LEU B 262 24.74 -13.38 18.37
CA LEU B 262 25.35 -14.58 18.97
C LEU B 262 24.39 -15.36 19.88
N LEU B 263 23.82 -14.63 20.83
CA LEU B 263 22.86 -15.21 21.74
C LEU B 263 21.59 -15.71 21.03
N GLY B 264 21.18 -14.97 20.02
CA GLY B 264 20.11 -15.43 19.11
C GLY B 264 20.39 -16.75 18.43
N VAL B 265 21.56 -16.91 17.86
CA VAL B 265 21.92 -18.19 17.27
C VAL B 265 21.98 -19.32 18.30
N ILE B 266 22.49 -19.03 19.48
CA ILE B 266 22.55 -20.02 20.56
C ILE B 266 21.11 -20.47 20.93
N HIS B 267 20.22 -19.52 21.10
CA HIS B 267 18.80 -19.78 21.33
C HIS B 267 18.18 -20.72 20.26
N GLU B 268 18.37 -20.38 18.99
CA GLU B 268 17.80 -21.19 17.92
C GLU B 268 18.48 -22.53 17.79
N THR B 269 19.76 -22.58 18.07
CA THR B 269 20.46 -23.85 18.11
C THR B 269 19.87 -24.72 19.20
N GLY B 270 19.45 -24.14 20.32
CA GLY B 270 18.82 -24.95 21.38
C GLY B 270 17.52 -25.60 20.89
N HIS B 271 16.67 -24.84 20.18
CA HIS B 271 15.49 -25.38 19.48
C HIS B 271 15.89 -26.49 18.49
N ALA B 272 16.92 -26.21 17.66
CA ALA B 272 17.39 -27.13 16.64
C ALA B 272 17.80 -28.48 17.18
N LYS B 273 18.47 -28.47 18.33
CA LYS B 273 18.94 -29.74 18.90
C LYS B 273 17.77 -30.62 19.26
N TYR B 274 16.68 -30.01 19.71
CA TYR B 274 15.47 -30.75 20.00
C TYR B 274 14.92 -31.39 18.71
N GLU B 275 14.74 -30.54 17.69
CA GLU B 275 14.24 -30.98 16.38
C GLU B 275 15.12 -32.08 15.76
N GLN B 276 16.46 -31.94 15.83
CA GLN B 276 17.37 -32.89 15.15
C GLN B 276 17.43 -34.22 15.86
N ASN B 277 17.07 -34.22 17.14
CA ASN B 277 17.11 -35.42 17.94
C ASN B 277 15.78 -35.89 18.47
N CYS B 278 14.69 -35.44 17.84
CA CYS B 278 13.37 -35.74 18.34
C CYS B 278 13.03 -37.20 18.12
N GLY B 279 12.72 -37.93 19.18
CA GLY B 279 12.12 -39.27 19.03
C GLY B 279 10.63 -39.32 19.26
N PRO B 280 10.06 -40.52 19.43
CA PRO B 280 10.74 -41.79 19.51
C PRO B 280 11.21 -42.34 18.16
N LYS B 281 12.36 -43.01 18.16
CA LYS B 281 12.88 -43.63 16.96
C LYS B 281 11.84 -44.65 16.43
N GLY B 282 11.69 -44.68 15.12
CA GLY B 282 10.79 -45.59 14.46
C GLY B 282 9.41 -44.99 14.27
N PHE B 283 9.22 -43.76 14.75
CA PHE B 283 7.97 -43.04 14.59
C PHE B 283 8.15 -41.71 13.88
N GLU B 284 9.17 -41.65 13.03
CA GLU B 284 9.66 -40.35 12.52
C GLU B 284 8.62 -39.50 11.75
N THR B 285 7.73 -40.15 11.00
CA THR B 285 6.72 -39.43 10.18
C THR B 285 5.35 -39.30 10.89
N GLN B 286 5.33 -39.58 12.19
CA GLN B 286 4.12 -39.62 13.01
C GLN B 286 4.05 -38.52 14.06
N PRO B 287 2.82 -38.22 14.52
CA PRO B 287 2.65 -37.11 15.41
C PRO B 287 3.18 -37.33 16.85
N VAL B 288 3.48 -38.57 17.24
CA VAL B 288 4.16 -38.83 18.52
C VAL B 288 5.65 -38.41 18.48
N CYS B 289 6.23 -38.40 17.29
CA CYS B 289 7.61 -37.94 17.12
C CYS B 289 7.57 -36.48 16.80
N MET B 290 7.21 -35.68 17.80
CA MET B 290 7.15 -34.24 17.74
C MET B 290 7.47 -33.59 19.10
N ALA B 291 8.00 -32.37 19.08
CA ALA B 291 8.13 -31.55 20.29
C ALA B 291 6.87 -31.61 21.14
N ARG B 292 7.02 -31.74 22.46
CA ARG B 292 5.89 -31.97 23.34
C ARG B 292 5.02 -30.72 23.47
N SER B 293 5.64 -29.55 23.56
CA SER B 293 4.90 -28.30 23.71
C SER B 293 5.82 -27.12 23.43
N LEU B 294 5.22 -25.93 23.34
CA LEU B 294 6.02 -24.74 23.10
C LEU B 294 6.81 -24.40 24.32
N GLY B 295 6.29 -24.70 25.52
CA GLY B 295 7.03 -24.50 26.75
C GLY B 295 8.19 -25.49 26.83
N VAL B 296 7.97 -26.74 26.47
CA VAL B 296 9.10 -27.65 26.40
C VAL B 296 10.10 -27.21 25.33
N HIS B 297 9.65 -26.70 24.18
CA HIS B 297 10.56 -26.25 23.13
C HIS B 297 11.40 -25.04 23.57
N GLU B 298 10.72 -24.03 24.12
CA GLU B 298 11.38 -22.81 24.59
C GLU B 298 12.22 -23.13 25.81
N GLY B 299 11.92 -24.23 26.51
CA GLY B 299 12.80 -24.75 27.54
C GLY B 299 14.14 -25.24 27.04
N GLN B 300 14.16 -25.82 25.85
CA GLN B 300 15.38 -26.15 25.17
C GLN B 300 16.13 -24.94 24.62
N SER B 301 15.46 -23.97 24.02
CA SER B 301 16.18 -22.81 23.54
C SER B 301 16.83 -22.05 24.71
N LEU B 302 16.07 -21.91 25.78
CA LEU B 302 16.51 -21.13 26.93
C LEU B 302 17.48 -21.86 27.83
N PHE B 303 17.44 -23.16 27.81
CA PHE B 303 18.50 -23.93 28.43
C PHE B 303 19.86 -23.57 27.78
N ALA B 304 19.88 -23.53 26.45
CA ALA B 304 21.05 -23.14 25.70
C ALA B 304 21.43 -21.70 25.96
N GLU B 305 20.52 -20.80 25.68
CA GLU B 305 20.78 -19.40 25.81
C GLU B 305 21.02 -18.94 27.22
N MET B 306 20.10 -19.27 28.12
CA MET B 306 20.11 -18.65 29.46
C MET B 306 20.91 -19.45 30.45
N GLN B 307 20.70 -20.75 30.48
CA GLN B 307 21.35 -21.60 31.45
C GLN B 307 22.81 -21.82 31.15
N ILE B 308 23.18 -21.89 29.89
CA ILE B 308 24.56 -22.01 29.49
C ILE B 308 25.08 -20.66 28.98
N GLY B 309 24.43 -20.16 27.96
CA GLY B 309 24.86 -18.94 27.23
C GLY B 309 25.17 -17.67 28.01
N ARG B 310 24.38 -17.36 29.03
CA ARG B 310 24.59 -16.15 29.83
C ARG B 310 25.27 -16.42 31.15
N SER B 311 25.77 -17.64 31.34
CA SER B 311 26.45 -17.99 32.59
C SER B 311 27.85 -17.41 32.68
N GLY B 312 28.31 -17.18 33.93
CA GLY B 312 29.70 -16.76 34.16
C GLY B 312 30.72 -17.72 33.58
N ALA B 313 30.49 -19.03 33.76
CA ALA B 313 31.36 -20.09 33.21
C ALA B 313 31.52 -19.97 31.71
N PHE B 314 30.43 -19.72 31.00
CA PHE B 314 30.52 -19.58 29.56
C PHE B 314 31.28 -18.33 29.15
N MET B 315 31.24 -17.28 29.97
CA MET B 315 32.04 -16.08 29.67
C MET B 315 33.52 -16.39 29.59
N GLU B 316 33.96 -17.35 30.40
CA GLU B 316 35.32 -17.78 30.43
C GLU B 316 35.76 -18.44 29.15
N PHE B 317 34.87 -19.28 28.61
CA PHE B 317 35.03 -19.77 27.27
C PHE B 317 34.86 -18.70 26.14
N LEU B 318 33.86 -17.85 26.26
CA LEU B 318 33.55 -16.87 25.22
C LEU B 318 34.61 -15.80 24.99
N ALA B 319 35.07 -15.19 26.08
CA ALA B 319 35.96 -14.04 25.97
C ALA B 319 37.14 -14.19 25.03
N PRO B 320 37.93 -15.27 25.20
CA PRO B 320 39.04 -15.50 24.25
C PRO B 320 38.65 -15.82 22.81
N ARG B 321 37.47 -16.38 22.59
CA ARG B 321 36.96 -16.47 21.22
C ARG B 321 36.64 -15.11 20.65
N LEU B 322 36.22 -14.17 21.50
CA LEU B 322 35.95 -12.84 20.98
C LEU B 322 37.27 -12.19 20.60
N VAL B 323 38.32 -12.44 21.34
CA VAL B 323 39.66 -11.90 20.96
C VAL B 323 40.15 -12.51 19.63
N GLU B 324 40.01 -13.83 19.52
CA GLU B 324 40.39 -14.58 18.34
C GLU B 324 39.67 -14.18 17.03
N TYR B 325 38.35 -13.98 17.12
CA TYR B 325 37.51 -13.67 15.94
C TYR B 325 37.46 -12.19 15.61
N PHE B 326 37.55 -11.32 16.62
CA PHE B 326 37.40 -9.87 16.36
C PHE B 326 38.65 -9.09 16.64
N GLY B 327 39.61 -9.68 17.37
CA GLY B 327 40.80 -8.95 17.77
C GLY B 327 40.60 -8.43 19.18
N ASP B 328 41.71 -8.27 19.92
CA ASP B 328 41.63 -7.90 21.32
C ASP B 328 41.16 -6.46 21.57
N GLN B 329 40.38 -6.30 22.63
CA GLN B 329 40.04 -4.98 23.15
C GLN B 329 39.69 -5.15 24.60
N PRO B 330 39.75 -4.08 25.40
CA PRO B 330 39.54 -4.13 26.85
C PRO B 330 38.23 -4.77 27.31
N ALA B 331 37.15 -4.55 26.57
CA ALA B 331 35.85 -5.16 26.86
C ALA B 331 35.88 -6.69 26.91
N PHE B 332 36.85 -7.31 26.22
CA PHE B 332 36.87 -8.78 26.01
C PHE B 332 37.60 -9.57 27.10
N THR B 333 37.06 -9.48 28.32
CA THR B 333 37.55 -10.26 29.45
C THR B 333 36.32 -11.00 29.95
N SER B 334 36.48 -12.10 30.64
CA SER B 334 35.29 -12.85 31.08
C SER B 334 34.48 -12.13 32.13
N SER B 335 35.15 -11.41 33.02
CA SER B 335 34.44 -10.64 34.02
C SER B 335 33.63 -9.49 33.39
N ASN B 336 34.23 -8.77 32.45
CA ASN B 336 33.47 -7.70 31.81
C ASN B 336 32.34 -8.22 30.91
N MET B 337 32.57 -9.29 30.15
CA MET B 337 31.50 -9.79 29.32
C MET B 337 30.33 -10.32 30.11
N LYS B 338 30.59 -10.92 31.26
CA LYS B 338 29.50 -11.29 32.15
C LYS B 338 28.64 -10.07 32.54
N ARG B 339 29.30 -8.94 32.76
CA ARG B 339 28.59 -7.73 33.18
C ARG B 339 27.74 -7.18 32.07
N VAL B 340 28.25 -7.25 30.84
CA VAL B 340 27.51 -6.87 29.64
C VAL B 340 26.30 -7.82 29.42
N ILE B 341 26.54 -9.12 29.38
CA ILE B 341 25.50 -10.10 29.05
C ILE B 341 24.42 -10.24 30.18
N GLN B 342 24.76 -9.97 31.44
CA GLN B 342 23.81 -10.12 32.58
C GLN B 342 23.27 -8.79 33.05
N ARG B 343 23.49 -7.74 32.28
CA ARG B 343 23.06 -6.40 32.68
C ARG B 343 21.54 -6.34 32.81
N VAL B 344 21.07 -5.72 33.88
CA VAL B 344 19.66 -5.60 34.16
C VAL B 344 19.24 -4.15 33.96
N SER B 345 18.33 -3.95 33.02
CA SER B 345 17.83 -2.61 32.68
C SER B 345 16.40 -2.68 32.15
N PRO B 346 15.42 -2.42 33.02
CA PRO B 346 14.04 -2.52 32.60
C PRO B 346 13.70 -1.55 31.48
N GLY B 347 12.83 -1.98 30.59
CA GLY B 347 12.39 -1.17 29.48
C GLY B 347 10.99 -1.56 29.07
N LEU B 348 10.53 -0.98 27.97
CA LEU B 348 9.15 -1.06 27.56
C LEU B 348 8.87 -2.17 26.60
N ILE B 349 9.90 -2.60 25.87
CA ILE B 349 9.72 -3.56 24.79
C ILE B 349 10.13 -5.00 25.23
N ARG B 350 9.14 -5.87 25.35
CA ARG B 350 9.31 -7.30 25.56
C ARG B 350 10.46 -7.99 24.80
N ILE B 351 10.58 -7.80 23.48
CA ILE B 351 11.64 -8.56 22.73
C ILE B 351 13.07 -8.06 23.06
N ASP B 352 13.16 -6.90 23.67
CA ASP B 352 14.46 -6.41 24.09
C ASP B 352 14.76 -6.63 25.56
N ALA B 353 14.00 -7.47 26.25
CA ALA B 353 14.08 -7.52 27.70
C ALA B 353 15.17 -8.48 28.15
N ASP B 354 15.85 -8.16 29.24
CA ASP B 354 16.90 -9.03 29.75
C ASP B 354 16.29 -10.24 30.50
N GLU B 355 17.12 -11.16 30.98
CA GLU B 355 16.63 -12.42 31.49
C GLU B 355 15.68 -12.20 32.67
N LEU B 356 15.94 -11.19 33.47
CA LEU B 356 15.17 -10.96 34.70
C LEU B 356 13.84 -10.26 34.45
N CYS B 357 13.83 -9.29 33.54
CA CYS B 357 12.65 -8.46 33.29
C CYS B 357 11.66 -9.15 32.42
N TYR B 358 12.17 -9.95 31.51
CA TYR B 358 11.37 -10.66 30.53
C TYR B 358 10.07 -11.33 31.08
N PRO B 359 10.18 -12.17 32.11
CA PRO B 359 8.96 -12.79 32.64
C PRO B 359 7.88 -11.81 33.13
N LEU B 360 8.28 -10.63 33.57
CA LEU B 360 7.33 -9.60 33.95
C LEU B 360 6.48 -9.13 32.74
N HIS B 361 7.10 -9.02 31.56
CA HIS B 361 6.37 -8.71 30.32
C HIS B 361 5.40 -9.82 29.96
N VAL B 362 5.82 -11.08 30.16
CA VAL B 362 5.00 -12.24 29.86
C VAL B 362 3.85 -12.32 30.85
N MET B 363 4.18 -12.21 32.15
CA MET B 363 3.14 -12.27 33.17
C MET B 363 2.01 -11.28 32.90
N LEU B 364 2.38 -10.06 32.63
CA LEU B 364 1.36 -9.05 32.30
C LEU B 364 0.51 -9.37 31.07
N ARG B 365 1.06 -10.05 30.08
CA ARG B 365 0.25 -10.40 28.92
C ARG B 365 -0.67 -11.55 29.29
N TYR B 366 -0.19 -12.47 30.12
CA TYR B 366 -1.02 -13.57 30.59
C TYR B 366 -2.33 -12.98 31.23
N GLU B 367 -2.13 -12.06 32.17
CA GLU B 367 -3.18 -11.53 32.99
C GLU B 367 -4.26 -10.81 32.16
N ILE B 368 -3.82 -9.99 31.23
CA ILE B 368 -4.70 -9.32 30.32
C ILE B 368 -5.48 -10.29 29.44
N GLU B 369 -4.78 -11.24 28.80
CA GLU B 369 -5.43 -12.26 27.98
C GLU B 369 -6.51 -13.02 28.74
N ARG B 370 -6.13 -13.50 29.91
CA ARG B 370 -7.05 -14.17 30.83
C ARG B 370 -8.27 -13.30 31.17
N ASP B 371 -8.00 -12.04 31.48
CA ASP B 371 -9.06 -11.11 31.92
C ASP B 371 -10.02 -10.72 30.78
N LEU B 372 -9.51 -10.64 29.56
CA LEU B 372 -10.37 -10.32 28.40
C LEU B 372 -11.31 -11.49 28.10
N MET B 373 -10.73 -12.68 28.03
CA MET B 373 -11.45 -13.94 27.83
C MET B 373 -12.54 -14.13 28.90
N ASP B 374 -12.21 -13.78 30.15
CA ASP B 374 -13.11 -13.83 31.33
C ASP B 374 -14.27 -12.85 31.31
N GLY B 375 -14.14 -11.77 30.55
CA GLY B 375 -15.08 -10.65 30.62
C GLY B 375 -14.73 -9.61 31.68
N ASN B 376 -13.68 -9.84 32.47
CA ASN B 376 -13.29 -8.87 33.51
C ASN B 376 -12.92 -7.52 32.93
N ILE B 377 -12.38 -7.50 31.73
CA ILE B 377 -12.07 -6.25 31.07
C ILE B 377 -12.43 -6.35 29.60
N GLU B 378 -12.52 -5.20 28.96
CA GLU B 378 -12.86 -5.12 27.56
C GLU B 378 -11.72 -4.46 26.79
N ALA B 379 -11.60 -4.78 25.51
CA ALA B 379 -10.61 -4.17 24.64
C ALA B 379 -10.34 -2.70 25.03
N GLU B 380 -11.43 -1.96 25.20
CA GLU B 380 -11.42 -0.54 25.64
C GLU B 380 -10.37 -0.21 26.70
N GLU B 381 -10.21 -1.13 27.65
CA GLU B 381 -9.47 -0.89 28.88
C GLU B 381 -8.02 -1.36 28.83
N VAL B 382 -7.62 -1.99 27.72
CA VAL B 382 -6.29 -2.60 27.61
C VAL B 382 -5.16 -1.62 27.93
N PRO B 383 -5.15 -0.44 27.27
CA PRO B 383 -4.10 0.57 27.55
C PRO B 383 -3.96 0.97 29.00
N ARG B 384 -5.09 1.20 29.64
CA ARG B 384 -5.13 1.56 31.05
C ARG B 384 -4.47 0.47 31.90
N VAL B 385 -4.89 -0.77 31.68
CA VAL B 385 -4.42 -1.91 32.45
C VAL B 385 -2.97 -2.30 32.09
N TRP B 386 -2.59 -2.10 30.82
CA TRP B 386 -1.21 -2.31 30.37
C TRP B 386 -0.26 -1.41 31.13
N ASN B 387 -0.66 -0.14 31.24
CA ASN B 387 0.07 0.87 32.00
C ASN B 387 0.15 0.57 33.50
N GLU B 388 -0.98 0.15 34.08
CA GLU B 388 -1.03 -0.22 35.50
C GLU B 388 -0.01 -1.31 35.82
N LYS B 389 -0.04 -2.36 35.02
CA LYS B 389 0.81 -3.50 35.20
C LYS B 389 2.27 -3.15 34.95
N MET B 390 2.51 -2.29 33.95
CA MET B 390 3.89 -1.89 33.60
C MET B 390 4.55 -1.10 34.72
N LYS B 391 3.83 -0.13 35.28
CA LYS B 391 4.29 0.61 36.44
C LYS B 391 4.50 -0.31 37.62
N SER B 392 3.58 -1.24 37.81
CA SER B 392 3.60 -2.08 38.99
C SER B 392 4.74 -3.10 38.97
N TYR B 393 4.91 -3.76 37.82
CA TYR B 393 5.88 -4.83 37.69
C TYR B 393 7.27 -4.34 37.34
N LEU B 394 7.35 -3.38 36.42
CA LEU B 394 8.64 -2.90 35.87
C LEU B 394 8.99 -1.45 36.23
N GLY B 395 8.12 -0.75 36.95
CA GLY B 395 8.35 0.64 37.33
C GLY B 395 8.34 1.65 36.20
N LEU B 396 7.70 1.31 35.08
CA LEU B 396 7.65 2.18 33.92
C LEU B 396 6.23 2.45 33.46
N GLU B 397 6.01 3.69 32.98
CA GLU B 397 4.72 4.15 32.45
C GLU B 397 4.63 4.02 30.94
N THR B 398 3.42 3.71 30.46
CA THR B 398 3.08 3.67 29.04
C THR B 398 1.86 4.53 28.66
N LEU B 399 1.21 5.15 29.63
CA LEU B 399 -0.01 5.96 29.35
C LEU B 399 0.31 6.95 28.23
N GLY B 400 -0.44 6.81 27.14
CA GLY B 400 -0.30 7.69 25.97
C GLY B 400 0.69 7.16 24.96
N ASN B 401 1.39 6.10 25.31
CA ASN B 401 2.42 5.47 24.46
C ASN B 401 2.03 4.03 24.13
N ASP B 402 0.97 3.89 23.33
CA ASP B 402 0.47 2.56 22.99
C ASP B 402 1.37 1.83 22.03
N LYS B 403 2.05 2.59 21.17
CA LYS B 403 3.10 2.07 20.27
C LYS B 403 4.11 1.11 20.96
N GLU B 404 4.68 1.59 22.07
CA GLU B 404 5.61 0.80 22.89
C GLU B 404 4.90 0.20 24.09
N GLY B 405 3.59 0.40 24.17
CA GLY B 405 2.72 -0.21 25.18
C GLY B 405 1.97 -1.37 24.55
N CYS B 406 0.64 -1.33 24.60
CA CYS B 406 -0.20 -2.49 24.19
C CYS B 406 -0.14 -2.86 22.72
N LEU B 407 0.27 -1.94 21.84
CA LEU B 407 0.36 -2.22 20.39
C LEU B 407 1.69 -2.85 19.92
N GLN B 408 2.65 -3.06 20.83
CA GLN B 408 3.98 -3.45 20.41
C GLN B 408 4.09 -4.85 19.81
N ASP B 409 3.24 -5.80 20.21
CA ASP B 409 3.39 -7.18 19.71
C ASP B 409 2.36 -7.51 18.61
N VAL B 410 2.84 -8.22 17.58
CA VAL B 410 2.01 -8.68 16.44
C VAL B 410 0.97 -9.76 16.81
N HIS B 411 1.24 -10.47 17.90
CA HIS B 411 0.54 -11.71 18.26
C HIS B 411 -0.97 -11.66 18.12
N TRP B 412 -1.62 -10.63 18.67
CA TRP B 412 -3.06 -10.59 18.65
C TRP B 412 -3.63 -10.35 17.22
N SER B 413 -2.90 -9.58 16.41
CA SER B 413 -3.22 -9.42 14.99
C SER B 413 -3.30 -10.74 14.26
N GLY B 414 -2.35 -11.62 14.56
CA GLY B 414 -2.20 -12.87 13.82
C GLY B 414 -2.98 -13.99 14.48
N GLY B 415 -3.91 -13.62 15.36
CA GLY B 415 -4.79 -14.59 15.98
C GLY B 415 -4.10 -15.58 16.90
N MET B 416 -3.11 -15.11 17.67
CA MET B 416 -2.41 -15.91 18.65
C MET B 416 -2.72 -15.42 20.06
N PHE B 417 -3.62 -16.15 20.71
CA PHE B 417 -4.07 -15.85 22.06
C PHE B 417 -3.84 -17.13 22.84
N GLY B 418 -3.29 -17.00 24.05
CA GLY B 418 -2.85 -18.16 24.82
C GLY B 418 -1.46 -18.67 24.46
N TYR B 419 -0.77 -17.93 23.59
CA TYR B 419 0.61 -18.21 23.19
C TYR B 419 1.63 -17.67 24.20
N PHE B 420 1.52 -16.39 24.51
CA PHE B 420 2.50 -15.71 25.36
C PHE B 420 2.97 -16.49 26.61
N PRO B 421 2.05 -17.06 27.41
CA PRO B 421 2.51 -17.66 28.64
C PRO B 421 3.59 -18.72 28.47
N THR B 422 3.61 -19.35 27.29
CA THR B 422 4.54 -20.47 27.05
C THR B 422 6.03 -20.06 27.15
N TYR B 423 6.33 -18.79 26.89
CA TYR B 423 7.67 -18.28 27.04
C TYR B 423 8.19 -18.44 28.44
N SER B 424 7.42 -18.00 29.44
CA SER B 424 7.88 -18.14 30.83
C SER B 424 7.84 -19.57 31.27
N LEU B 425 6.87 -20.37 30.77
CA LEU B 425 6.91 -21.82 31.02
C LEU B 425 8.22 -22.43 30.51
N GLY B 426 8.67 -21.95 29.34
CA GLY B 426 9.98 -22.35 28.80
C GLY B 426 11.14 -22.00 29.70
N ALA B 427 11.11 -20.78 30.24
CA ALA B 427 12.16 -20.36 31.14
C ALA B 427 12.19 -21.23 32.39
N MET B 428 11.01 -21.61 32.87
CA MET B 428 10.91 -22.47 34.02
C MET B 428 11.35 -23.89 33.78
N VAL B 429 11.01 -24.46 32.62
CA VAL B 429 11.49 -25.77 32.16
C VAL B 429 13.01 -25.80 32.11
N ALA B 430 13.57 -24.76 31.52
CA ALA B 430 15.02 -24.66 31.39
C ALA B 430 15.74 -24.70 32.74
N ALA B 431 15.22 -23.96 33.72
CA ALA B 431 15.82 -23.86 35.05
C ALA B 431 15.71 -25.16 35.78
N GLN B 432 14.54 -25.79 35.71
CA GLN B 432 14.26 -27.08 36.29
C GLN B 432 15.18 -28.19 35.73
N LEU B 433 15.32 -28.24 34.41
CA LEU B 433 16.21 -29.20 33.76
C LEU B 433 17.68 -29.05 34.14
N MET B 434 18.16 -27.83 34.14
CA MET B 434 19.54 -27.53 34.56
C MET B 434 19.76 -27.84 36.01
N SER B 435 18.77 -27.59 36.88
CA SER B 435 18.91 -27.99 38.28
C SER B 435 19.16 -29.47 38.42
N CYS B 436 18.35 -30.28 37.75
CA CYS B 436 18.52 -31.71 37.69
C CYS B 436 19.87 -32.15 37.12
N VAL B 437 20.23 -31.59 35.98
CA VAL B 437 21.51 -31.89 35.37
C VAL B 437 22.66 -31.61 36.35
N ARG B 438 22.61 -30.52 37.11
CA ARG B 438 23.72 -30.16 38.01
C ARG B 438 23.73 -31.09 39.24
N ARG B 439 22.54 -31.46 39.68
CA ARG B 439 22.35 -32.47 40.71
C ARG B 439 22.96 -33.79 40.30
N GLU B 440 22.66 -34.21 39.08
CA GLU B 440 23.16 -35.52 38.61
C GLU B 440 24.64 -35.57 38.26
N LEU B 441 25.09 -34.59 37.51
CA LEU B 441 26.47 -34.56 37.02
C LEU B 441 27.43 -33.92 38.04
N GLY B 442 26.91 -33.01 38.88
CA GLY B 442 27.73 -32.29 39.84
C GLY B 442 27.95 -30.86 39.38
N GLU B 443 27.97 -29.94 40.32
CA GLU B 443 28.08 -28.52 40.02
C GLU B 443 29.40 -28.17 39.33
N GLU B 444 30.49 -28.68 39.85
CA GLU B 444 31.82 -28.39 39.30
C GLU B 444 32.01 -29.06 37.91
N VAL B 445 31.43 -30.24 37.71
CA VAL B 445 31.46 -30.90 36.41
C VAL B 445 30.71 -30.06 35.33
N VAL B 446 29.49 -29.64 35.61
CA VAL B 446 28.75 -28.82 34.67
C VAL B 446 29.55 -27.55 34.40
N ASP B 447 30.02 -26.85 35.44
CA ASP B 447 30.82 -25.63 35.21
C ASP B 447 32.05 -25.88 34.33
N ASP B 448 32.72 -27.00 34.54
CA ASP B 448 33.88 -27.35 33.72
C ASP B 448 33.50 -27.58 32.26
N CYS B 449 32.40 -28.30 32.01
CA CYS B 449 31.86 -28.47 30.66
C CYS B 449 31.59 -27.15 29.97
N ILE B 450 30.90 -26.25 30.67
CA ILE B 450 30.56 -24.96 30.11
C ILE B 450 31.82 -24.12 29.86
N ARG B 451 32.67 -23.93 30.86
CA ARG B 451 33.82 -23.04 30.70
C ARG B 451 34.85 -23.53 29.68
N LYS B 452 34.90 -24.84 29.45
CA LYS B 452 35.74 -25.42 28.42
C LYS B 452 35.01 -25.65 27.08
N GLY B 453 33.73 -25.32 26.96
CA GLY B 453 33.02 -25.52 25.71
C GLY B 453 32.94 -26.98 25.27
N ASP B 454 32.79 -27.85 26.28
CA ASP B 454 32.73 -29.30 26.17
C ASP B 454 31.36 -29.76 26.65
N LEU B 455 30.36 -29.59 25.79
CA LEU B 455 28.96 -29.75 26.22
C LEU B 455 28.35 -31.13 26.12
N GLY B 456 29.06 -32.09 25.59
CA GLY B 456 28.48 -33.40 25.29
C GLY B 456 27.75 -34.08 26.45
N LYS B 457 28.25 -33.93 27.67
CA LYS B 457 27.65 -34.62 28.83
C LYS B 457 26.31 -33.96 29.16
N ILE B 458 26.29 -32.65 28.94
CA ILE B 458 25.09 -31.88 29.19
C ILE B 458 24.09 -32.23 28.11
N LEU B 459 24.50 -32.18 26.84
CA LEU B 459 23.61 -32.42 25.72
C LEU B 459 23.06 -33.83 25.81
N ALA B 460 23.87 -34.80 26.27
CA ALA B 460 23.41 -36.17 26.40
C ALA B 460 22.28 -36.32 27.42
N LYS B 461 22.37 -35.61 28.52
CA LYS B 461 21.27 -35.60 29.53
C LYS B 461 19.99 -35.00 28.95
N GLN B 462 20.13 -33.94 28.18
CA GLN B 462 18.95 -33.32 27.49
C GLN B 462 18.28 -34.32 26.50
N ASN B 463 19.12 -35.10 25.85
CA ASN B 463 18.67 -36.01 24.83
C ASN B 463 17.92 -37.12 25.51
N GLU B 464 18.50 -37.66 26.58
CA GLU B 464 17.89 -38.72 27.34
C GLU B 464 16.60 -38.27 27.98
N LYS B 465 16.63 -37.12 28.64
CA LYS B 465 15.51 -36.68 29.45
C LYS B 465 14.34 -36.15 28.66
N ILE B 466 14.63 -35.49 27.55
CA ILE B 466 13.63 -34.78 26.82
C ILE B 466 13.58 -35.22 25.37
N TRP B 467 14.66 -35.02 24.62
CA TRP B 467 14.55 -35.06 23.16
C TRP B 467 14.09 -36.40 22.65
N GLN B 468 14.56 -37.51 23.21
CA GLN B 468 14.21 -38.84 22.65
C GLN B 468 12.75 -39.25 22.83
N HIS B 469 12.03 -38.59 23.74
CA HIS B 469 10.65 -38.94 24.05
C HIS B 469 9.59 -38.26 23.14
N GLY B 470 9.95 -37.20 22.43
CA GLY B 470 8.99 -36.35 21.73
C GLY B 470 7.66 -36.17 22.46
N SER B 471 6.57 -36.67 21.88
CA SER B 471 5.21 -36.52 22.46
C SER B 471 4.60 -37.82 22.94
N SER B 472 5.47 -38.76 23.34
CA SER B 472 5.04 -40.11 23.69
C SER B 472 4.54 -40.12 25.11
N LEU B 473 5.03 -39.19 25.90
CA LEU B 473 4.55 -38.94 27.21
C LEU B 473 3.82 -37.61 27.29
N THR B 474 2.89 -37.55 28.21
CA THR B 474 2.30 -36.35 28.70
C THR B 474 3.38 -35.37 29.24
N THR B 475 3.15 -34.05 29.18
CA THR B 475 4.13 -33.10 29.77
C THR B 475 4.40 -33.40 31.25
N ASP B 476 3.35 -33.64 32.05
CA ASP B 476 3.55 -33.92 33.45
C ASP B 476 4.44 -35.17 33.60
N GLU B 477 4.19 -36.18 32.79
CA GLU B 477 4.88 -37.49 32.89
C GLU B 477 6.33 -37.27 32.48
N LEU B 478 6.51 -36.52 31.41
CA LEU B 478 7.84 -36.25 30.87
C LEU B 478 8.77 -35.53 31.89
N LEU B 479 8.27 -34.42 32.45
CA LEU B 479 9.02 -33.67 33.48
C LEU B 479 9.28 -34.45 34.77
N ARG B 480 8.30 -35.24 35.20
CA ARG B 480 8.47 -36.14 36.32
C ARG B 480 9.55 -37.17 36.08
N GLN B 481 9.51 -37.78 34.91
CA GLN B 481 10.51 -38.80 34.59
C GLN B 481 11.91 -38.17 34.49
N ALA B 482 11.96 -36.97 33.92
CA ALA B 482 13.19 -36.29 33.62
C ALA B 482 13.82 -35.64 34.84
N THR B 483 13.02 -35.10 35.73
CA THR B 483 13.54 -34.20 36.77
C THR B 483 13.00 -34.53 38.16
N GLY B 484 12.08 -35.50 38.26
CA GLY B 484 11.59 -35.91 39.55
C GLY B 484 10.26 -35.31 39.94
N GLU B 485 9.78 -34.31 39.20
CA GLU B 485 8.54 -33.66 39.54
C GLU B 485 7.95 -32.95 38.32
N THR B 486 6.69 -32.56 38.47
CA THR B 486 5.97 -31.76 37.50
C THR B 486 6.56 -30.30 37.43
N LEU B 487 6.15 -29.45 36.49
CA LEU B 487 6.72 -28.10 36.37
C LEU B 487 6.55 -27.33 37.66
N ASN B 488 7.69 -26.85 38.20
CA ASN B 488 7.76 -26.15 39.47
C ASN B 488 8.54 -24.82 39.29
N PRO B 489 7.87 -23.68 39.45
CA PRO B 489 8.59 -22.40 39.26
C PRO B 489 9.65 -22.05 40.29
N GLU B 490 9.81 -22.82 41.37
CA GLU B 490 10.81 -22.49 42.38
C GLU B 490 12.23 -22.57 41.84
N HIS B 491 12.49 -23.47 40.89
CA HIS B 491 13.79 -23.53 40.24
C HIS B 491 14.17 -22.24 39.49
N TYR B 492 13.18 -21.62 38.82
CA TYR B 492 13.40 -20.39 38.05
C TYR B 492 13.70 -19.27 39.03
N ARG B 493 12.92 -19.20 40.10
CA ARG B 493 13.17 -18.22 41.16
C ARG B 493 14.61 -18.32 41.74
N ARG B 494 15.03 -19.52 42.12
CA ARG B 494 16.37 -19.73 42.68
C ARG B 494 17.46 -19.42 41.68
N HIS B 495 17.25 -19.78 40.42
CA HIS B 495 18.16 -19.39 39.30
C HIS B 495 18.31 -17.87 39.18
N LEU B 496 17.18 -17.16 39.13
CA LEU B 496 17.23 -15.70 39.04
C LEU B 496 17.84 -15.01 40.26
N GLU B 497 17.49 -15.43 41.46
CA GLU B 497 18.09 -14.96 42.72
C GLU B 497 19.61 -15.15 42.80
N ARG B 498 20.05 -16.37 42.48
CA ARG B 498 21.44 -16.70 42.49
C ARG B 498 22.28 -15.95 41.48
N ARG B 499 21.73 -15.76 40.30
CA ARG B 499 22.45 -15.11 39.25
C ARG B 499 22.44 -13.59 39.47
N TYR B 500 21.25 -12.99 39.69
CA TYR B 500 21.16 -11.53 39.71
C TYR B 500 21.32 -10.86 41.08
N ARG B 501 20.83 -11.53 42.10
CA ARG B 501 20.84 -10.97 43.41
C ARG B 501 22.13 -11.36 44.14
N ASP B 502 22.62 -12.58 43.92
CA ASP B 502 23.87 -13.03 44.55
C ASP B 502 25.09 -13.06 43.61
N ASP B 503 24.91 -12.70 42.34
CA ASP B 503 26.04 -12.61 41.40
C ASP B 503 26.84 -13.93 41.33
N ARG B 504 26.15 -15.07 41.42
CA ARG B 504 26.84 -16.37 41.54
C ARG B 504 27.16 -17.05 40.20
N GLY B 505 26.73 -16.45 39.09
CA GLY B 505 27.16 -16.94 37.77
C GLY B 505 25.99 -17.06 36.88
N SER C 2 24.93 10.94 1.64
CA SER C 2 24.89 9.76 0.70
C SER C 2 23.57 9.75 -0.06
N MET C 3 22.49 9.31 0.62
CA MET C 3 21.09 9.39 0.14
C MET C 3 20.42 10.69 0.65
N LYS C 4 21.23 11.52 1.33
CA LYS C 4 20.76 12.70 2.05
C LYS C 4 20.04 13.72 1.17
N PRO C 5 20.64 14.12 0.02
CA PRO C 5 19.92 15.04 -0.86
C PRO C 5 18.53 14.53 -1.32
N TYR C 6 18.42 13.24 -1.69
CA TYR C 6 17.14 12.66 -2.07
C TYR C 6 16.08 12.79 -0.96
N LYS C 7 16.44 12.44 0.27
CA LYS C 7 15.48 12.48 1.38
C LYS C 7 15.09 13.92 1.76
N GLU C 8 15.99 14.86 1.55
CA GLU C 8 15.65 16.26 1.69
C GLU C 8 14.62 16.67 0.63
N LEU C 9 14.81 16.18 -0.59
CA LEU C 9 13.84 16.43 -1.65
C LEU C 9 12.44 15.90 -1.31
N GLU C 10 12.38 14.71 -0.73
CA GLU C 10 11.13 14.06 -0.37
C GLU C 10 10.38 14.92 0.62
N ARG C 11 11.14 15.51 1.52
CA ARG C 11 10.60 16.44 2.50
C ARG C 11 10.08 17.75 1.86
N VAL C 12 10.81 18.30 0.90
CA VAL C 12 10.37 19.49 0.17
C VAL C 12 9.08 19.19 -0.55
N PHE C 13 9.04 18.09 -1.26
CA PHE C 13 7.86 17.72 -2.02
C PHE C 13 6.67 17.39 -1.13
N THR C 14 6.90 16.83 0.05
CA THR C 14 5.81 16.65 1.01
C THR C 14 5.17 17.99 1.42
N LYS C 15 6.00 19.01 1.62
CA LYS C 15 5.54 20.37 1.94
C LYS C 15 4.67 20.94 0.82
N LEU C 16 5.16 20.84 -0.42
CA LEU C 16 4.42 21.24 -1.61
C LEU C 16 3.08 20.51 -1.75
N TYR C 17 3.05 19.24 -1.34
CA TYR C 17 1.84 18.42 -1.37
C TYR C 17 0.79 19.01 -0.41
N ARG C 18 1.26 19.47 0.75
CA ARG C 18 0.41 20.06 1.79
C ARG C 18 -0.13 21.38 1.32
N TYR C 19 0.70 22.19 0.68
CA TYR C 19 0.22 23.45 0.10
C TYR C 19 -0.81 23.16 -1.01
N GLY C 20 -0.55 22.19 -1.88
CA GLY C 20 -1.52 21.86 -2.94
C GLY C 20 -2.88 21.42 -2.39
N HIS C 21 -2.84 20.65 -1.30
CA HIS C 21 -4.06 20.23 -0.64
C HIS C 21 -4.96 21.41 -0.45
N MET C 22 -4.37 22.51 0.01
CA MET C 22 -5.13 23.72 0.26
C MET C 22 -5.67 24.36 -1.01
N LEU C 23 -4.86 24.40 -2.08
CA LEU C 23 -5.28 25.05 -3.35
C LEU C 23 -6.39 24.26 -3.99
N LEU C 24 -6.28 22.95 -3.89
CA LEU C 24 -7.25 22.03 -4.45
C LEU C 24 -8.60 22.15 -3.74
N LEU C 25 -8.60 22.31 -2.43
CA LEU C 25 -9.84 22.50 -1.70
C LEU C 25 -10.44 23.82 -2.11
N ALA C 26 -9.60 24.85 -2.13
CA ALA C 26 -10.01 26.21 -2.43
C ALA C 26 -10.63 26.23 -3.84
N ASP C 27 -9.97 25.60 -4.80
CA ASP C 27 -10.54 25.50 -6.14
C ASP C 27 -11.87 24.73 -6.14
N TRP C 28 -11.91 23.53 -5.54
CA TRP C 28 -13.19 22.79 -5.41
C TRP C 28 -14.34 23.64 -4.87
N ASP C 29 -14.05 24.39 -3.79
CA ASP C 29 -15.06 25.09 -3.07
C ASP C 29 -15.59 26.28 -3.90
N SER C 30 -14.70 26.94 -4.65
CA SER C 30 -15.06 28.08 -5.54
C SER C 30 -16.17 27.74 -6.54
N HIS C 31 -16.18 26.48 -6.97
CA HIS C 31 -17.12 25.99 -7.95
C HIS C 31 -18.39 25.39 -7.37
N THR C 32 -18.39 25.06 -6.07
CA THR C 32 -19.49 24.36 -5.43
C THR C 32 -20.16 25.16 -4.34
N MET C 33 -19.38 25.61 -3.35
CA MET C 33 -20.00 26.21 -2.18
C MET C 33 -19.94 27.72 -2.13
N MET C 34 -18.91 28.29 -2.75
CA MET C 34 -18.61 29.68 -2.53
C MET C 34 -19.73 30.59 -3.04
N PRO C 35 -20.22 31.49 -2.17
CA PRO C 35 -21.06 32.54 -2.64
C PRO C 35 -20.26 33.60 -3.38
N CSX C 36 -20.97 34.39 -4.21
CA CSX C 36 -20.36 35.18 -5.27
CB CSX C 36 -21.39 35.68 -6.31
SG CSX C 36 -22.50 36.79 -5.77
C CSX C 36 -19.52 36.30 -4.76
O CSX C 36 -18.49 36.59 -5.37
OD CSX C 36 -22.35 38.58 -6.24
N LYS C 37 -19.91 36.90 -3.63
CA LYS C 37 -19.11 37.97 -3.01
C LYS C 37 -17.78 37.50 -2.41
N GLY C 38 -17.66 36.20 -2.17
CA GLY C 38 -16.41 35.61 -1.67
C GLY C 38 -15.31 35.44 -2.72
N SER C 39 -15.63 35.76 -3.97
CA SER C 39 -14.77 35.48 -5.13
C SER C 39 -13.39 36.19 -5.15
N ASP C 40 -13.39 37.49 -4.89
CA ASP C 40 -12.15 38.29 -4.94
C ASP C 40 -11.17 37.85 -3.83
N ALA C 41 -11.70 37.62 -2.63
CA ALA C 41 -10.93 37.15 -1.49
C ALA C 41 -10.34 35.78 -1.76
N ARG C 42 -11.14 34.89 -2.35
CA ARG C 42 -10.73 33.55 -2.71
C ARG C 42 -9.60 33.55 -3.76
N GLY C 43 -9.77 34.36 -4.80
CA GLY C 43 -8.80 34.45 -5.86
C GLY C 43 -7.48 34.98 -5.34
N ALA C 44 -7.53 36.00 -4.50
CA ALA C 44 -6.29 36.59 -3.99
C ALA C 44 -5.55 35.58 -3.09
N ALA C 45 -6.28 34.73 -2.40
CA ALA C 45 -5.69 33.78 -1.45
C ALA C 45 -5.02 32.67 -2.22
N MET C 46 -5.71 32.18 -3.25
CA MET C 46 -5.19 31.13 -4.12
C MET C 46 -3.93 31.62 -4.82
N ALA C 47 -3.91 32.86 -5.26
CA ALA C 47 -2.72 33.40 -5.96
C ALA C 47 -1.52 33.51 -5.02
N GLU C 48 -1.75 33.96 -3.78
CA GLU C 48 -0.66 34.11 -2.80
C GLU C 48 -0.04 32.73 -2.49
N LEU C 49 -0.90 31.73 -2.35
CA LEU C 49 -0.42 30.39 -2.07
C LEU C 49 0.35 29.79 -3.25
N GLN C 50 -0.17 29.97 -4.47
CA GLN C 50 0.52 29.50 -5.69
C GLN C 50 1.92 30.10 -5.76
N LEU C 51 2.02 31.39 -5.46
CA LEU C 51 3.31 32.10 -5.43
C LEU C 51 4.26 31.44 -4.45
N HIS C 52 3.77 31.12 -3.27
CA HIS C 52 4.61 30.48 -2.28
C HIS C 52 5.08 29.11 -2.78
N MET C 53 4.19 28.36 -3.42
CA MET C 53 4.54 27.07 -4.01
C MET C 53 5.60 27.21 -5.10
N HIS C 54 5.44 28.25 -5.92
CA HIS C 54 6.38 28.55 -6.97
C HIS C 54 7.76 28.93 -6.42
N ASP C 55 7.77 29.83 -5.44
CA ASP C 55 9.02 30.21 -4.78
C ASP C 55 9.72 29.01 -4.14
N THR C 56 8.94 28.09 -3.58
CA THR C 56 9.51 26.90 -2.97
C THR C 56 10.19 25.97 -3.98
N ILE C 57 9.51 25.67 -5.07
CA ILE C 57 10.04 24.68 -5.99
C ILE C 57 11.20 25.25 -6.84
N THR C 58 11.22 26.57 -7.04
CA THR C 58 12.26 27.23 -7.80
C THR C 58 13.39 27.82 -6.95
N ALA C 59 13.42 27.58 -5.64
CA ALA C 59 14.57 28.06 -4.84
C ALA C 59 15.88 27.44 -5.40
N PRO C 60 17.00 28.18 -5.40
CA PRO C 60 18.24 27.60 -5.95
C PRO C 60 18.64 26.27 -5.31
N LYS C 61 18.41 26.15 -4.02
CA LYS C 61 18.61 24.91 -3.26
C LYS C 61 18.06 23.62 -3.98
N ILE C 62 16.90 23.71 -4.63
CA ILE C 62 16.27 22.53 -5.27
C ILE C 62 17.08 21.93 -6.44
N ARG C 63 17.60 22.79 -7.30
CA ARG C 63 18.48 22.35 -8.40
C ARG C 63 19.73 21.64 -7.85
N ALA C 64 20.42 22.27 -6.90
CA ALA C 64 21.59 21.68 -6.26
C ALA C 64 21.28 20.30 -5.69
N LEU C 65 20.17 20.21 -4.95
CA LEU C 65 19.70 18.95 -4.36
C LEU C 65 19.42 17.86 -5.39
N ILE C 66 18.73 18.22 -6.48
CA ILE C 66 18.46 17.27 -7.57
C ILE C 66 19.78 16.72 -8.18
N GLU C 67 20.75 17.59 -8.46
CA GLU C 67 22.02 17.16 -9.08
C GLU C 67 22.88 16.29 -8.15
N GLU C 68 22.91 16.64 -6.88
CA GLU C 68 23.53 15.83 -5.85
C GLU C 68 22.91 14.43 -5.79
N ALA C 69 21.58 14.39 -5.70
CA ALA C 69 20.86 13.13 -5.60
C ALA C 69 21.07 12.28 -6.85
N GLU C 70 21.25 12.92 -8.00
CA GLU C 70 21.33 12.20 -9.28
C GLU C 70 22.71 11.61 -9.56
N LYS C 71 23.76 12.15 -8.98
CA LYS C 71 25.08 11.55 -9.20
C LYS C 71 25.27 10.23 -8.42
N SER C 72 24.36 9.93 -7.50
CA SER C 72 24.42 8.69 -6.74
C SER C 72 23.13 7.88 -6.91
N VAL C 73 22.50 7.99 -8.09
CA VAL C 73 21.16 7.41 -8.32
C VAL C 73 21.13 5.92 -7.95
N GLY C 74 22.24 5.22 -8.24
CA GLY C 74 22.38 3.78 -7.93
C GLY C 74 22.31 3.39 -6.45
N ASP C 75 22.50 4.36 -5.57
CA ASP C 75 22.24 4.18 -4.13
C ASP C 75 20.75 4.09 -3.79
N LEU C 76 19.89 4.53 -4.72
CA LEU C 76 18.45 4.59 -4.43
C LEU C 76 17.77 3.28 -4.77
N GLU C 77 16.64 3.03 -4.09
CA GLU C 77 15.77 1.90 -4.43
C GLU C 77 15.03 2.28 -5.69
N LYS C 78 14.56 1.27 -6.42
CA LYS C 78 13.94 1.47 -7.72
C LYS C 78 12.90 2.59 -7.71
N LEU C 79 11.95 2.52 -6.79
CA LEU C 79 10.86 3.50 -6.74
C LEU C 79 11.34 4.91 -6.36
N GLN C 80 12.43 4.97 -5.61
CA GLN C 80 13.08 6.24 -5.29
C GLN C 80 13.69 6.89 -6.55
N ARG C 81 14.34 6.09 -7.40
CA ARG C 81 14.88 6.59 -8.67
C ARG C 81 13.76 7.14 -9.54
N ALA C 82 12.63 6.43 -9.60
CA ALA C 82 11.46 6.88 -10.34
C ALA C 82 10.96 8.18 -9.74
N ASN C 83 10.89 8.21 -8.40
CA ASN C 83 10.45 9.44 -7.74
C ASN C 83 11.41 10.58 -8.06
N LEU C 84 12.73 10.32 -8.07
CA LEU C 84 13.69 11.38 -8.41
C LEU C 84 13.50 11.92 -9.84
N ARG C 85 13.22 11.02 -10.78
CA ARG C 85 12.87 11.41 -12.14
C ARG C 85 11.67 12.32 -12.16
N GLU C 86 10.64 11.95 -11.38
CA GLU C 86 9.39 12.73 -11.36
C GLU C 86 9.60 14.07 -10.65
N MET C 87 10.49 14.11 -9.67
CA MET C 87 10.91 15.36 -9.02
C MET C 87 11.56 16.33 -10.01
N ARG C 88 12.55 15.82 -10.76
CA ARG C 88 13.18 16.59 -11.83
C ARG C 88 12.14 17.15 -12.79
N ARG C 89 11.19 16.31 -13.20
CA ARG C 89 10.14 16.72 -14.12
C ARG C 89 9.31 17.89 -13.57
N ALA C 90 8.79 17.74 -12.34
CA ALA C 90 8.04 18.78 -11.67
C ALA C 90 8.88 20.07 -11.57
N TRP C 91 10.15 19.89 -11.23
CA TRP C 91 11.06 21.03 -11.10
C TRP C 91 11.21 21.77 -12.45
N GLU C 92 11.43 21.00 -13.51
CA GLU C 92 11.52 21.60 -14.86
C GLU C 92 10.27 22.33 -15.33
N LEU C 93 9.10 21.77 -15.10
CA LEU C 93 7.88 22.40 -15.56
C LEU C 93 7.70 23.79 -14.94
N GLU C 94 8.19 23.98 -13.71
CA GLU C 94 8.09 25.29 -13.04
C GLU C 94 9.31 26.19 -13.19
N ASN C 95 10.47 25.60 -13.48
CA ASN C 95 11.71 26.34 -13.40
C ASN C 95 12.25 26.80 -14.76
N LEU C 96 11.82 26.13 -15.84
CA LEU C 96 12.24 26.49 -17.20
C LEU C 96 11.65 27.80 -17.75
N LEU C 97 10.56 28.28 -17.17
CA LEU C 97 9.96 29.54 -17.62
C LEU C 97 10.43 30.67 -16.71
N PRO C 98 11.15 31.67 -17.29
CA PRO C 98 11.59 32.81 -16.47
C PRO C 98 10.39 33.57 -15.92
N GLU C 99 10.54 34.10 -14.71
CA GLU C 99 9.44 34.76 -13.98
C GLU C 99 8.79 35.88 -14.77
N GLU C 100 9.57 36.54 -15.62
CA GLU C 100 9.06 37.59 -16.52
C GLU C 100 8.05 37.00 -17.49
N PHE C 101 8.42 35.86 -18.09
CA PHE C 101 7.48 35.16 -18.97
C PHE C 101 6.24 34.67 -18.20
N VAL C 102 6.45 34.17 -16.98
CA VAL C 102 5.36 33.62 -16.17
C VAL C 102 4.26 34.65 -15.90
N GLU C 103 4.66 35.82 -15.41
CA GLU C 103 3.70 36.89 -15.05
C GLU C 103 3.06 37.52 -16.29
N ARG C 104 3.84 37.61 -17.38
CA ARG C 104 3.31 38.04 -18.68
C ARG C 104 2.22 37.09 -19.21
N LYS C 105 2.39 35.79 -19.00
CA LYS C 105 1.38 34.80 -19.39
C LYS C 105 0.11 35.00 -18.57
N THR C 106 0.27 35.11 -17.25
CA THR C 106 -0.83 35.33 -16.31
C THR C 106 -1.62 36.57 -16.71
N VAL C 107 -0.90 37.66 -16.98
CA VAL C 107 -1.51 38.93 -17.38
C VAL C 107 -2.29 38.74 -18.67
N LEU C 108 -1.70 38.08 -19.64
CA LEU C 108 -2.37 37.89 -20.92
C LEU C 108 -3.61 36.96 -20.82
N THR C 109 -3.49 35.87 -20.09
CA THR C 109 -4.59 34.89 -19.98
C THR C 109 -5.73 35.38 -19.08
N THR C 110 -5.40 36.19 -18.09
CA THR C 110 -6.41 36.79 -17.20
C THR C 110 -7.36 37.69 -17.98
N LYS C 111 -6.81 38.50 -18.87
CA LYS C 111 -7.65 39.39 -19.68
C LYS C 111 -8.21 38.64 -20.87
N ALA C 112 -7.42 37.72 -21.43
CA ALA C 112 -7.83 36.82 -22.52
C ALA C 112 -9.17 36.14 -22.25
N HIS C 113 -9.40 35.78 -21.00
CA HIS C 113 -10.61 35.06 -20.57
C HIS C 113 -11.89 35.88 -20.73
N GLN C 114 -11.87 37.11 -20.22
CA GLN C 114 -13.03 38.00 -20.27
C GLN C 114 -13.29 38.48 -21.70
N VAL C 115 -12.23 38.89 -22.41
CA VAL C 115 -12.33 39.18 -23.84
C VAL C 115 -12.95 38.00 -24.57
N TRP C 116 -12.41 36.80 -24.32
CA TRP C 116 -12.89 35.55 -24.95
C TRP C 116 -14.35 35.27 -24.61
N LYS C 117 -14.67 35.23 -23.32
CA LYS C 117 -16.03 34.90 -22.91
C LYS C 117 -17.09 35.81 -23.58
N THR C 118 -16.73 37.07 -23.83
CA THR C 118 -17.67 38.05 -24.42
C THR C 118 -17.76 37.95 -25.96
N CYS C 119 -16.62 37.78 -26.61
CA CYS C 119 -16.57 37.52 -28.06
C CYS C 119 -17.32 36.24 -28.43
N ARG C 120 -17.26 35.24 -27.55
CA ARG C 120 -17.99 34.01 -27.79
C ARG C 120 -19.47 34.24 -27.78
N GLU C 121 -19.95 34.95 -26.74
CA GLU C 121 -21.38 35.10 -26.49
C GLU C 121 -22.06 35.98 -27.54
N LYS C 122 -21.28 36.86 -28.16
CA LYS C 122 -21.77 37.71 -29.24
C LYS C 122 -21.25 37.33 -30.63
N ASN C 123 -20.60 36.17 -30.78
CA ASN C 123 -20.13 35.75 -32.11
C ASN C 123 -19.18 36.79 -32.70
N ASP C 124 -18.19 37.20 -31.91
CA ASP C 124 -17.30 38.29 -32.30
C ASP C 124 -15.85 37.84 -32.28
N PHE C 125 -15.47 37.10 -33.33
CA PHE C 125 -14.09 36.68 -33.51
C PHE C 125 -13.19 37.89 -33.75
N ALA C 126 -13.76 38.93 -34.38
CA ALA C 126 -13.05 40.16 -34.69
C ALA C 126 -12.45 40.85 -33.47
N GLY C 127 -13.20 40.88 -32.36
CA GLY C 127 -12.72 41.48 -31.12
C GLY C 127 -11.75 40.59 -30.36
N PHE C 128 -11.83 39.30 -30.64
CA PHE C 128 -10.94 38.33 -30.00
C PHE C 128 -9.58 38.25 -30.71
N LEU C 129 -9.57 38.41 -32.03
CA LEU C 129 -8.37 38.21 -32.88
C LEU C 129 -7.06 38.79 -32.32
N PRO C 130 -7.05 40.09 -31.92
CA PRO C 130 -5.77 40.63 -31.41
C PRO C 130 -5.28 39.93 -30.14
N THR C 131 -6.22 39.58 -29.26
CA THR C 131 -5.91 38.80 -28.06
C THR C 131 -5.45 37.40 -28.46
N LEU C 132 -6.09 36.83 -29.47
CA LEU C 132 -5.70 35.48 -29.94
C LEU C 132 -4.30 35.53 -30.55
N LYS C 133 -3.99 36.61 -31.27
CA LYS C 133 -2.67 36.78 -31.86
C LYS C 133 -1.55 36.82 -30.81
N GLU C 134 -1.86 37.33 -29.63
CA GLU C 134 -0.87 37.46 -28.57
C GLU C 134 -0.63 36.10 -27.91
N LEU C 135 -1.72 35.37 -27.70
CA LEU C 135 -1.67 34.04 -27.11
C LEU C 135 -0.77 33.15 -27.97
N ILE C 136 -1.08 33.10 -29.26
CA ILE C 136 -0.34 32.28 -30.21
C ILE C 136 1.15 32.59 -30.20
N ALA C 137 1.49 33.88 -30.27
CA ALA C 137 2.88 34.29 -30.19
C ALA C 137 3.51 33.84 -28.88
N LEU C 138 2.76 33.94 -27.79
CA LEU C 138 3.24 33.48 -26.47
C LEU C 138 3.36 31.94 -26.32
N PHE C 139 2.47 31.17 -26.96
CA PHE C 139 2.64 29.69 -27.01
C PHE C 139 3.89 29.28 -27.78
N ARG C 140 4.09 29.92 -28.94
CA ARG C 140 5.30 29.71 -29.74
C ARG C 140 6.57 29.97 -28.92
N GLU C 141 6.56 31.05 -28.12
CA GLU C 141 7.66 31.39 -27.21
C GLU C 141 7.76 30.37 -26.09
N GLU C 142 6.62 30.04 -25.48
CA GLU C 142 6.57 29.07 -24.39
C GLU C 142 7.16 27.72 -24.81
N GLY C 143 6.73 27.25 -25.97
CA GLY C 143 7.23 26.00 -26.53
C GLY C 143 8.73 25.97 -26.65
N LYS C 144 9.28 27.02 -27.26
CA LYS C 144 10.74 27.18 -27.37
C LYS C 144 11.43 27.15 -25.99
N LEU C 145 10.87 27.84 -25.01
CA LEU C 145 11.46 27.89 -23.67
C LEU C 145 11.43 26.53 -22.98
N ARG C 146 10.30 25.83 -23.09
CA ARG C 146 10.13 24.53 -22.44
C ARG C 146 10.96 23.46 -23.19
N ALA C 147 11.18 23.67 -24.50
CA ALA C 147 12.06 22.78 -25.29
C ALA C 147 13.52 22.81 -24.87
N GLY C 148 14.01 23.93 -24.34
CA GLY C 148 15.42 24.04 -23.90
C GLY C 148 16.41 23.69 -24.99
N ASN C 149 17.49 22.98 -24.63
CA ASN C 149 18.48 22.50 -25.59
C ASN C 149 18.25 21.04 -26.01
N SER C 150 17.03 20.54 -25.80
CA SER C 150 16.65 19.18 -26.17
C SER C 150 16.51 19.01 -27.67
N GLY C 151 16.26 20.11 -28.38
CA GLY C 151 15.98 20.05 -29.80
C GLY C 151 14.58 19.57 -30.12
N LYS C 152 13.71 19.47 -29.11
CA LYS C 152 12.30 19.13 -29.33
C LYS C 152 11.56 20.23 -30.04
N HIS C 153 10.70 19.85 -30.96
CA HIS C 153 9.75 20.76 -31.59
C HIS C 153 8.97 21.46 -30.48
N PRO C 154 8.82 22.80 -30.57
CA PRO C 154 8.19 23.52 -29.45
C PRO C 154 6.79 23.02 -29.07
N TYR C 155 5.98 22.62 -30.05
CA TYR C 155 4.67 22.03 -29.76
C TYR C 155 4.78 20.70 -29.03
N GLU C 156 5.81 19.93 -29.32
CA GLU C 156 6.05 18.73 -28.53
C GLU C 156 6.30 19.05 -27.05
N ALA C 157 7.06 20.14 -26.77
CA ALA C 157 7.33 20.59 -25.40
C ALA C 157 6.06 20.99 -24.67
N LEU C 158 5.11 21.55 -25.41
CA LEU C 158 3.80 21.88 -24.84
C LEU C 158 2.95 20.61 -24.60
N VAL C 159 2.86 19.72 -25.59
CA VAL C 159 2.10 18.49 -25.43
C VAL C 159 2.67 17.71 -24.22
N ASP C 160 3.99 17.74 -24.06
CA ASP C 160 4.73 17.08 -22.94
C ASP C 160 4.28 17.51 -21.52
N ILE C 161 3.69 18.70 -21.39
CA ILE C 161 3.20 19.11 -20.09
C ILE C 161 2.11 18.13 -19.61
N TYR C 162 1.24 17.74 -20.55
CA TYR C 162 0.05 16.91 -20.27
C TYR C 162 0.28 15.43 -20.52
N GLU C 163 1.15 15.12 -21.47
CA GLU C 163 1.35 13.77 -21.92
C GLU C 163 2.82 13.52 -22.00
N PRO C 164 3.48 13.38 -20.83
CA PRO C 164 4.93 13.21 -20.79
C PRO C 164 5.46 12.10 -21.68
N GLY C 165 6.54 12.36 -22.41
CA GLY C 165 7.10 11.35 -23.31
C GLY C 165 6.52 11.30 -24.72
N MET C 166 5.37 11.93 -24.97
CA MET C 166 4.68 11.80 -26.26
C MET C 166 5.41 12.63 -27.31
N THR C 167 5.89 11.98 -28.36
CA THR C 167 6.61 12.68 -29.42
C THR C 167 5.60 13.21 -30.41
N LEU C 168 5.97 14.27 -31.11
CA LEU C 168 5.10 14.81 -32.14
C LEU C 168 5.03 13.89 -33.39
N GLN C 169 6.12 13.20 -33.70
CA GLN C 169 6.09 12.22 -34.79
C GLN C 169 5.02 11.16 -34.52
N ARG C 170 4.99 10.68 -33.27
CA ARG C 170 4.06 9.63 -32.87
C ARG C 170 2.62 10.12 -32.91
N LEU C 171 2.38 11.37 -32.48
CA LEU C 171 1.04 11.93 -32.46
C LEU C 171 0.51 12.16 -33.85
N ASP C 172 1.37 12.69 -34.70
CA ASP C 172 1.05 12.86 -36.11
C ASP C 172 0.64 11.58 -36.82
N GLU C 173 1.32 10.48 -36.45
CA GLU C 173 1.04 9.15 -36.94
C GLU C 173 -0.26 8.59 -36.43
N ILE C 174 -0.49 8.76 -35.12
CA ILE C 174 -1.77 8.40 -34.51
C ILE C 174 -2.92 9.16 -35.19
N PHE C 175 -2.85 10.48 -35.25
CA PHE C 175 -3.94 11.24 -35.90
C PHE C 175 -4.06 10.97 -37.40
N GLY C 176 -2.95 10.71 -38.06
CA GLY C 176 -2.99 10.32 -39.48
C GLY C 176 -3.70 8.99 -39.65
N ASN C 177 -3.50 8.10 -38.69
CA ASN C 177 -4.16 6.82 -38.70
C ASN C 177 -5.68 7.09 -38.60
N VAL C 178 -6.07 7.85 -37.58
CA VAL C 178 -7.46 8.17 -37.36
C VAL C 178 -8.11 8.89 -38.59
N ARG C 179 -7.39 9.80 -39.24
CA ARG C 179 -7.95 10.54 -40.38
C ARG C 179 -8.31 9.63 -41.54
N SER C 180 -7.62 8.50 -41.66
CA SER C 180 -7.77 7.64 -42.79
C SER C 180 -9.06 6.83 -42.76
N TRP C 181 -9.68 6.68 -41.58
CA TRP C 181 -10.87 5.81 -41.42
C TRP C 181 -12.09 6.44 -40.71
N LEU C 182 -11.89 7.38 -39.81
CA LEU C 182 -12.99 7.85 -38.97
C LEU C 182 -14.00 8.76 -39.69
N PRO C 183 -13.53 9.70 -40.53
CA PRO C 183 -14.55 10.45 -41.30
C PRO C 183 -15.45 9.55 -42.16
N GLU C 184 -14.87 8.56 -42.86
CA GLU C 184 -15.67 7.64 -43.69
C GLU C 184 -16.52 6.75 -42.79
N LEU C 185 -16.01 6.37 -41.62
CA LEU C 185 -16.78 5.54 -40.70
C LEU C 185 -18.05 6.27 -40.26
N LEU C 186 -17.91 7.53 -39.83
CA LEU C 186 -19.07 8.37 -39.47
C LEU C 186 -20.12 8.42 -40.58
N LYS C 187 -19.68 8.57 -41.81
CA LYS C 187 -20.60 8.68 -42.96
C LYS C 187 -21.37 7.38 -43.17
N GLU C 188 -20.61 6.29 -43.14
CA GLU C 188 -21.20 4.99 -43.27
C GLU C 188 -22.21 4.68 -42.17
N VAL C 189 -21.90 5.05 -40.93
CA VAL C 189 -22.83 4.80 -39.83
C VAL C 189 -24.12 5.57 -40.00
N GLN C 190 -23.99 6.83 -40.41
CA GLN C 190 -25.14 7.68 -40.64
C GLN C 190 -26.06 7.14 -41.73
N GLU C 191 -25.50 6.77 -42.87
CA GLU C 191 -26.34 6.22 -43.93
C GLU C 191 -26.95 4.84 -43.56
N LYS C 192 -26.24 4.01 -42.80
CA LYS C 192 -26.80 2.77 -42.24
C LYS C 192 -27.98 3.05 -41.29
N GLN C 193 -27.79 3.94 -40.32
CA GLN C 193 -28.85 4.25 -39.37
C GLN C 193 -30.09 4.78 -40.07
N LYS C 194 -29.89 5.66 -41.06
CA LYS C 194 -30.95 6.24 -41.88
C LYS C 194 -31.72 5.16 -42.67
N ALA C 195 -30.98 4.20 -43.22
CA ALA C 195 -31.58 3.08 -43.97
C ALA C 195 -32.40 2.18 -43.06
N LEU C 196 -31.88 1.89 -41.87
CA LEU C 196 -32.57 1.06 -40.86
C LEU C 196 -33.85 1.71 -40.35
N GLY C 197 -33.80 3.04 -40.15
CA GLY C 197 -34.93 3.78 -39.58
C GLY C 197 -35.49 3.17 -38.30
N GLU C 198 -34.63 2.70 -37.39
CA GLU C 198 -35.12 2.05 -36.17
C GLU C 198 -35.88 3.04 -35.31
N THR C 199 -36.93 2.54 -34.64
CA THR C 199 -37.68 3.34 -33.66
C THR C 199 -36.83 3.64 -32.44
N VAL C 200 -36.76 4.92 -32.07
CA VAL C 200 -36.07 5.35 -30.86
C VAL C 200 -37.07 6.15 -30.01
N LEU C 201 -37.29 5.72 -28.77
CA LEU C 201 -38.19 6.45 -27.88
C LEU C 201 -37.39 7.29 -26.92
N GLU C 202 -37.59 8.60 -26.93
CA GLU C 202 -36.94 9.50 -25.97
C GLU C 202 -37.56 9.36 -24.59
N PRO C 203 -36.74 9.15 -23.55
CA PRO C 203 -37.33 9.17 -22.22
C PRO C 203 -38.08 10.49 -21.98
N LYS C 204 -39.23 10.37 -21.33
CA LYS C 204 -40.10 11.51 -21.09
C LYS C 204 -40.08 11.86 -19.58
N GLY C 205 -39.65 13.08 -19.28
CA GLY C 205 -39.65 13.58 -17.92
C GLY C 205 -41.00 14.12 -17.49
N PRO C 206 -41.02 14.97 -16.45
CA PRO C 206 -39.83 15.45 -15.71
C PRO C 206 -39.20 14.36 -14.87
N PHE C 207 -37.86 14.38 -14.76
CA PHE C 207 -37.13 13.47 -13.88
C PHE C 207 -36.64 14.26 -12.65
N PRO C 208 -37.30 14.07 -11.49
CA PRO C 208 -36.97 14.88 -10.32
C PRO C 208 -35.49 14.79 -9.98
N VAL C 209 -34.89 15.92 -9.65
CA VAL C 209 -33.45 15.99 -9.42
C VAL C 209 -33.05 15.14 -8.22
N SER C 210 -33.94 15.01 -7.25
CA SER C 210 -33.65 14.20 -6.10
C SER C 210 -33.44 12.73 -6.49
N LYS C 211 -34.26 12.25 -7.41
CA LYS C 211 -34.21 10.87 -7.85
C LYS C 211 -33.03 10.65 -8.81
N GLN C 212 -32.70 11.66 -9.62
CA GLN C 212 -31.50 11.61 -10.42
C GLN C 212 -30.27 11.48 -9.54
N GLU C 213 -30.20 12.26 -8.45
CA GLU C 213 -29.07 12.20 -7.54
C GLU C 213 -28.94 10.84 -6.86
N ALA C 214 -30.04 10.29 -6.36
CA ALA C 214 -30.00 8.93 -5.81
C ALA C 214 -29.48 7.90 -6.81
N LEU C 215 -29.92 8.00 -8.07
CA LEU C 215 -29.52 7.05 -9.10
C LEU C 215 -28.02 7.15 -9.37
N CYS C 216 -27.53 8.39 -9.46
CA CYS C 216 -26.09 8.67 -9.69
C CYS C 216 -25.25 8.14 -8.57
N ARG C 217 -25.72 8.30 -7.34
CA ARG C 217 -25.04 7.71 -6.17
C ARG C 217 -25.04 6.22 -6.17
N PHE C 218 -26.17 5.59 -6.50
CA PHE C 218 -26.22 4.15 -6.72
C PHE C 218 -25.13 3.66 -7.68
N PHE C 219 -24.95 4.35 -8.80
CA PHE C 219 -23.92 3.95 -9.78
C PHE C 219 -22.49 4.21 -9.32
N MET C 220 -22.31 5.25 -8.51
CA MET C 220 -21.02 5.41 -7.80
C MET C 220 -20.71 4.21 -6.88
N ASP C 221 -21.73 3.68 -6.21
CA ASP C 221 -21.60 2.45 -5.42
C ASP C 221 -21.27 1.23 -6.26
N VAL C 222 -21.90 1.16 -7.43
CA VAL C 222 -21.65 0.09 -8.37
C VAL C 222 -20.15 0.10 -8.75
N TRP C 223 -19.56 1.30 -8.88
CA TRP C 223 -18.11 1.45 -9.15
C TRP C 223 -17.26 1.41 -7.88
N LYS C 224 -17.90 1.14 -6.75
CA LYS C 224 -17.23 1.00 -5.46
C LYS C 224 -16.46 2.24 -5.08
N PHE C 225 -17.00 3.41 -5.46
CA PHE C 225 -16.51 4.69 -4.97
C PHE C 225 -16.51 4.70 -3.45
N ASP C 226 -15.40 5.08 -2.85
CA ASP C 226 -15.30 5.12 -1.42
C ASP C 226 -15.85 6.46 -0.92
N PHE C 227 -17.08 6.50 -0.42
CA PHE C 227 -17.70 7.76 0.05
C PHE C 227 -17.19 8.16 1.41
N ASP C 228 -16.38 7.31 2.05
CA ASP C 228 -15.66 7.75 3.25
C ASP C 228 -14.40 8.50 2.87
N GLY C 229 -14.04 8.42 1.58
CA GLY C 229 -12.91 9.17 1.00
C GLY C 229 -13.27 10.05 -0.20
N GLY C 230 -14.47 10.60 -0.20
CA GLY C 230 -14.91 11.48 -1.30
C GLY C 230 -16.34 11.89 -1.21
N ARG C 231 -16.79 12.73 -2.13
CA ARG C 231 -18.15 13.30 -2.17
C ARG C 231 -18.68 13.42 -3.61
N LEU C 232 -20.00 13.51 -3.72
CA LEU C 232 -20.71 14.02 -4.90
C LEU C 232 -21.49 15.27 -4.56
N ASP C 233 -21.37 16.31 -5.40
CA ASP C 233 -22.07 17.58 -5.21
C ASP C 233 -22.53 18.21 -6.58
N VAL C 234 -23.19 19.36 -6.53
CA VAL C 234 -23.59 20.07 -7.77
C VAL C 234 -22.60 21.21 -8.12
N SER C 235 -22.16 21.28 -9.38
CA SER C 235 -21.57 22.52 -9.91
C SER C 235 -21.99 22.81 -11.36
N ALA C 236 -21.58 23.99 -11.85
CA ALA C 236 -21.96 24.43 -13.20
C ALA C 236 -21.35 23.54 -14.32
N HIS C 237 -20.19 22.93 -14.07
CA HIS C 237 -19.59 22.01 -15.02
C HIS C 237 -18.94 20.82 -14.29
N PRO C 238 -19.36 19.60 -14.63
CA PRO C 238 -18.86 18.45 -13.91
C PRO C 238 -17.34 18.34 -13.90
N PHE C 239 -16.78 17.99 -12.77
CA PHE C 239 -15.35 17.70 -12.69
C PHE C 239 -15.04 16.78 -11.54
N CYS C 240 -13.80 16.34 -11.52
CA CYS C 240 -13.25 15.46 -10.49
C CYS C 240 -12.08 16.26 -9.92
N GLY C 241 -12.23 16.70 -8.68
CA GLY C 241 -11.26 17.58 -8.07
C GLY C 241 -10.90 17.19 -6.64
N ASN C 242 -10.45 18.21 -5.91
CA ASN C 242 -9.89 18.05 -4.59
C ASN C 242 -8.72 17.05 -4.55
N SER C 243 -8.60 16.24 -3.50
CA SER C 243 -7.36 15.50 -3.25
C SER C 243 -7.61 13.99 -3.21
N LYS C 244 -6.52 13.20 -3.29
CA LYS C 244 -6.59 11.75 -3.42
C LYS C 244 -7.20 11.09 -2.17
N GLU C 245 -7.01 11.69 -1.01
CA GLU C 245 -7.65 11.17 0.21
C GLU C 245 -9.13 11.56 0.36
N ASP C 246 -9.64 12.37 -0.56
CA ASP C 246 -10.88 13.11 -0.37
C ASP C 246 -11.22 13.58 -1.75
N VAL C 247 -11.62 12.63 -2.62
CA VAL C 247 -11.90 12.94 -4.01
C VAL C 247 -13.34 13.41 -4.20
N ARG C 248 -13.49 14.57 -4.82
CA ARG C 248 -14.75 15.22 -4.84
C ARG C 248 -15.16 15.48 -6.28
N ILE C 249 -16.23 14.81 -6.72
CA ILE C 249 -16.75 14.96 -8.07
C ILE C 249 -18.09 15.71 -8.00
N THR C 250 -18.47 16.28 -9.13
CA THR C 250 -19.69 17.06 -9.25
C THR C 250 -20.43 16.73 -10.56
N THR C 251 -21.70 17.12 -10.59
CA THR C 251 -22.52 17.01 -11.78
C THR C 251 -23.50 18.14 -11.77
N LYS C 252 -24.26 18.28 -12.85
CA LYS C 252 -25.37 19.24 -12.94
C LYS C 252 -26.62 18.45 -13.32
N TYR C 253 -27.79 18.84 -12.83
CA TYR C 253 -29.02 18.12 -13.18
C TYR C 253 -30.00 18.99 -13.89
N THR C 254 -30.66 18.42 -14.91
CA THR C 254 -31.89 18.96 -15.50
C THR C 254 -33.07 17.95 -15.40
N GLU C 255 -34.26 18.44 -15.13
CA GLU C 255 -35.50 17.63 -15.19
C GLU C 255 -35.88 17.01 -16.56
N THR C 256 -35.33 17.53 -17.65
CA THR C 256 -35.74 17.09 -18.97
C THR C 256 -35.16 15.76 -19.39
N GLU C 257 -33.98 15.44 -18.88
CA GLU C 257 -33.34 14.17 -19.20
C GLU C 257 -32.34 13.81 -18.13
N PHE C 258 -32.01 12.55 -18.04
CA PHE C 258 -31.11 12.07 -16.97
C PHE C 258 -29.81 11.51 -17.52
N VAL C 259 -29.73 11.33 -18.84
CA VAL C 259 -28.59 10.65 -19.45
C VAL C 259 -27.31 11.44 -19.26
N THR C 260 -27.38 12.74 -19.46
CA THR C 260 -26.20 13.62 -19.35
C THR C 260 -25.62 13.62 -17.94
N SER C 261 -26.44 13.71 -16.92
CA SER C 261 -25.95 13.71 -15.57
C SER C 261 -25.44 12.31 -15.19
N LEU C 262 -26.17 11.25 -15.58
CA LEU C 262 -25.70 9.87 -15.24
C LEU C 262 -24.36 9.53 -15.85
N LEU C 263 -24.30 9.66 -17.15
CA LEU C 263 -23.06 9.42 -17.87
C LEU C 263 -21.91 10.30 -17.41
N GLY C 264 -22.23 11.52 -17.05
CA GLY C 264 -21.28 12.51 -16.52
C GLY C 264 -20.70 12.04 -15.22
N VAL C 265 -21.54 11.46 -14.37
CA VAL C 265 -21.09 11.02 -13.06
C VAL C 265 -20.27 9.78 -13.21
N ILE C 266 -20.67 8.92 -14.16
CA ILE C 266 -19.92 7.69 -14.41
C ILE C 266 -18.50 8.04 -14.89
N HIS C 267 -18.44 9.01 -15.79
CA HIS C 267 -17.18 9.53 -16.28
C HIS C 267 -16.23 10.05 -15.16
N GLU C 268 -16.75 10.97 -14.37
CA GLU C 268 -16.00 11.57 -13.26
C GLU C 268 -15.62 10.50 -12.26
N THR C 269 -16.52 9.55 -12.04
CA THR C 269 -16.23 8.42 -11.15
C THR C 269 -15.09 7.57 -11.70
N GLY C 270 -14.94 7.46 -13.02
CA GLY C 270 -13.82 6.69 -13.62
C GLY C 270 -12.48 7.37 -13.31
N HIS C 271 -12.45 8.69 -13.41
CA HIS C 271 -11.31 9.51 -12.92
C HIS C 271 -11.08 9.25 -11.42
N ALA C 272 -12.16 9.28 -10.64
CA ALA C 272 -12.06 9.21 -9.18
C ALA C 272 -11.49 7.91 -8.72
N LYS C 273 -11.81 6.80 -9.41
CA LYS C 273 -11.24 5.51 -9.03
C LYS C 273 -9.74 5.53 -9.15
N TYR C 274 -9.22 6.30 -10.11
CA TYR C 274 -7.76 6.30 -10.32
C TYR C 274 -7.12 7.11 -9.20
N GLU C 275 -7.67 8.31 -8.96
CA GLU C 275 -7.21 9.16 -7.85
C GLU C 275 -7.29 8.41 -6.49
N GLN C 276 -8.39 7.71 -6.20
CA GLN C 276 -8.55 7.02 -4.93
C GLN C 276 -7.62 5.85 -4.74
N ASN C 277 -7.08 5.31 -5.85
CA ASN C 277 -6.27 4.09 -5.81
C ASN C 277 -4.88 4.27 -6.40
N CYS C 278 -4.48 5.51 -6.58
CA CYS C 278 -3.23 5.78 -7.19
C CYS C 278 -2.09 5.33 -6.26
N GLY C 279 -1.20 4.49 -6.79
CA GLY C 279 0.02 4.15 -6.12
C GLY C 279 1.15 4.98 -6.71
N PRO C 280 2.39 4.62 -6.39
CA PRO C 280 2.78 3.47 -5.55
C PRO C 280 2.63 3.71 -4.05
N LYS C 281 2.26 2.66 -3.32
CA LYS C 281 2.12 2.72 -1.87
C LYS C 281 3.44 3.10 -1.20
N GLY C 282 3.33 3.86 -0.11
CA GLY C 282 4.47 4.41 0.61
C GLY C 282 5.12 5.63 -0.03
N PHE C 283 4.49 6.21 -1.07
CA PHE C 283 4.99 7.42 -1.73
C PHE C 283 3.88 8.50 -1.89
N GLU C 284 2.85 8.46 -1.04
CA GLU C 284 1.59 9.22 -1.23
C GLU C 284 1.74 10.74 -1.49
N THR C 285 2.69 11.35 -0.78
CA THR C 285 2.91 12.79 -0.82
C THR C 285 3.95 13.18 -1.86
N GLN C 286 4.35 12.19 -2.65
CA GLN C 286 5.48 12.31 -3.59
C GLN C 286 5.00 12.32 -5.06
N PRO C 287 5.74 12.98 -5.97
CA PRO C 287 5.29 13.14 -7.38
C PRO C 287 5.21 11.82 -8.21
N VAL C 288 5.91 10.79 -7.77
CA VAL C 288 5.78 9.46 -8.38
C VAL C 288 4.36 8.90 -8.16
N CYS C 289 3.71 9.32 -7.08
CA CYS C 289 2.38 8.90 -6.76
C CYS C 289 1.39 9.87 -7.36
N MET C 290 1.26 9.84 -8.68
CA MET C 290 0.27 10.67 -9.31
C MET C 290 -0.12 10.08 -10.66
N ALA C 291 -1.26 10.50 -11.20
CA ALA C 291 -1.71 10.00 -12.50
C ALA C 291 -0.57 10.18 -13.50
N ARG C 292 -0.33 9.18 -14.34
CA ARG C 292 0.77 9.24 -15.32
C ARG C 292 0.61 10.40 -16.35
N SER C 293 -0.58 10.58 -16.86
CA SER C 293 -0.82 11.58 -17.90
C SER C 293 -2.31 11.80 -18.00
N LEU C 294 -2.70 12.89 -18.68
CA LEU C 294 -4.08 13.19 -18.95
C LEU C 294 -4.72 12.17 -19.88
N GLY C 295 -3.90 11.57 -20.74
CA GLY C 295 -4.34 10.50 -21.63
C GLY C 295 -4.69 9.25 -20.86
N VAL C 296 -3.76 8.83 -20.00
CA VAL C 296 -4.02 7.71 -19.12
C VAL C 296 -5.22 8.02 -18.19
N HIS C 297 -5.34 9.26 -17.70
CA HIS C 297 -6.42 9.65 -16.77
C HIS C 297 -7.76 9.59 -17.50
N GLU C 298 -7.84 10.26 -18.65
CA GLU C 298 -9.06 10.22 -19.49
C GLU C 298 -9.33 8.79 -20.02
N GLY C 299 -8.31 7.96 -20.08
CA GLY C 299 -8.51 6.56 -20.39
C GLY C 299 -9.30 5.83 -19.29
N GLN C 300 -9.15 6.33 -18.06
CA GLN C 300 -9.84 5.78 -16.93
C GLN C 300 -11.30 6.23 -16.91
N SER C 301 -11.52 7.50 -17.18
CA SER C 301 -12.89 8.04 -17.27
C SER C 301 -13.67 7.41 -18.44
N LEU C 302 -13.03 7.33 -19.61
CA LEU C 302 -13.72 6.80 -20.78
C LEU C 302 -13.86 5.28 -20.73
N PHE C 303 -13.00 4.64 -19.99
CA PHE C 303 -13.21 3.20 -19.73
C PHE C 303 -14.55 3.02 -18.98
N ALA C 304 -14.73 3.83 -17.96
CA ALA C 304 -16.00 3.82 -17.18
C ALA C 304 -17.15 4.17 -18.08
N GLU C 305 -17.05 5.32 -18.76
CA GLU C 305 -18.17 5.86 -19.45
C GLU C 305 -18.49 5.20 -20.77
N MET C 306 -17.46 5.04 -21.61
CA MET C 306 -17.61 4.52 -22.96
C MET C 306 -17.58 3.03 -23.05
N GLN C 307 -16.50 2.44 -22.52
CA GLN C 307 -16.32 1.00 -22.60
C GLN C 307 -17.39 0.22 -21.83
N ILE C 308 -17.77 0.69 -20.65
CA ILE C 308 -18.80 0.04 -19.85
C ILE C 308 -20.16 0.78 -19.96
N GLY C 309 -20.15 2.08 -19.66
CA GLY C 309 -21.34 2.89 -19.52
C GLY C 309 -22.23 3.00 -20.76
N ARG C 310 -21.65 2.99 -21.95
CA ARG C 310 -22.51 2.97 -23.14
C ARG C 310 -22.66 1.60 -23.82
N SER C 311 -22.31 0.49 -23.13
CA SER C 311 -22.36 -0.81 -23.74
C SER C 311 -23.79 -1.34 -23.65
N GLY C 312 -24.18 -2.18 -24.59
CA GLY C 312 -25.45 -2.93 -24.52
C GLY C 312 -25.66 -3.74 -23.26
N ALA C 313 -24.60 -4.33 -22.72
CA ALA C 313 -24.69 -5.13 -21.48
C ALA C 313 -25.06 -4.21 -20.30
N PHE C 314 -24.47 -3.02 -20.26
CA PHE C 314 -24.81 -2.08 -19.19
C PHE C 314 -26.26 -1.62 -19.28
N MET C 315 -26.81 -1.56 -20.48
CA MET C 315 -28.24 -1.16 -20.67
C MET C 315 -29.21 -2.16 -20.04
N GLU C 316 -28.79 -3.42 -20.01
CA GLU C 316 -29.55 -4.49 -19.43
C GLU C 316 -29.60 -4.29 -17.94
N PHE C 317 -28.49 -3.81 -17.36
CA PHE C 317 -28.44 -3.48 -15.96
C PHE C 317 -29.18 -2.12 -15.70
N LEU C 318 -28.94 -1.15 -16.55
CA LEU C 318 -29.52 0.20 -16.35
C LEU C 318 -31.05 0.26 -16.38
N ALA C 319 -31.63 -0.36 -17.39
CA ALA C 319 -33.04 -0.23 -17.68
C ALA C 319 -33.95 -0.55 -16.50
N PRO C 320 -33.75 -1.71 -15.83
CA PRO C 320 -34.53 -1.94 -14.60
C PRO C 320 -34.27 -0.94 -13.47
N ARG C 321 -33.08 -0.34 -13.42
CA ARG C 321 -32.86 0.70 -12.43
C ARG C 321 -33.60 1.96 -12.75
N LEU C 322 -33.74 2.30 -14.03
CA LEU C 322 -34.53 3.49 -14.41
C LEU C 322 -36.00 3.32 -14.00
N VAL C 323 -36.53 2.10 -14.17
CA VAL C 323 -37.93 1.80 -13.80
C VAL C 323 -38.07 1.99 -12.29
N GLU C 324 -37.09 1.48 -11.56
CA GLU C 324 -37.07 1.48 -10.12
C GLU C 324 -36.99 2.89 -9.56
N TYR C 325 -36.15 3.73 -10.15
CA TYR C 325 -35.89 5.04 -9.63
C TYR C 325 -36.86 6.11 -10.11
N PHE C 326 -37.34 6.01 -11.35
CA PHE C 326 -38.18 7.05 -11.92
C PHE C 326 -39.60 6.55 -12.23
N GLY C 327 -39.82 5.24 -12.16
CA GLY C 327 -41.10 4.69 -12.59
C GLY C 327 -41.06 4.29 -14.05
N ASP C 328 -41.88 3.32 -14.38
CA ASP C 328 -41.80 2.66 -15.66
C ASP C 328 -42.35 3.56 -16.74
N GLN C 329 -41.78 3.44 -17.94
CA GLN C 329 -42.34 4.09 -19.12
C GLN C 329 -41.84 3.31 -20.32
N PRO C 330 -42.53 3.44 -21.46
CA PRO C 330 -42.08 2.74 -22.66
C PRO C 330 -40.61 2.87 -23.02
N ALA C 331 -39.97 4.04 -22.80
CA ALA C 331 -38.57 4.20 -23.17
C ALA C 331 -37.61 3.26 -22.41
N PHE C 332 -38.06 2.71 -21.28
CA PHE C 332 -37.13 2.04 -20.34
C PHE C 332 -36.94 0.56 -20.58
N THR C 333 -36.38 0.21 -21.75
CA THR C 333 -36.00 -1.15 -22.07
C THR C 333 -34.50 -1.12 -22.39
N SER C 334 -33.85 -2.28 -22.32
CA SER C 334 -32.44 -2.32 -22.62
C SER C 334 -32.21 -1.99 -24.09
N SER C 335 -33.01 -2.57 -25.01
CA SER C 335 -32.90 -2.24 -26.44
C SER C 335 -33.02 -0.78 -26.76
N ASN C 336 -34.08 -0.16 -26.24
CA ASN C 336 -34.33 1.24 -26.54
C ASN C 336 -33.26 2.15 -25.92
N MET C 337 -32.92 1.93 -24.66
CA MET C 337 -31.95 2.75 -24.01
C MET C 337 -30.57 2.68 -24.69
N LYS C 338 -30.20 1.51 -25.21
CA LYS C 338 -29.03 1.41 -26.06
C LYS C 338 -29.11 2.36 -27.24
N ARG C 339 -30.27 2.39 -27.89
CA ARG C 339 -30.46 3.23 -29.05
C ARG C 339 -30.32 4.68 -28.67
N VAL C 340 -30.85 5.06 -27.52
CA VAL C 340 -30.74 6.42 -27.02
C VAL C 340 -29.26 6.72 -26.68
N ILE C 341 -28.60 5.85 -25.93
CA ILE C 341 -27.29 6.21 -25.35
C ILE C 341 -26.21 6.15 -26.44
N GLN C 342 -26.43 5.29 -27.44
CA GLN C 342 -25.54 5.15 -28.59
C GLN C 342 -25.94 6.00 -29.79
N ARG C 343 -26.80 7.00 -29.61
CA ARG C 343 -27.18 7.84 -30.77
C ARG C 343 -25.99 8.62 -31.37
N VAL C 344 -25.98 8.67 -32.69
CA VAL C 344 -24.93 9.34 -33.48
C VAL C 344 -25.68 10.48 -34.13
N SER C 345 -25.27 11.71 -33.85
CA SER C 345 -25.86 12.89 -34.48
C SER C 345 -24.80 13.97 -34.48
N PRO C 346 -24.13 14.16 -35.62
CA PRO C 346 -23.08 15.19 -35.62
C PRO C 346 -23.63 16.55 -35.27
N GLY C 347 -22.85 17.31 -34.53
CA GLY C 347 -23.16 18.69 -34.27
C GLY C 347 -21.90 19.52 -34.12
N LEU C 348 -22.11 20.81 -33.86
CA LEU C 348 -21.07 21.85 -33.87
C LEU C 348 -20.23 21.86 -32.59
N ILE C 349 -20.85 21.45 -31.48
CA ILE C 349 -20.24 21.60 -30.16
C ILE C 349 -19.56 20.32 -29.63
N ARG C 350 -18.25 20.41 -29.42
CA ARG C 350 -17.42 19.25 -29.02
C ARG C 350 -17.91 18.63 -27.71
N ILE C 351 -18.19 19.49 -26.74
CA ILE C 351 -18.60 18.98 -25.42
C ILE C 351 -19.92 18.18 -25.46
N ASP C 352 -20.76 18.43 -26.45
CA ASP C 352 -22.02 17.72 -26.60
C ASP C 352 -21.88 16.54 -27.55
N ALA C 353 -20.68 16.27 -28.03
CA ALA C 353 -20.55 15.32 -29.11
C ALA C 353 -20.67 13.89 -28.58
N ASP C 354 -21.34 13.05 -29.36
CA ASP C 354 -21.39 11.60 -29.12
C ASP C 354 -20.05 10.90 -29.28
N GLU C 355 -20.00 9.63 -28.89
CA GLU C 355 -18.73 8.86 -28.83
C GLU C 355 -17.98 8.79 -30.17
N LEU C 356 -18.75 8.73 -31.27
CA LEU C 356 -18.19 8.58 -32.61
C LEU C 356 -17.71 9.92 -33.20
N CYS C 357 -18.45 10.98 -32.92
CA CYS C 357 -18.14 12.31 -33.46
C CYS C 357 -17.03 12.99 -32.66
N TYR C 358 -17.03 12.79 -31.35
CA TYR C 358 -16.07 13.43 -30.45
C TYR C 358 -14.60 13.47 -31.01
N PRO C 359 -14.05 12.30 -31.40
CA PRO C 359 -12.67 12.34 -31.94
C PRO C 359 -12.46 13.21 -33.18
N LEU C 360 -13.48 13.41 -34.01
CA LEU C 360 -13.31 14.32 -35.12
C LEU C 360 -13.08 15.77 -34.63
N HIS C 361 -13.80 16.16 -33.58
CA HIS C 361 -13.65 17.46 -32.95
C HIS C 361 -12.25 17.62 -32.41
N VAL C 362 -11.73 16.57 -31.74
CA VAL C 362 -10.38 16.59 -31.19
C VAL C 362 -9.34 16.70 -32.30
N MET C 363 -9.51 15.90 -33.35
CA MET C 363 -8.52 15.86 -34.42
C MET C 363 -8.33 17.23 -35.12
N LEU C 364 -9.42 17.95 -35.38
CA LEU C 364 -9.33 19.26 -36.03
C LEU C 364 -8.60 20.30 -35.16
N ARG C 365 -8.85 20.28 -33.85
CA ARG C 365 -8.16 21.17 -32.91
C ARG C 365 -6.65 20.87 -32.89
N TYR C 366 -6.31 19.58 -32.84
CA TYR C 366 -4.90 19.15 -32.95
C TYR C 366 -4.23 19.69 -34.24
N GLU C 367 -4.91 19.52 -35.37
CA GLU C 367 -4.38 19.94 -36.64
C GLU C 367 -4.21 21.46 -36.68
N ILE C 368 -5.15 22.17 -36.08
CA ILE C 368 -5.09 23.64 -36.04
C ILE C 368 -3.93 24.14 -35.14
N GLU C 369 -3.77 23.54 -33.97
CA GLU C 369 -2.65 23.83 -33.07
C GLU C 369 -1.28 23.50 -33.69
N ARG C 370 -1.15 22.32 -34.31
CA ARG C 370 0.09 21.98 -35.03
C ARG C 370 0.45 23.01 -36.09
N ASP C 371 -0.49 23.29 -36.99
CA ASP C 371 -0.28 24.26 -38.06
C ASP C 371 0.05 25.66 -37.57
N LEU C 372 -0.67 26.16 -36.56
CA LEU C 372 -0.35 27.47 -35.97
C LEU C 372 1.08 27.44 -35.43
N MET C 373 1.38 26.42 -34.64
CA MET C 373 2.70 26.30 -34.03
C MET C 373 3.85 26.20 -35.04
N ASP C 374 3.62 25.49 -36.16
CA ASP C 374 4.56 25.44 -37.33
C ASP C 374 4.60 26.75 -38.14
N GLY C 375 3.57 27.60 -38.00
CA GLY C 375 3.46 28.81 -38.81
C GLY C 375 2.95 28.55 -40.21
N ASN C 376 2.30 27.41 -40.44
CA ASN C 376 1.61 27.14 -41.72
C ASN C 376 0.37 28.03 -41.89
N ILE C 377 -0.28 28.34 -40.76
CA ILE C 377 -1.36 29.33 -40.69
C ILE C 377 -1.14 30.30 -39.52
N GLU C 378 -1.80 31.46 -39.58
CA GLU C 378 -1.77 32.44 -38.49
C GLU C 378 -3.14 32.52 -37.82
N ALA C 379 -3.18 33.20 -36.69
CA ALA C 379 -4.41 33.32 -35.90
C ALA C 379 -5.63 33.62 -36.77
N GLU C 380 -5.53 34.68 -37.57
CA GLU C 380 -6.66 35.14 -38.39
C GLU C 380 -7.19 34.14 -39.44
N GLU C 381 -6.45 33.07 -39.72
CA GLU C 381 -6.91 32.01 -40.62
C GLU C 381 -7.69 30.89 -39.89
N VAL C 382 -7.81 31.00 -38.57
CA VAL C 382 -8.41 29.92 -37.78
C VAL C 382 -9.88 29.69 -38.12
N PRO C 383 -10.68 30.77 -38.30
CA PRO C 383 -12.07 30.52 -38.66
C PRO C 383 -12.26 29.78 -39.99
N ARG C 384 -11.49 30.17 -41.00
CA ARG C 384 -11.51 29.51 -42.31
C ARG C 384 -11.20 28.01 -42.21
N VAL C 385 -10.10 27.68 -41.54
CA VAL C 385 -9.64 26.28 -41.43
C VAL C 385 -10.57 25.45 -40.53
N TRP C 386 -11.10 26.07 -39.48
CA TRP C 386 -12.11 25.42 -38.66
C TRP C 386 -13.31 24.99 -39.52
N ASN C 387 -13.83 25.90 -40.35
CA ASN C 387 -14.93 25.58 -41.26
C ASN C 387 -14.58 24.45 -42.24
N GLU C 388 -13.40 24.54 -42.85
CA GLU C 388 -12.97 23.48 -43.80
C GLU C 388 -12.93 22.13 -43.10
N LYS C 389 -12.41 22.08 -41.87
CA LYS C 389 -12.24 20.81 -41.16
C LYS C 389 -13.58 20.26 -40.62
N MET C 390 -14.45 21.14 -40.13
CA MET C 390 -15.80 20.72 -39.71
C MET C 390 -16.57 20.07 -40.86
N LYS C 391 -16.49 20.68 -42.04
CA LYS C 391 -17.20 20.18 -43.23
C LYS C 391 -16.63 18.86 -43.67
N SER C 392 -15.30 18.82 -43.69
CA SER C 392 -14.62 17.65 -44.16
C SER C 392 -14.94 16.47 -43.26
N TYR C 393 -14.80 16.66 -41.96
CA TYR C 393 -14.83 15.56 -41.03
C TYR C 393 -16.23 15.19 -40.57
N LEU C 394 -17.05 16.20 -40.28
CA LEU C 394 -18.39 16.04 -39.69
C LEU C 394 -19.54 16.42 -40.61
N GLY C 395 -19.22 16.92 -41.80
CA GLY C 395 -20.25 17.28 -42.79
C GLY C 395 -21.08 18.51 -42.42
N LEU C 396 -20.55 19.38 -41.56
CA LEU C 396 -21.23 20.57 -41.08
C LEU C 396 -20.39 21.82 -41.30
N GLU C 397 -21.03 22.99 -41.31
CA GLU C 397 -20.31 24.27 -41.52
C GLU C 397 -20.40 25.18 -40.30
N THR C 398 -19.37 25.98 -40.08
CA THR C 398 -19.33 26.94 -38.97
C THR C 398 -19.08 28.40 -39.43
N LEU C 399 -18.90 28.60 -40.74
CA LEU C 399 -18.56 29.91 -41.31
C LEU C 399 -19.65 30.95 -41.03
N GLY C 400 -19.27 32.04 -40.35
CA GLY C 400 -20.23 33.03 -39.81
C GLY C 400 -20.55 32.79 -38.35
N ASN C 401 -20.52 31.53 -37.92
CA ASN C 401 -20.91 31.14 -36.54
C ASN C 401 -19.68 30.74 -35.73
N ASP C 402 -18.82 31.72 -35.50
CA ASP C 402 -17.61 31.52 -34.74
C ASP C 402 -17.94 31.16 -33.30
N LYS C 403 -19.10 31.62 -32.80
CA LYS C 403 -19.59 31.28 -31.46
C LYS C 403 -19.73 29.77 -31.22
N GLU C 404 -20.35 29.08 -32.15
CA GLU C 404 -20.44 27.62 -32.13
C GLU C 404 -19.33 27.03 -33.01
N GLY C 405 -18.22 27.73 -33.12
CA GLY C 405 -17.13 27.33 -34.01
C GLY C 405 -15.86 27.44 -33.20
N CYS C 406 -14.93 28.26 -33.68
CA CYS C 406 -13.58 28.26 -33.11
C CYS C 406 -13.48 28.89 -31.72
N LEU C 407 -14.48 29.70 -31.36
CA LEU C 407 -14.62 30.33 -30.04
C LEU C 407 -15.24 29.45 -28.93
N GLN C 408 -15.84 28.34 -29.34
CA GLN C 408 -16.43 27.36 -28.43
C GLN C 408 -15.79 27.22 -27.08
N ASP C 409 -14.48 27.01 -27.11
CA ASP C 409 -13.78 26.43 -25.98
C ASP C 409 -12.88 27.48 -25.34
N VAL C 410 -12.82 27.39 -24.02
CA VAL C 410 -12.06 28.33 -23.16
C VAL C 410 -10.56 28.07 -23.25
N HIS C 411 -10.19 26.84 -23.60
CA HIS C 411 -8.79 26.34 -23.51
C HIS C 411 -7.68 27.32 -23.93
N TRP C 412 -7.76 27.83 -25.14
CA TRP C 412 -6.69 28.67 -25.64
C TRP C 412 -6.60 29.99 -24.85
N SER C 413 -7.76 30.64 -24.66
CA SER C 413 -7.85 31.83 -23.78
C SER C 413 -7.26 31.56 -22.40
N GLY C 414 -7.42 30.32 -21.92
CA GLY C 414 -6.88 29.91 -20.62
C GLY C 414 -5.44 29.46 -20.68
N GLY C 415 -4.78 29.71 -21.80
CA GLY C 415 -3.38 29.36 -21.95
C GLY C 415 -3.07 27.87 -22.05
N MET C 416 -4.07 27.06 -22.44
CA MET C 416 -3.89 25.61 -22.57
C MET C 416 -3.80 25.17 -24.03
N PHE C 417 -2.57 25.01 -24.49
CA PHE C 417 -2.26 24.65 -25.86
C PHE C 417 -1.48 23.31 -25.80
N GLY C 418 -1.81 22.35 -26.66
CA GLY C 418 -1.25 21.01 -26.61
C GLY C 418 -2.06 20.05 -25.74
N TYR C 419 -3.17 20.55 -25.21
CA TYR C 419 -4.03 19.82 -24.25
C TYR C 419 -5.06 18.93 -24.98
N PHE C 420 -5.72 19.50 -25.99
CA PHE C 420 -6.78 18.81 -26.72
C PHE C 420 -6.48 17.38 -27.18
N PRO C 421 -5.32 17.15 -27.83
CA PRO C 421 -5.14 15.78 -28.32
C PRO C 421 -5.27 14.70 -27.26
N THR C 422 -5.06 15.05 -25.98
CA THR C 422 -5.06 14.05 -24.88
C THR C 422 -6.43 13.38 -24.70
N TYR C 423 -7.49 14.03 -25.13
CA TYR C 423 -8.81 13.45 -24.98
C TYR C 423 -8.97 12.21 -25.84
N SER C 424 -8.33 12.19 -27.00
CA SER C 424 -8.45 11.03 -27.89
C SER C 424 -7.49 9.94 -27.53
N LEU C 425 -6.32 10.31 -26.98
CA LEU C 425 -5.34 9.36 -26.47
C LEU C 425 -6.02 8.56 -25.38
N GLY C 426 -6.76 9.28 -24.54
CA GLY C 426 -7.67 8.68 -23.55
C GLY C 426 -8.67 7.70 -24.11
N ALA C 427 -9.49 8.10 -25.11
CA ALA C 427 -10.34 7.11 -25.78
C ALA C 427 -9.55 5.85 -26.24
N MET C 428 -8.34 6.06 -26.76
CA MET C 428 -7.52 4.95 -27.26
C MET C 428 -6.98 4.13 -26.09
N VAL C 429 -6.61 4.80 -24.99
CA VAL C 429 -6.13 4.03 -23.83
C VAL C 429 -7.25 3.16 -23.33
N ALA C 430 -8.45 3.72 -23.31
CA ALA C 430 -9.58 3.00 -22.75
C ALA C 430 -9.94 1.74 -23.56
N ALA C 431 -9.92 1.84 -24.89
CA ALA C 431 -10.26 0.74 -25.82
C ALA C 431 -9.19 -0.33 -25.82
N GLN C 432 -7.93 0.08 -25.70
CA GLN C 432 -6.81 -0.85 -25.53
C GLN C 432 -6.88 -1.62 -24.24
N LEU C 433 -7.24 -0.93 -23.16
CA LEU C 433 -7.34 -1.58 -21.86
C LEU C 433 -8.49 -2.53 -21.81
N MET C 434 -9.62 -2.15 -22.36
CA MET C 434 -10.77 -3.05 -22.37
C MET C 434 -10.53 -4.27 -23.27
N SER C 435 -9.82 -4.07 -24.36
CA SER C 435 -9.41 -5.18 -25.21
C SER C 435 -8.66 -6.25 -24.43
N CYS C 436 -7.70 -5.83 -23.60
CA CYS C 436 -6.94 -6.74 -22.75
C CYS C 436 -7.79 -7.37 -21.66
N VAL C 437 -8.59 -6.55 -20.98
CA VAL C 437 -9.47 -7.01 -19.91
C VAL C 437 -10.40 -8.08 -20.41
N ARG C 438 -10.96 -7.88 -21.59
CA ARG C 438 -11.84 -8.91 -22.19
C ARG C 438 -11.08 -10.18 -22.56
N ARG C 439 -9.88 -10.03 -23.11
CA ARG C 439 -9.07 -11.18 -23.49
C ARG C 439 -8.56 -11.99 -22.27
N GLU C 440 -8.24 -11.30 -21.17
CA GLU C 440 -7.75 -11.96 -19.96
C GLU C 440 -8.89 -12.51 -19.11
N LEU C 441 -10.01 -11.79 -18.98
CA LEU C 441 -11.14 -12.35 -18.24
C LEU C 441 -12.04 -13.25 -19.11
N GLY C 442 -12.01 -13.06 -20.42
CA GLY C 442 -12.98 -13.72 -21.28
C GLY C 442 -14.14 -12.77 -21.47
N GLU C 443 -14.61 -12.65 -22.71
CA GLU C 443 -15.71 -11.76 -23.13
C GLU C 443 -17.02 -11.97 -22.35
N GLU C 444 -17.35 -13.23 -22.09
CA GLU C 444 -18.58 -13.60 -21.38
C GLU C 444 -18.53 -13.20 -19.91
N VAL C 445 -17.38 -13.30 -19.28
CA VAL C 445 -17.23 -12.89 -17.89
C VAL C 445 -17.38 -11.37 -17.78
N VAL C 446 -16.69 -10.64 -18.66
CA VAL C 446 -16.86 -9.17 -18.73
C VAL C 446 -18.32 -8.76 -18.96
N ASP C 447 -19.01 -9.35 -19.94
CA ASP C 447 -20.44 -9.04 -20.10
C ASP C 447 -21.28 -9.40 -18.86
N ASP C 448 -20.94 -10.48 -18.18
CA ASP C 448 -21.70 -10.87 -17.00
C ASP C 448 -21.45 -9.87 -15.90
N CYS C 449 -20.21 -9.38 -15.79
CA CYS C 449 -19.89 -8.42 -14.74
C CYS C 449 -20.69 -7.16 -14.93
N ILE C 450 -20.72 -6.65 -16.16
CA ILE C 450 -21.41 -5.39 -16.52
C ILE C 450 -22.94 -5.50 -16.41
N ARG C 451 -23.51 -6.52 -17.03
CA ARG C 451 -24.97 -6.63 -17.07
C ARG C 451 -25.58 -6.92 -15.69
N LYS C 452 -24.79 -7.50 -14.79
CA LYS C 452 -25.15 -7.67 -13.38
C LYS C 452 -24.65 -6.59 -12.42
N GLY C 453 -24.00 -5.54 -12.94
CA GLY C 453 -23.42 -4.48 -12.10
C GLY C 453 -22.50 -5.01 -11.00
N ASP C 454 -21.71 -6.02 -11.35
CA ASP C 454 -20.77 -6.66 -10.44
C ASP C 454 -19.38 -6.43 -11.05
N LEU C 455 -18.88 -5.21 -10.88
CA LEU C 455 -17.66 -4.77 -11.58
C LEU C 455 -16.33 -5.10 -10.94
N GLY C 456 -16.35 -5.68 -9.75
CA GLY C 456 -15.14 -6.10 -9.02
C GLY C 456 -13.93 -6.64 -9.81
N LYS C 457 -14.18 -7.62 -10.68
CA LYS C 457 -13.11 -8.29 -11.40
C LYS C 457 -12.47 -7.37 -12.42
N ILE C 458 -13.28 -6.46 -12.98
CA ILE C 458 -12.81 -5.50 -13.97
C ILE C 458 -11.98 -4.40 -13.31
N LEU C 459 -12.53 -3.79 -12.27
CA LEU C 459 -11.83 -2.78 -11.47
C LEU C 459 -10.51 -3.32 -10.94
N ALA C 460 -10.49 -4.56 -10.41
CA ALA C 460 -9.23 -5.21 -10.01
C ALA C 460 -8.17 -5.21 -11.12
N LYS C 461 -8.56 -5.56 -12.35
CA LYS C 461 -7.66 -5.51 -13.47
C LYS C 461 -7.13 -4.08 -13.69
N GLN C 462 -8.02 -3.12 -13.70
CA GLN C 462 -7.64 -1.71 -13.85
C GLN C 462 -6.64 -1.27 -12.78
N ASN C 463 -6.92 -1.65 -11.54
CA ASN C 463 -6.02 -1.35 -10.39
C ASN C 463 -4.59 -1.92 -10.57
N GLU C 464 -4.55 -3.24 -10.75
CA GLU C 464 -3.35 -3.98 -11.09
C GLU C 464 -2.59 -3.38 -12.24
N LYS C 465 -3.28 -3.12 -13.34
CA LYS C 465 -2.60 -2.75 -14.58
C LYS C 465 -2.23 -1.29 -14.64
N ILE C 466 -3.08 -0.44 -14.11
CA ILE C 466 -2.77 0.97 -14.16
C ILE C 466 -2.62 1.63 -12.79
N TRP C 467 -3.65 1.57 -11.94
CA TRP C 467 -3.82 2.61 -10.90
C TRP C 467 -2.67 2.50 -9.90
N GLN C 468 -2.30 1.26 -9.60
CA GLN C 468 -1.29 1.01 -8.55
C GLN C 468 0.08 1.57 -8.91
N HIS C 469 0.35 1.80 -10.20
CA HIS C 469 1.72 2.21 -10.59
C HIS C 469 1.99 3.70 -10.52
N GLY C 470 0.94 4.52 -10.56
CA GLY C 470 1.06 5.95 -10.58
C GLY C 470 1.98 6.41 -11.68
N SER C 471 3.07 7.07 -11.32
CA SER C 471 4.07 7.57 -12.27
C SER C 471 5.43 6.90 -12.09
N SER C 472 5.47 5.67 -11.56
CA SER C 472 6.70 4.93 -11.32
C SER C 472 7.25 4.39 -12.62
N LEU C 473 6.37 4.29 -13.62
CA LEU C 473 6.75 3.86 -14.97
C LEU C 473 6.47 4.95 -15.95
N THR C 474 7.29 4.95 -16.99
CA THR C 474 7.08 5.72 -18.22
C THR C 474 5.72 5.37 -18.77
N THR C 475 5.12 6.22 -19.62
CA THR C 475 3.82 5.88 -20.19
C THR C 475 3.94 4.60 -21.05
N ASP C 476 4.91 4.60 -21.96
CA ASP C 476 5.14 3.47 -22.86
C ASP C 476 5.37 2.17 -22.05
N GLU C 477 6.18 2.23 -20.99
CA GLU C 477 6.47 1.08 -20.10
C GLU C 477 5.18 0.65 -19.44
N LEU C 478 4.35 1.63 -19.03
CA LEU C 478 3.10 1.32 -18.35
C LEU C 478 2.13 0.55 -19.25
N LEU C 479 1.96 1.08 -20.44
CA LEU C 479 1.05 0.47 -21.41
C LEU C 479 1.63 -0.87 -21.86
N ARG C 480 2.96 -0.96 -21.99
CA ARG C 480 3.57 -2.23 -22.34
C ARG C 480 3.33 -3.31 -21.30
N GLN C 481 3.53 -2.98 -20.02
CA GLN C 481 3.34 -3.92 -18.89
C GLN C 481 1.86 -4.39 -18.76
N ALA C 482 0.95 -3.47 -19.03
CA ALA C 482 -0.47 -3.66 -18.83
C ALA C 482 -1.11 -4.38 -20.00
N THR C 483 -0.72 -4.03 -21.22
CA THR C 483 -1.40 -4.50 -22.43
C THR C 483 -0.49 -5.17 -23.46
N GLY C 484 0.81 -5.21 -23.21
CA GLY C 484 1.72 -5.95 -24.09
C GLY C 484 2.26 -5.07 -25.21
N GLU C 485 1.77 -3.84 -25.30
CA GLU C 485 2.28 -2.90 -26.28
C GLU C 485 2.07 -1.45 -25.85
N THR C 486 2.74 -0.61 -26.62
CA THR C 486 2.63 0.82 -26.68
C THR C 486 1.23 1.20 -27.20
N LEU C 487 0.82 2.44 -26.99
CA LEU C 487 -0.53 2.85 -27.40
C LEU C 487 -0.78 2.61 -28.90
N ASN C 488 -1.83 1.85 -29.19
CA ASN C 488 -2.14 1.40 -30.52
C ASN C 488 -3.59 1.76 -30.84
N PRO C 489 -3.80 2.72 -31.75
CA PRO C 489 -5.12 3.23 -32.06
C PRO C 489 -6.06 2.24 -32.77
N GLU C 490 -5.55 1.07 -33.14
CA GLU C 490 -6.36 0.06 -33.84
C GLU C 490 -7.43 -0.52 -32.93
N HIS C 491 -7.20 -0.52 -31.63
CA HIS C 491 -8.22 -0.98 -30.65
C HIS C 491 -9.43 -0.05 -30.66
N TYR C 492 -9.15 1.24 -30.73
CA TYR C 492 -10.18 2.24 -30.79
C TYR C 492 -10.99 2.08 -32.07
N ARG C 493 -10.29 1.99 -33.18
CA ARG C 493 -10.94 1.73 -34.49
C ARG C 493 -11.91 0.54 -34.42
N ARG C 494 -11.41 -0.60 -33.93
CA ARG C 494 -12.21 -1.82 -33.85
C ARG C 494 -13.37 -1.63 -32.90
N HIS C 495 -13.14 -0.92 -31.80
CA HIS C 495 -14.24 -0.61 -30.86
C HIS C 495 -15.38 0.17 -31.53
N LEU C 496 -15.03 1.26 -32.19
CA LEU C 496 -16.04 2.06 -32.86
C LEU C 496 -16.75 1.35 -34.03
N GLU C 497 -16.00 0.56 -34.82
CA GLU C 497 -16.59 -0.19 -35.93
C GLU C 497 -17.55 -1.23 -35.39
N ARG C 498 -17.09 -2.03 -34.43
CA ARG C 498 -17.96 -3.02 -33.82
C ARG C 498 -19.24 -2.43 -33.22
N ARG C 499 -19.13 -1.32 -32.51
CA ARG C 499 -20.29 -0.76 -31.82
C ARG C 499 -21.24 -0.09 -32.82
N TYR C 500 -20.71 0.69 -33.76
CA TYR C 500 -21.57 1.59 -34.58
C TYR C 500 -21.83 1.14 -35.97
N ARG C 501 -20.96 0.29 -36.47
CA ARG C 501 -20.99 -0.13 -37.85
C ARG C 501 -21.57 -1.53 -37.98
N ASP C 502 -21.00 -2.46 -37.25
CA ASP C 502 -21.51 -3.83 -37.26
C ASP C 502 -22.79 -3.83 -36.43
N GLY D 1 10.18 58.46 2.88
CA GLY D 1 10.49 57.01 3.05
C GLY D 1 10.34 56.55 4.49
N SER D 2 9.85 57.45 5.36
CA SER D 2 9.72 57.18 6.80
C SER D 2 8.57 56.22 7.07
N MET D 3 7.67 56.12 6.10
CA MET D 3 6.44 55.32 6.17
C MET D 3 6.65 53.97 5.48
N LYS D 4 7.86 53.75 4.99
CA LYS D 4 8.18 52.53 4.24
C LYS D 4 8.02 51.28 5.12
N PRO D 5 8.60 51.27 6.32
CA PRO D 5 8.47 50.11 7.20
C PRO D 5 7.02 49.71 7.49
N TYR D 6 6.18 50.69 7.81
CA TYR D 6 4.74 50.45 8.08
C TYR D 6 4.09 49.87 6.83
N LYS D 7 4.41 50.43 5.68
CA LYS D 7 3.81 49.97 4.44
C LYS D 7 4.24 48.55 4.07
N GLU D 8 5.51 48.20 4.32
CA GLU D 8 5.98 46.83 4.15
C GLU D 8 5.24 45.90 5.11
N LEU D 9 5.08 46.34 6.35
CA LEU D 9 4.24 45.62 7.33
C LEU D 9 2.82 45.36 6.84
N GLU D 10 2.21 46.38 6.24
CA GLU D 10 0.86 46.20 5.68
C GLU D 10 0.85 45.05 4.70
N ARG D 11 1.85 45.08 3.82
CA ARG D 11 2.07 44.07 2.81
C ARG D 11 2.17 42.67 3.40
N VAL D 12 3.00 42.51 4.44
CA VAL D 12 3.17 41.23 5.14
C VAL D 12 1.88 40.78 5.74
N PHE D 13 1.16 41.69 6.39
CA PHE D 13 -0.07 41.29 7.04
C PHE D 13 -1.13 40.91 6.01
N THR D 14 -1.10 41.53 4.82
CA THR D 14 -2.04 41.18 3.76
C THR D 14 -1.75 39.76 3.29
N LYS D 15 -0.48 39.40 3.26
CA LYS D 15 -0.01 38.02 2.97
C LYS D 15 -0.50 36.98 3.99
N LEU D 16 -0.28 37.26 5.26
CA LEU D 16 -0.81 36.41 6.33
C LEU D 16 -2.33 36.28 6.28
N TYR D 17 -3.01 37.37 5.91
CA TYR D 17 -4.44 37.35 5.77
C TYR D 17 -4.89 36.38 4.67
N ARG D 18 -4.14 36.38 3.59
CA ARG D 18 -4.37 35.46 2.48
C ARG D 18 -4.14 34.00 2.86
N TYR D 19 -3.05 33.72 3.58
CA TYR D 19 -2.85 32.37 4.13
C TYR D 19 -3.95 31.93 5.11
N GLY D 20 -4.43 32.88 5.92
CA GLY D 20 -5.44 32.60 6.93
C GLY D 20 -6.78 32.25 6.31
N HIS D 21 -7.11 32.89 5.17
CA HIS D 21 -8.29 32.53 4.33
C HIS D 21 -8.27 31.04 4.04
N MET D 22 -7.12 30.55 3.60
CA MET D 22 -6.95 29.12 3.32
C MET D 22 -7.23 28.27 4.57
N LEU D 23 -6.68 28.66 5.71
CA LEU D 23 -6.80 27.87 6.94
C LEU D 23 -8.19 27.86 7.45
N LEU D 24 -8.85 29.00 7.33
CA LEU D 24 -10.21 29.15 7.81
C LEU D 24 -11.17 28.33 6.97
N LEU D 25 -10.95 28.28 5.65
CA LEU D 25 -11.76 27.41 4.76
C LEU D 25 -11.56 25.93 5.09
N ALA D 26 -10.32 25.51 5.23
CA ALA D 26 -9.97 24.16 5.64
C ALA D 26 -10.60 23.77 6.99
N ASP D 27 -10.64 24.71 7.93
CA ASP D 27 -11.30 24.45 9.22
C ASP D 27 -12.82 24.33 9.07
N TRP D 28 -13.45 25.27 8.36
CA TRP D 28 -14.87 25.18 8.08
C TRP D 28 -15.24 23.86 7.37
N ASP D 29 -14.45 23.50 6.37
CA ASP D 29 -14.75 22.33 5.53
C ASP D 29 -14.62 21.05 6.35
N SER D 30 -13.56 21.02 7.15
CA SER D 30 -13.28 19.96 8.09
C SER D 30 -14.47 19.55 8.92
N HIS D 31 -15.25 20.53 9.37
CA HIS D 31 -16.43 20.29 10.22
C HIS D 31 -17.77 20.08 9.50
N THR D 32 -17.81 20.36 8.20
CA THR D 32 -19.07 20.36 7.44
C THR D 32 -19.08 19.33 6.32
N MET D 33 -18.07 19.37 5.45
CA MET D 33 -18.08 18.63 4.19
C MET D 33 -17.15 17.43 4.16
N MET D 34 -16.09 17.49 4.96
CA MET D 34 -15.01 16.52 4.79
C MET D 34 -15.39 15.13 5.23
N PRO D 35 -15.19 14.14 4.38
CA PRO D 35 -15.43 12.76 4.79
C PRO D 35 -14.29 12.28 5.69
N CSX D 36 -14.54 11.23 6.48
CA CSX D 36 -13.64 10.89 7.60
CB CSX D 36 -14.28 9.91 8.58
SG CSX D 36 -14.66 8.48 7.84
C CSX D 36 -12.28 10.46 7.18
O CSX D 36 -11.32 10.77 7.89
OD CSX D 36 -13.79 6.97 8.36
N LYS D 37 -12.13 9.80 6.05
CA LYS D 37 -10.79 9.40 5.61
C LYS D 37 -9.89 10.54 5.14
N GLY D 38 -10.46 11.72 4.90
CA GLY D 38 -9.70 12.89 4.48
C GLY D 38 -9.02 13.65 5.63
N SER D 39 -9.20 13.12 6.85
CA SER D 39 -8.87 13.84 8.08
C SER D 39 -7.37 13.95 8.27
N ASP D 40 -6.66 12.86 8.11
CA ASP D 40 -5.20 12.92 8.26
C ASP D 40 -4.55 13.89 7.29
N ALA D 41 -4.96 13.82 6.02
CA ALA D 41 -4.40 14.70 4.99
C ALA D 41 -4.74 16.13 5.28
N ARG D 42 -5.91 16.39 5.84
CA ARG D 42 -6.36 17.75 6.11
C ARG D 42 -5.60 18.45 7.25
N GLY D 43 -5.43 17.75 8.37
CA GLY D 43 -4.63 18.22 9.50
C GLY D 43 -3.14 18.40 9.19
N ALA D 44 -2.54 17.48 8.43
CA ALA D 44 -1.15 17.65 7.95
C ALA D 44 -1.00 18.95 7.08
N ALA D 45 -2.01 19.22 6.25
CA ALA D 45 -2.02 20.45 5.42
C ALA D 45 -2.28 21.71 6.23
N MET D 46 -3.17 21.65 7.22
CA MET D 46 -3.40 22.79 8.09
C MET D 46 -2.14 23.11 8.92
N ALA D 47 -1.46 22.08 9.37
CA ALA D 47 -0.27 22.20 10.21
C ALA D 47 0.89 22.84 9.44
N GLU D 48 1.02 22.46 8.17
CA GLU D 48 2.10 22.98 7.34
C GLU D 48 1.91 24.47 7.03
N LEU D 49 0.66 24.85 6.77
CA LEU D 49 0.35 26.23 6.49
C LEU D 49 0.48 27.12 7.75
N GLN D 50 -0.09 26.67 8.88
CA GLN D 50 0.12 27.28 10.21
C GLN D 50 1.62 27.56 10.50
N LEU D 51 2.47 26.56 10.26
CA LEU D 51 3.90 26.68 10.40
C LEU D 51 4.48 27.81 9.52
N HIS D 52 4.01 27.90 8.28
CA HIS D 52 4.53 28.92 7.39
C HIS D 52 4.14 30.31 7.90
N MET D 53 2.86 30.48 8.21
CA MET D 53 2.32 31.70 8.83
C MET D 53 3.10 32.12 10.11
N HIS D 54 3.39 31.14 10.96
CA HIS D 54 4.22 31.33 12.16
C HIS D 54 5.65 31.80 11.79
N ASP D 55 6.27 31.10 10.83
CA ASP D 55 7.57 31.50 10.34
C ASP D 55 7.57 32.91 9.76
N THR D 56 6.51 33.27 9.06
CA THR D 56 6.41 34.60 8.46
C THR D 56 6.34 35.72 9.50
N ILE D 57 5.45 35.57 10.48
CA ILE D 57 5.21 36.65 11.44
C ILE D 57 6.32 36.71 12.52
N THR D 58 7.10 35.65 12.71
CA THR D 58 8.17 35.65 13.68
C THR D 58 9.58 35.83 13.07
N ALA D 59 9.66 36.05 11.78
CA ALA D 59 10.93 36.37 11.15
C ALA D 59 11.50 37.63 11.83
N PRO D 60 12.83 37.66 12.10
CA PRO D 60 13.42 38.84 12.76
C PRO D 60 13.05 40.16 12.12
N LYS D 61 12.84 40.19 10.80
CA LYS D 61 12.48 41.42 10.09
C LYS D 61 11.24 42.09 10.64
N ILE D 62 10.26 41.30 11.07
CA ILE D 62 8.98 41.85 11.43
C ILE D 62 9.13 42.73 12.67
N ARG D 63 9.85 42.22 13.68
CA ARG D 63 10.14 43.00 14.89
C ARG D 63 10.86 44.31 14.54
N ALA D 64 11.89 44.20 13.71
CA ALA D 64 12.67 45.38 13.29
C ALA D 64 11.76 46.40 12.56
N LEU D 65 10.89 45.93 11.66
CA LEU D 65 10.02 46.83 10.94
C LEU D 65 9.00 47.47 11.87
N ILE D 66 8.51 46.71 12.86
CA ILE D 66 7.57 47.30 13.81
C ILE D 66 8.26 48.39 14.63
N GLU D 67 9.47 48.14 15.11
CA GLU D 67 10.23 49.11 15.88
C GLU D 67 10.58 50.34 15.06
N GLU D 68 11.02 50.14 13.81
CA GLU D 68 11.21 51.30 12.90
C GLU D 68 9.90 52.08 12.65
N ALA D 69 8.79 51.41 12.41
CA ALA D 69 7.50 52.13 12.21
C ALA D 69 7.06 52.92 13.45
N GLU D 70 7.36 52.39 14.63
CA GLU D 70 6.99 53.03 15.89
C GLU D 70 7.81 54.27 16.17
N LYS D 71 9.07 54.33 15.72
CA LYS D 71 9.91 55.52 15.87
C LYS D 71 9.29 56.74 15.20
N SER D 72 8.49 56.50 14.18
CA SER D 72 7.96 57.58 13.37
C SER D 72 6.45 57.49 13.30
N VAL D 73 5.84 57.09 14.41
CA VAL D 73 4.41 56.78 14.44
C VAL D 73 3.58 58.05 14.15
N GLY D 74 4.15 59.21 14.48
CA GLY D 74 3.48 60.47 14.27
C GLY D 74 3.23 60.84 12.82
N ASP D 75 4.07 60.36 11.91
CA ASP D 75 3.83 60.51 10.47
C ASP D 75 2.62 59.71 9.94
N LEU D 76 2.08 58.79 10.72
CA LEU D 76 0.97 57.99 10.23
C LEU D 76 -0.35 58.64 10.54
N GLU D 77 -1.33 58.33 9.68
CA GLU D 77 -2.71 58.70 9.87
C GLU D 77 -3.27 57.92 11.06
N LYS D 78 -4.34 58.44 11.60
CA LYS D 78 -4.92 57.92 12.84
C LYS D 78 -5.23 56.43 12.78
N LEU D 79 -5.88 56.00 11.71
CA LEU D 79 -6.21 54.60 11.54
C LEU D 79 -4.97 53.73 11.28
N GLN D 80 -3.95 54.30 10.67
CA GLN D 80 -2.69 53.59 10.41
C GLN D 80 -1.97 53.34 11.73
N ARG D 81 -1.99 54.35 12.62
CA ARG D 81 -1.45 54.25 13.99
C ARG D 81 -2.13 53.12 14.76
N ALA D 82 -3.47 53.09 14.76
CA ALA D 82 -4.21 51.96 15.37
C ALA D 82 -3.78 50.64 14.77
N ASN D 83 -3.63 50.60 13.45
CA ASN D 83 -3.28 49.35 12.76
C ASN D 83 -1.90 48.87 13.24
N LEU D 84 -0.96 49.79 13.34
CA LEU D 84 0.35 49.42 13.87
C LEU D 84 0.29 48.91 15.30
N ARG D 85 -0.55 49.49 16.16
CA ARG D 85 -0.76 48.91 17.50
C ARG D 85 -1.22 47.47 17.36
N GLU D 86 -2.15 47.27 16.44
CA GLU D 86 -2.76 45.94 16.25
C GLU D 86 -1.73 44.96 15.67
N MET D 87 -0.81 45.46 14.85
CA MET D 87 0.30 44.62 14.32
C MET D 87 1.23 44.17 15.43
N ARG D 88 1.65 45.09 16.30
CA ARG D 88 2.43 44.71 17.47
C ARG D 88 1.73 43.65 18.35
N ARG D 89 0.44 43.83 18.61
CA ARG D 89 -0.30 42.83 19.38
C ARG D 89 -0.23 41.45 18.71
N ALA D 90 -0.53 41.42 17.40
CA ALA D 90 -0.49 40.18 16.65
C ALA D 90 0.91 39.54 16.68
N TRP D 91 1.94 40.37 16.54
CA TRP D 91 3.31 39.91 16.61
C TRP D 91 3.66 39.32 18.00
N GLU D 92 3.32 40.05 19.05
CA GLU D 92 3.58 39.60 20.43
C GLU D 92 2.86 38.30 20.75
N LEU D 93 1.62 38.17 20.29
CA LEU D 93 0.86 36.93 20.52
C LEU D 93 1.59 35.66 19.97
N GLU D 94 2.32 35.82 18.90
CA GLU D 94 2.98 34.67 18.29
C GLU D 94 4.43 34.51 18.77
N ASN D 95 5.03 35.62 19.15
CA ASN D 95 6.47 35.71 19.26
C ASN D 95 6.99 35.58 20.68
N LEU D 96 6.13 35.80 21.67
CA LEU D 96 6.62 35.80 23.06
C LEU D 96 6.86 34.41 23.60
N LEU D 97 6.31 33.41 22.93
CA LEU D 97 6.49 32.04 23.35
C LEU D 97 7.67 31.48 22.57
N PRO D 98 8.69 30.94 23.27
CA PRO D 98 9.75 30.29 22.51
C PRO D 98 9.18 29.11 21.74
N GLU D 99 9.85 28.71 20.67
CA GLU D 99 9.40 27.59 19.83
C GLU D 99 9.53 26.27 20.61
N GLU D 100 10.42 26.24 21.61
CA GLU D 100 10.57 25.11 22.52
C GLU D 100 9.29 24.93 23.35
N PHE D 101 8.64 26.05 23.67
CA PHE D 101 7.37 26.04 24.36
C PHE D 101 6.22 25.75 23.37
N VAL D 102 6.23 26.43 22.23
CA VAL D 102 5.14 26.28 21.26
C VAL D 102 4.96 24.84 20.81
N GLU D 103 6.07 24.12 20.63
CA GLU D 103 6.05 22.70 20.23
C GLU D 103 5.57 21.84 21.40
N ARG D 104 6.13 22.10 22.59
CA ARG D 104 5.79 21.35 23.77
C ARG D 104 4.29 21.48 24.15
N LYS D 105 3.69 22.62 23.82
CA LYS D 105 2.25 22.82 24.03
C LYS D 105 1.41 22.10 22.97
N THR D 106 1.91 22.06 21.74
CA THR D 106 1.16 21.49 20.63
C THR D 106 1.17 19.96 20.70
N VAL D 107 2.09 19.40 21.50
CA VAL D 107 2.15 17.94 21.66
C VAL D 107 1.05 17.52 22.63
N LEU D 108 1.08 18.16 23.80
CA LEU D 108 0.06 17.95 24.84
C LEU D 108 -1.37 18.29 24.36
N THR D 109 -1.56 19.50 23.85
CA THR D 109 -2.83 19.88 23.22
C THR D 109 -3.25 18.85 22.18
N LEU D 129 -6.43 12.81 33.92
CA LEU D 129 -6.02 13.39 35.11
C LEU D 129 -4.53 13.85 35.10
N PRO D 130 -3.55 12.87 34.96
CA PRO D 130 -2.13 13.27 34.80
C PRO D 130 -1.96 14.46 33.81
N THR D 131 -2.61 14.30 32.62
CA THR D 131 -2.65 15.37 31.62
C THR D 131 -2.90 16.72 32.27
N LEU D 132 -3.93 16.80 33.13
CA LEU D 132 -4.43 18.10 33.64
C LEU D 132 -3.43 18.80 34.53
N LYS D 133 -2.74 18.03 35.38
CA LYS D 133 -1.65 18.57 36.18
C LYS D 133 -0.57 19.16 35.27
N GLU D 134 -0.40 18.54 34.09
CA GLU D 134 0.58 18.97 33.08
C GLU D 134 0.03 20.10 32.22
N LEU D 135 -1.25 20.03 31.88
CA LEU D 135 -1.90 21.15 31.21
C LEU D 135 -1.82 22.40 32.11
N ILE D 136 -2.07 22.22 33.41
CA ILE D 136 -2.09 23.34 34.36
C ILE D 136 -0.71 23.98 34.58
N ALA D 137 0.32 23.15 34.76
CA ALA D 137 1.70 23.61 34.99
C ALA D 137 2.26 24.30 33.76
N LEU D 138 1.67 24.00 32.59
CA LEU D 138 2.04 24.62 31.33
C LEU D 138 1.35 25.99 31.17
N PHE D 139 0.04 26.05 31.48
CA PHE D 139 -0.70 27.32 31.50
C PHE D 139 -0.07 28.34 32.43
N ARG D 140 0.35 27.89 33.61
CA ARG D 140 1.13 28.73 34.53
C ARG D 140 2.45 29.23 33.90
N GLU D 141 3.04 28.40 33.04
CA GLU D 141 4.30 28.78 32.39
C GLU D 141 3.96 29.77 31.29
N GLU D 142 3.00 29.37 30.46
CA GLU D 142 2.48 30.19 29.37
C GLU D 142 2.17 31.63 29.81
N GLY D 143 1.43 31.77 30.90
CA GLY D 143 1.12 33.08 31.45
C GLY D 143 2.36 33.87 31.81
N LYS D 144 3.28 33.25 32.55
CA LYS D 144 4.55 33.89 32.89
C LYS D 144 5.29 34.39 31.64
N LEU D 145 5.30 33.58 30.59
CA LEU D 145 5.97 33.94 29.33
C LEU D 145 5.25 35.11 28.67
N ARG D 146 3.94 34.94 28.50
CA ARG D 146 3.14 35.98 27.86
C ARG D 146 3.14 37.29 28.67
N ALA D 147 3.32 37.22 29.99
CA ALA D 147 3.49 38.45 30.80
C ALA D 147 4.74 39.24 30.41
N GLY D 148 5.75 38.56 29.86
CA GLY D 148 7.01 39.21 29.51
C GLY D 148 7.62 39.82 30.75
N ASN D 149 7.91 41.12 30.70
CA ASN D 149 8.27 41.87 31.89
C ASN D 149 7.35 43.07 32.11
N SER D 150 6.06 42.86 31.85
CA SER D 150 5.03 43.89 32.12
C SER D 150 4.70 43.99 33.61
N GLY D 151 5.02 42.94 34.36
CA GLY D 151 4.62 42.84 35.75
C GLY D 151 3.23 42.25 35.89
N LYS D 152 2.62 41.86 34.77
CA LYS D 152 1.24 41.36 34.76
C LYS D 152 1.16 39.99 35.39
N HIS D 153 0.09 39.79 36.15
CA HIS D 153 -0.30 38.47 36.61
C HIS D 153 -0.40 37.56 35.40
N PRO D 154 0.11 36.32 35.52
CA PRO D 154 0.04 35.32 34.47
C PRO D 154 -1.34 35.03 33.89
N TYR D 155 -2.36 34.97 34.73
CA TYR D 155 -3.72 34.70 34.27
C TYR D 155 -4.22 35.92 33.45
N GLU D 156 -3.88 37.14 33.90
CA GLU D 156 -4.16 38.37 33.11
C GLU D 156 -3.58 38.30 31.67
N ALA D 157 -2.33 37.84 31.59
CA ALA D 157 -1.66 37.56 30.31
C ALA D 157 -2.38 36.49 29.45
N LEU D 158 -3.05 35.52 30.07
CA LEU D 158 -3.87 34.56 29.30
C LEU D 158 -5.23 35.14 28.86
N VAL D 159 -5.92 35.82 29.76
CA VAL D 159 -7.20 36.44 29.43
C VAL D 159 -7.01 37.44 28.30
N ASP D 160 -5.93 38.22 28.39
CA ASP D 160 -5.50 39.19 27.38
C ASP D 160 -5.49 38.66 25.95
N ILE D 161 -5.25 37.37 25.79
CA ILE D 161 -5.27 36.74 24.47
C ILE D 161 -6.65 36.95 23.83
N TYR D 162 -7.71 36.78 24.63
CA TYR D 162 -9.09 36.80 24.14
C TYR D 162 -9.75 38.15 24.38
N GLU D 163 -9.25 38.86 25.39
CA GLU D 163 -9.87 40.07 25.85
C GLU D 163 -8.79 41.10 26.08
N PRO D 164 -8.23 41.64 24.99
CA PRO D 164 -7.12 42.59 25.16
C PRO D 164 -7.45 43.69 26.15
N GLY D 165 -6.53 44.01 27.04
CA GLY D 165 -6.72 45.16 27.94
C GLY D 165 -7.40 44.85 29.27
N MET D 166 -7.99 43.66 29.37
CA MET D 166 -8.74 43.29 30.57
C MET D 166 -7.73 42.95 31.66
N THR D 167 -7.88 43.62 32.80
CA THR D 167 -7.04 43.39 33.93
C THR D 167 -7.74 42.40 34.86
N LEU D 168 -6.91 41.75 35.66
CA LEU D 168 -7.38 40.76 36.60
C LEU D 168 -8.11 41.45 37.74
N GLN D 169 -7.61 42.62 38.13
CA GLN D 169 -8.30 43.48 39.06
C GLN D 169 -9.73 43.77 38.61
N ARG D 170 -9.91 44.14 37.34
CA ARG D 170 -11.25 44.41 36.83
C ARG D 170 -12.10 43.13 36.75
N LEU D 171 -11.50 42.01 36.36
CA LEU D 171 -12.26 40.76 36.21
C LEU D 171 -12.79 40.29 37.55
N ASP D 172 -11.95 40.39 38.58
CA ASP D 172 -12.39 40.05 39.91
C ASP D 172 -13.52 40.92 40.37
N GLU D 173 -13.43 42.22 40.08
CA GLU D 173 -14.52 43.16 40.41
C GLU D 173 -15.85 42.76 39.75
N ILE D 174 -15.77 42.47 38.45
CA ILE D 174 -16.94 42.10 37.61
C ILE D 174 -17.57 40.81 38.13
N PHE D 175 -16.77 39.75 38.26
CA PHE D 175 -17.33 38.49 38.77
C PHE D 175 -17.68 38.50 40.25
N GLY D 176 -16.94 39.23 41.05
CA GLY D 176 -17.31 39.40 42.44
C GLY D 176 -18.64 40.16 42.56
N ASN D 177 -18.92 41.08 41.64
CA ASN D 177 -20.23 41.74 41.56
C ASN D 177 -21.37 40.73 41.35
N VAL D 178 -21.27 39.97 40.25
CA VAL D 178 -22.20 38.89 39.93
C VAL D 178 -22.43 37.96 41.12
N ARG D 179 -21.36 37.70 41.86
CA ARG D 179 -21.45 36.72 42.95
C ARG D 179 -22.23 37.24 44.14
N SER D 180 -22.39 38.57 44.24
CA SER D 180 -23.08 39.20 45.33
C SER D 180 -24.60 39.22 45.15
N TRP D 181 -25.10 38.85 43.96
CA TRP D 181 -26.55 38.85 43.70
C TRP D 181 -27.12 37.70 42.87
N LEU D 182 -26.36 37.10 41.96
CA LEU D 182 -26.94 36.15 41.00
C LEU D 182 -27.38 34.82 41.62
N PRO D 183 -26.55 34.23 42.50
CA PRO D 183 -27.01 33.02 43.18
C PRO D 183 -28.39 33.15 43.85
N GLU D 184 -28.60 34.28 44.52
CA GLU D 184 -29.82 34.57 45.23
C GLU D 184 -30.98 34.87 44.28
N LEU D 185 -30.72 35.68 43.24
CA LEU D 185 -31.72 35.94 42.20
C LEU D 185 -32.22 34.64 41.53
N LEU D 186 -31.30 33.72 41.22
CA LEU D 186 -31.70 32.41 40.72
C LEU D 186 -32.68 31.71 41.64
N LYS D 187 -32.38 31.62 42.93
CA LYS D 187 -33.31 30.99 43.87
C LYS D 187 -34.64 31.73 43.93
N GLU D 188 -34.57 33.06 43.99
CA GLU D 188 -35.74 33.88 44.05
C GLU D 188 -36.64 33.54 42.86
N VAL D 189 -36.09 33.62 41.66
CA VAL D 189 -36.85 33.38 40.44
C VAL D 189 -37.43 31.93 40.41
N GLN D 190 -36.64 30.94 40.82
CA GLN D 190 -37.08 29.56 40.91
C GLN D 190 -38.34 29.33 41.76
N GLU D 191 -38.45 30.03 42.89
CA GLU D 191 -39.60 29.89 43.77
C GLU D 191 -40.76 30.73 43.28
N LYS D 192 -40.50 31.98 42.89
CA LYS D 192 -41.48 32.77 42.17
C LYS D 192 -42.21 31.90 41.14
N GLN D 193 -41.45 31.11 40.37
CA GLN D 193 -42.03 30.26 39.34
C GLN D 193 -42.69 29.01 39.91
N LYS D 194 -42.01 28.36 40.86
CA LYS D 194 -42.51 27.14 41.47
C LYS D 194 -43.79 27.43 42.25
N ALA D 195 -43.78 28.54 43.01
CA ALA D 195 -44.98 28.98 43.71
C ALA D 195 -46.11 29.10 42.70
N LEU D 196 -45.93 29.98 41.72
CA LEU D 196 -47.00 30.31 40.75
C LEU D 196 -47.63 29.10 40.04
N GLY D 197 -46.83 28.07 39.74
CA GLY D 197 -47.31 26.90 38.99
C GLY D 197 -48.02 27.27 37.68
N GLU D 198 -47.42 28.19 36.93
CA GLU D 198 -47.95 28.65 35.64
C GLU D 198 -47.91 27.50 34.60
N THR D 199 -48.88 27.47 33.69
CA THR D 199 -48.93 26.44 32.66
C THR D 199 -47.93 26.76 31.55
N VAL D 200 -47.01 25.83 31.30
CA VAL D 200 -46.08 25.94 30.19
C VAL D 200 -46.31 24.73 29.28
N LEU D 201 -46.78 24.99 28.06
CA LEU D 201 -47.02 23.93 27.09
C LEU D 201 -45.78 23.72 26.23
N GLU D 202 -45.23 22.51 26.32
CA GLU D 202 -44.01 22.14 25.61
C GLU D 202 -44.34 21.91 24.12
N PRO D 203 -43.64 22.58 23.19
CA PRO D 203 -43.90 22.20 21.81
C PRO D 203 -43.68 20.71 21.55
N LYS D 204 -44.56 20.11 20.75
CA LYS D 204 -44.43 18.70 20.48
C LYS D 204 -44.02 18.39 19.05
N GLY D 205 -42.98 17.57 18.91
CA GLY D 205 -42.42 17.22 17.61
C GLY D 205 -43.13 16.01 17.03
N PRO D 206 -42.71 15.53 15.85
CA PRO D 206 -41.55 16.00 15.08
C PRO D 206 -41.73 17.36 14.42
N PHE D 207 -40.62 18.07 14.35
CA PHE D 207 -40.51 19.28 13.59
C PHE D 207 -39.57 18.95 12.44
N PRO D 208 -40.11 18.67 11.24
CA PRO D 208 -39.21 18.25 10.16
C PRO D 208 -38.02 19.19 9.95
N VAL D 209 -36.86 18.60 9.71
CA VAL D 209 -35.60 19.32 9.62
C VAL D 209 -35.59 20.32 8.44
N SER D 210 -36.26 19.97 7.35
CA SER D 210 -36.32 20.85 6.19
C SER D 210 -37.09 22.10 6.57
N LYS D 211 -38.09 21.94 7.42
CA LYS D 211 -38.93 23.06 7.80
C LYS D 211 -38.17 23.91 8.81
N GLN D 212 -37.37 23.26 9.65
CA GLN D 212 -36.55 23.99 10.61
C GLN D 212 -35.50 24.80 9.88
N GLU D 213 -34.89 24.20 8.86
CA GLU D 213 -33.88 24.91 8.07
C GLU D 213 -34.52 26.13 7.38
N ALA D 214 -35.68 25.93 6.77
CA ALA D 214 -36.43 27.01 6.15
C ALA D 214 -36.70 28.15 7.16
N LEU D 215 -37.17 27.79 8.36
CA LEU D 215 -37.45 28.77 9.42
C LEU D 215 -36.18 29.51 9.85
N CYS D 216 -35.05 28.82 9.89
CA CYS D 216 -33.80 29.45 10.35
C CYS D 216 -33.33 30.47 9.31
N ARG D 217 -33.50 30.14 8.05
CA ARG D 217 -33.04 31.01 6.96
C ARG D 217 -33.92 32.23 6.95
N PHE D 218 -35.21 32.01 7.19
CA PHE D 218 -36.12 33.11 7.35
C PHE D 218 -35.63 34.12 8.40
N PHE D 219 -35.17 33.65 9.54
CA PHE D 219 -34.71 34.55 10.58
C PHE D 219 -33.36 35.17 10.26
N MET D 220 -32.52 34.50 9.47
CA MET D 220 -31.29 35.13 8.93
C MET D 220 -31.60 36.30 8.01
N ASP D 221 -32.65 36.17 7.19
CA ASP D 221 -33.21 37.30 6.41
C ASP D 221 -33.75 38.42 7.26
N VAL D 222 -34.47 38.10 8.34
CA VAL D 222 -34.91 39.10 9.30
C VAL D 222 -33.74 39.94 9.85
N TRP D 223 -32.63 39.26 10.15
CA TRP D 223 -31.39 39.90 10.62
C TRP D 223 -30.57 40.46 9.46
N LYS D 224 -31.07 40.24 8.24
CA LYS D 224 -30.47 40.77 7.02
C LYS D 224 -29.07 40.24 6.70
N PHE D 225 -28.89 38.94 6.98
CA PHE D 225 -27.70 38.18 6.60
C PHE D 225 -27.53 38.29 5.10
N ASP D 226 -26.34 38.68 4.65
CA ASP D 226 -26.05 38.80 3.25
C ASP D 226 -25.67 37.38 2.76
N PHE D 227 -26.61 36.73 2.09
CA PHE D 227 -26.40 35.39 1.55
C PHE D 227 -25.53 35.31 0.29
N ASP D 228 -25.28 36.43 -0.37
CA ASP D 228 -24.24 36.50 -1.40
C ASP D 228 -22.87 36.55 -0.78
N GLY D 229 -22.80 36.72 0.55
CA GLY D 229 -21.54 36.79 1.25
C GLY D 229 -21.44 35.86 2.43
N GLY D 230 -22.18 34.76 2.41
CA GLY D 230 -22.09 33.77 3.46
C GLY D 230 -23.02 32.59 3.23
N ARG D 231 -23.06 31.66 4.19
CA ARG D 231 -23.85 30.42 4.09
C ARG D 231 -24.39 29.93 5.41
N LEU D 232 -25.43 29.14 5.35
CA LEU D 232 -25.87 28.28 6.44
C LEU D 232 -25.70 26.81 6.03
N ASP D 233 -25.07 26.00 6.89
CA ASP D 233 -24.90 24.53 6.62
C ASP D 233 -25.00 23.72 7.92
N VAL D 234 -24.87 22.39 7.86
CA VAL D 234 -24.93 21.56 9.09
C VAL D 234 -23.53 21.12 9.57
N SER D 235 -23.32 21.21 10.88
CA SER D 235 -22.20 20.54 11.55
C SER D 235 -22.63 20.01 12.94
N ALA D 236 -21.80 19.15 13.52
CA ALA D 236 -22.03 18.55 14.84
C ALA D 236 -22.15 19.60 15.93
N HIS D 237 -21.51 20.77 15.71
CA HIS D 237 -21.61 21.89 16.64
C HIS D 237 -21.83 23.23 15.90
N PRO D 238 -22.81 24.01 16.35
CA PRO D 238 -22.97 25.32 15.74
C PRO D 238 -21.75 26.24 15.92
N PHE D 239 -21.23 26.71 14.79
CA PHE D 239 -20.25 27.80 14.84
C PHE D 239 -20.46 28.82 13.74
N CYS D 240 -19.75 29.93 13.90
CA CYS D 240 -19.66 30.99 12.91
C CYS D 240 -18.18 31.01 12.49
N GLY D 241 -17.93 30.71 11.22
CA GLY D 241 -16.55 30.56 10.77
C GLY D 241 -16.29 31.11 9.37
N ASN D 242 -15.22 30.60 8.76
CA ASN D 242 -14.70 31.01 7.47
C ASN D 242 -14.25 32.45 7.55
N SER D 243 -14.49 33.27 6.50
CA SER D 243 -13.86 34.59 6.38
C SER D 243 -14.88 35.71 6.27
N LYS D 244 -14.43 36.96 6.44
CA LYS D 244 -15.33 38.14 6.51
C LYS D 244 -16.14 38.37 5.23
N GLU D 245 -15.56 38.02 4.09
CA GLU D 245 -16.19 38.16 2.78
C GLU D 245 -17.14 37.01 2.42
N ASP D 246 -17.19 36.00 3.31
CA ASP D 246 -17.80 34.70 3.06
C ASP D 246 -17.98 34.02 4.41
N VAL D 247 -18.93 34.51 5.20
CA VAL D 247 -19.10 34.08 6.60
C VAL D 247 -20.03 32.87 6.57
N ARG D 248 -19.57 31.76 7.14
CA ARG D 248 -20.29 30.52 7.02
C ARG D 248 -20.62 30.04 8.42
N ILE D 249 -21.92 29.95 8.67
CA ILE D 249 -22.42 29.51 9.96
C ILE D 249 -23.05 28.12 9.83
N THR D 250 -23.12 27.45 10.97
CA THR D 250 -23.76 26.14 11.02
C THR D 250 -24.67 25.95 12.24
N THR D 251 -25.54 24.95 12.14
CA THR D 251 -26.42 24.55 13.21
C THR D 251 -26.58 23.05 13.11
N LYS D 252 -27.25 22.45 14.10
CA LYS D 252 -27.58 21.02 14.06
C LYS D 252 -29.09 20.92 14.31
N TYR D 253 -29.74 19.94 13.72
CA TYR D 253 -31.18 19.75 13.87
C TYR D 253 -31.51 18.41 14.48
N THR D 254 -32.54 18.40 15.32
CA THR D 254 -33.22 17.18 15.75
C THR D 254 -34.71 17.38 15.58
N GLU D 255 -35.41 16.31 15.23
CA GLU D 255 -36.85 16.41 15.09
C GLU D 255 -37.58 16.67 16.42
N THR D 256 -36.93 16.47 17.56
CA THR D 256 -37.64 16.47 18.85
C THR D 256 -37.96 17.88 19.31
N GLU D 257 -37.18 18.85 18.85
CA GLU D 257 -37.39 20.23 19.22
C GLU D 257 -36.69 21.16 18.23
N PHE D 258 -37.13 22.41 18.17
CA PHE D 258 -36.62 23.41 17.24
C PHE D 258 -35.98 24.61 17.94
N VAL D 259 -36.20 24.77 19.24
CA VAL D 259 -35.74 25.96 19.96
C VAL D 259 -34.22 26.09 19.91
N THR D 260 -33.53 25.00 20.20
CA THR D 260 -32.05 24.95 20.20
C THR D 260 -31.44 25.42 18.90
N SER D 261 -31.90 24.85 17.80
CA SER D 261 -31.34 25.19 16.49
C SER D 261 -31.72 26.60 16.05
N LEU D 262 -32.94 27.04 16.38
CA LEU D 262 -33.37 28.37 15.96
C LEU D 262 -32.58 29.46 16.72
N LEU D 263 -32.53 29.35 18.04
CA LEU D 263 -31.81 30.30 18.89
C LEU D 263 -30.34 30.24 18.61
N GLY D 264 -29.85 29.02 18.36
CA GLY D 264 -28.48 28.79 17.91
C GLY D 264 -28.16 29.56 16.64
N VAL D 265 -29.01 29.46 15.64
CA VAL D 265 -28.79 30.17 14.38
C VAL D 265 -28.86 31.68 14.58
N ILE D 266 -29.71 32.14 15.50
CA ILE D 266 -29.84 33.57 15.77
C ILE D 266 -28.54 34.09 16.38
N HIS D 267 -28.03 33.32 17.33
CA HIS D 267 -26.74 33.55 17.97
C HIS D 267 -25.57 33.67 16.98
N GLU D 268 -25.49 32.74 16.04
CA GLU D 268 -24.38 32.71 15.12
C GLU D 268 -24.55 33.81 14.07
N THR D 269 -25.80 34.14 13.76
CA THR D 269 -26.11 35.26 12.88
C THR D 269 -25.66 36.56 13.52
N GLY D 270 -25.87 36.71 14.82
CA GLY D 270 -25.38 37.89 15.54
C GLY D 270 -23.88 38.08 15.38
N HIS D 271 -23.12 36.99 15.60
CA HIS D 271 -21.71 36.96 15.29
C HIS D 271 -21.42 37.31 13.84
N ALA D 272 -22.15 36.70 12.93
CA ALA D 272 -21.95 36.91 11.52
C ALA D 272 -22.14 38.36 11.11
N LYS D 273 -23.13 39.04 11.66
CA LYS D 273 -23.39 40.43 11.29
C LYS D 273 -22.18 41.33 11.56
N TYR D 274 -21.43 41.01 12.64
CA TYR D 274 -20.22 41.74 13.01
C TYR D 274 -19.14 41.48 11.98
N GLU D 275 -18.92 40.20 11.67
CA GLU D 275 -17.94 39.82 10.65
C GLU D 275 -18.25 40.38 9.24
N GLN D 276 -19.51 40.37 8.83
CA GLN D 276 -19.92 40.88 7.51
C GLN D 276 -19.77 42.39 7.41
N ASN D 277 -19.74 43.07 8.54
CA ASN D 277 -19.75 44.56 8.60
C ASN D 277 -18.55 45.16 9.36
N CYS D 278 -17.56 44.34 9.64
CA CYS D 278 -16.39 44.77 10.37
C CYS D 278 -15.65 45.82 9.54
N GLY D 279 -15.45 46.99 10.12
CA GLY D 279 -14.55 48.02 9.56
C GLY D 279 -13.24 47.99 10.34
N PRO D 280 -12.36 49.01 10.16
CA PRO D 280 -12.60 50.20 9.40
C PRO D 280 -12.52 49.97 7.90
N LYS D 281 -13.38 50.65 7.17
CA LYS D 281 -13.31 50.57 5.71
C LYS D 281 -11.91 50.93 5.20
N GLY D 282 -11.48 50.30 4.12
CA GLY D 282 -10.14 50.57 3.58
C GLY D 282 -9.00 49.78 4.21
N PHE D 283 -9.28 49.06 5.28
CA PHE D 283 -8.26 48.32 6.01
C PHE D 283 -8.57 46.83 6.05
N GLU D 284 -9.26 46.33 5.03
CA GLU D 284 -9.93 45.00 5.15
C GLU D 284 -8.99 43.80 5.45
N THR D 285 -7.78 43.86 4.90
CA THR D 285 -6.87 42.71 5.03
C THR D 285 -5.94 42.85 6.25
N GLN D 286 -6.24 43.82 7.12
CA GLN D 286 -5.28 44.27 8.13
C GLN D 286 -5.77 43.93 9.54
N PRO D 287 -4.84 43.82 10.51
CA PRO D 287 -5.29 43.47 11.86
C PRO D 287 -6.23 44.47 12.57
N VAL D 288 -6.26 45.74 12.17
CA VAL D 288 -7.23 46.71 12.75
C VAL D 288 -8.70 46.39 12.34
N CYS D 289 -8.88 45.63 11.27
CA CYS D 289 -10.21 45.36 10.78
C CYS D 289 -10.49 43.93 11.18
N MET D 290 -10.67 43.74 12.48
CA MET D 290 -11.08 42.51 13.09
C MET D 290 -11.86 42.82 14.36
N ALA D 291 -12.63 41.83 14.84
CA ALA D 291 -13.45 42.03 16.03
C ALA D 291 -12.54 42.41 17.17
N ARG D 292 -13.03 43.24 18.07
CA ARG D 292 -12.24 43.80 19.18
C ARG D 292 -11.80 42.74 20.22
N SER D 293 -12.73 41.86 20.60
CA SER D 293 -12.47 40.85 21.62
C SER D 293 -13.56 39.78 21.51
N LEU D 294 -13.31 38.66 22.16
CA LEU D 294 -14.35 37.65 22.31
C LEU D 294 -15.54 38.17 23.10
N GLY D 295 -15.27 38.99 24.09
CA GLY D 295 -16.34 39.63 24.85
C GLY D 295 -17.20 40.50 23.99
N VAL D 296 -16.60 41.26 23.08
CA VAL D 296 -17.39 42.19 22.23
C VAL D 296 -18.14 41.36 21.16
N HIS D 297 -17.46 40.33 20.66
CA HIS D 297 -18.07 39.44 19.69
C HIS D 297 -19.27 38.70 20.28
N GLU D 298 -19.05 38.02 21.41
CA GLU D 298 -20.13 37.37 22.14
C GLU D 298 -21.20 38.40 22.53
N GLY D 299 -20.83 39.64 22.77
CA GLY D 299 -21.79 40.71 22.93
C GLY D 299 -22.76 40.85 21.77
N GLN D 300 -22.27 40.62 20.56
CA GLN D 300 -23.11 40.75 19.37
C GLN D 300 -24.03 39.56 19.17
N SER D 301 -23.54 38.36 19.46
CA SER D 301 -24.36 37.18 19.31
C SER D 301 -25.49 37.18 20.31
N LEU D 302 -25.13 37.51 21.55
CA LEU D 302 -26.12 37.62 22.65
C LEU D 302 -27.03 38.79 22.54
N PHE D 303 -26.57 39.86 21.92
CA PHE D 303 -27.49 40.95 21.59
C PHE D 303 -28.65 40.33 20.76
N ALA D 304 -28.29 39.48 19.79
CA ALA D 304 -29.25 38.88 18.88
C ALA D 304 -30.09 37.81 19.59
N GLU D 305 -29.40 36.90 20.26
CA GLU D 305 -30.05 35.77 20.89
C GLU D 305 -30.84 36.16 22.13
N MET D 306 -30.23 36.96 23.01
CA MET D 306 -30.80 37.16 24.34
C MET D 306 -31.56 38.42 24.43
N GLN D 307 -30.98 39.49 23.94
CA GLN D 307 -31.66 40.77 24.07
C GLN D 307 -32.87 40.86 23.14
N ILE D 308 -32.71 40.38 21.90
CA ILE D 308 -33.83 40.28 20.96
C ILE D 308 -34.53 38.93 21.05
N GLY D 309 -33.79 37.85 20.80
CA GLY D 309 -34.40 36.52 20.56
C GLY D 309 -35.23 35.92 21.67
N ARG D 310 -34.90 36.26 22.92
CA ARG D 310 -35.64 35.74 24.04
C ARG D 310 -36.54 36.76 24.72
N SER D 311 -36.87 37.87 24.03
CA SER D 311 -37.76 38.89 24.57
C SER D 311 -39.20 38.51 24.31
N GLY D 312 -40.11 39.06 25.12
CA GLY D 312 -41.55 38.86 24.92
C GLY D 312 -42.00 39.42 23.59
N ALA D 313 -41.49 40.59 23.25
CA ALA D 313 -41.78 41.25 21.97
C ALA D 313 -41.45 40.34 20.80
N PHE D 314 -40.29 39.67 20.84
CA PHE D 314 -39.91 38.72 19.79
C PHE D 314 -40.85 37.52 19.67
N MET D 315 -41.41 37.08 20.78
CA MET D 315 -42.36 35.97 20.75
C MET D 315 -43.63 36.32 19.98
N GLU D 316 -44.04 37.59 20.01
CA GLU D 316 -45.19 38.02 19.20
C GLU D 316 -44.90 37.81 17.72
N PHE D 317 -43.68 38.07 17.28
CA PHE D 317 -43.31 37.84 15.90
C PHE D 317 -43.17 36.35 15.58
N LEU D 318 -42.51 35.63 16.49
CA LEU D 318 -42.17 34.23 16.29
C LEU D 318 -43.35 33.28 16.25
N ALA D 319 -44.32 33.46 17.16
CA ALA D 319 -45.42 32.50 17.33
C ALA D 319 -46.12 32.19 16.02
N PRO D 320 -46.58 33.23 15.29
CA PRO D 320 -47.24 33.04 14.00
C PRO D 320 -46.40 32.39 12.92
N ARG D 321 -45.07 32.62 12.94
CA ARG D 321 -44.18 31.88 12.02
C ARG D 321 -44.06 30.41 12.40
N LEU D 322 -44.06 30.09 13.68
CA LEU D 322 -44.11 28.68 14.11
C LEU D 322 -45.34 27.98 13.55
N VAL D 323 -46.48 28.66 13.65
CA VAL D 323 -47.74 28.15 13.09
C VAL D 323 -47.54 27.93 11.59
N GLU D 324 -47.03 28.94 10.91
CA GLU D 324 -46.87 28.91 9.48
C GLU D 324 -45.91 27.79 9.00
N TYR D 325 -44.76 27.66 9.65
CA TYR D 325 -43.76 26.65 9.24
C TYR D 325 -44.00 25.23 9.70
N PHE D 326 -44.60 25.05 10.87
CA PHE D 326 -44.76 23.72 11.45
C PHE D 326 -46.20 23.27 11.54
N GLY D 327 -47.15 24.20 11.48
CA GLY D 327 -48.55 23.89 11.66
C GLY D 327 -48.94 24.23 13.07
N ASP D 328 -50.22 24.54 13.27
CA ASP D 328 -50.71 25.04 14.53
C ASP D 328 -50.68 23.94 15.60
N GLN D 329 -50.43 24.35 16.84
CA GLN D 329 -50.62 23.50 18.00
C GLN D 329 -50.72 24.45 19.22
N PRO D 330 -51.28 23.99 20.34
CA PRO D 330 -51.52 24.85 21.49
C PRO D 330 -50.31 25.63 22.05
N ALA D 331 -49.10 25.05 21.91
CA ALA D 331 -47.88 25.67 22.38
C ALA D 331 -47.56 26.95 21.62
N PHE D 332 -48.07 27.09 20.39
CA PHE D 332 -47.68 28.21 19.51
C PHE D 332 -48.49 29.46 19.71
N THR D 333 -48.37 30.02 20.91
CA THR D 333 -48.89 31.36 21.17
C THR D 333 -47.73 32.21 21.68
N SER D 334 -47.88 33.51 21.52
CA SER D 334 -46.96 34.50 22.04
C SER D 334 -46.67 34.29 23.52
N SER D 335 -47.73 34.27 24.32
CA SER D 335 -47.61 34.14 25.77
C SER D 335 -46.94 32.84 26.20
N ASN D 336 -47.31 31.75 25.57
CA ASN D 336 -46.74 30.46 25.90
C ASN D 336 -45.30 30.28 25.49
N MET D 337 -44.94 30.77 24.30
CA MET D 337 -43.56 30.63 23.85
C MET D 337 -42.58 31.50 24.67
N LYS D 338 -43.04 32.63 25.17
CA LYS D 338 -42.26 33.40 26.14
C LYS D 338 -41.91 32.53 27.33
N ARG D 339 -42.90 31.79 27.83
CA ARG D 339 -42.71 30.94 29.00
C ARG D 339 -41.76 29.81 28.72
N VAL D 340 -41.87 29.24 27.51
CA VAL D 340 -40.99 28.19 27.07
C VAL D 340 -39.54 28.71 26.94
N ILE D 341 -39.38 29.88 26.33
CA ILE D 341 -38.04 30.38 25.99
C ILE D 341 -37.34 31.01 27.20
N GLN D 342 -38.13 31.59 28.13
CA GLN D 342 -37.62 32.17 29.37
C GLN D 342 -37.72 31.24 30.58
N ARG D 343 -37.70 29.93 30.31
CA ARG D 343 -37.75 28.91 31.38
C ARG D 343 -36.47 28.93 32.16
N VAL D 344 -36.62 28.86 33.48
CA VAL D 344 -35.50 28.76 34.39
C VAL D 344 -35.54 27.40 35.05
N SER D 345 -34.57 26.57 34.68
CA SER D 345 -34.38 25.25 35.25
C SER D 345 -32.90 24.94 35.30
N PRO D 346 -32.30 25.01 36.50
CA PRO D 346 -30.87 24.76 36.58
C PRO D 346 -30.50 23.34 36.17
N GLY D 347 -29.30 23.17 35.65
CA GLY D 347 -28.78 21.85 35.34
C GLY D 347 -27.26 21.81 35.38
N LEU D 348 -26.70 20.64 35.05
CA LEU D 348 -25.28 20.39 35.29
C LEU D 348 -24.38 20.88 34.15
N ILE D 349 -24.94 20.99 32.95
CA ILE D 349 -24.17 21.23 31.75
C ILE D 349 -24.31 22.68 31.19
N ARG D 350 -23.19 23.39 31.23
CA ARG D 350 -23.14 24.78 30.79
C ARG D 350 -23.75 25.04 29.40
N ILE D 351 -23.38 24.20 28.45
CA ILE D 351 -23.82 24.39 27.06
C ILE D 351 -25.37 24.41 26.94
N ASP D 352 -26.06 23.67 27.81
CA ASP D 352 -27.54 23.67 27.79
C ASP D 352 -28.23 24.65 28.76
N ALA D 353 -27.48 25.58 29.37
CA ALA D 353 -28.03 26.46 30.43
C ALA D 353 -28.90 27.53 29.85
N ASP D 354 -29.94 27.90 30.60
CA ASP D 354 -30.76 29.07 30.25
C ASP D 354 -30.00 30.36 30.59
N GLU D 355 -30.64 31.49 30.28
CA GLU D 355 -30.02 32.81 30.29
C GLU D 355 -29.60 33.21 31.71
N LEU D 356 -30.43 32.84 32.67
CA LEU D 356 -30.21 33.17 34.07
C LEU D 356 -29.14 32.27 34.71
N CYS D 357 -29.12 30.98 34.39
CA CYS D 357 -28.19 29.99 34.99
C CYS D 357 -26.79 30.01 34.34
N TYR D 358 -26.80 30.33 33.05
CA TYR D 358 -25.58 30.30 32.25
C TYR D 358 -24.42 31.06 32.91
N PRO D 359 -24.64 32.31 33.34
CA PRO D 359 -23.53 33.00 33.94
C PRO D 359 -22.94 32.35 35.18
N LEU D 360 -23.72 31.56 35.88
CA LEU D 360 -23.21 30.91 37.09
C LEU D 360 -22.24 29.79 36.67
N HIS D 361 -22.46 29.15 35.52
CA HIS D 361 -21.49 28.17 35.00
C HIS D 361 -20.17 28.86 34.66
N VAL D 362 -20.28 30.03 34.02
CA VAL D 362 -19.08 30.78 33.65
C VAL D 362 -18.33 31.21 34.92
N MET D 363 -19.06 31.69 35.91
CA MET D 363 -18.43 32.20 37.12
C MET D 363 -17.59 31.15 37.84
N LEU D 364 -18.12 29.94 38.00
CA LEU D 364 -17.33 28.89 38.68
C LEU D 364 -16.06 28.51 37.91
N ARG D 365 -16.12 28.48 36.57
CA ARG D 365 -14.90 28.28 35.77
C ARG D 365 -13.88 29.42 35.93
N TYR D 366 -14.30 30.68 35.76
CA TYR D 366 -13.40 31.79 36.04
C TYR D 366 -12.69 31.65 37.42
N GLU D 367 -13.44 31.39 38.48
CA GLU D 367 -12.85 31.29 39.82
C GLU D 367 -11.86 30.11 39.89
N ILE D 368 -12.24 29.00 39.29
CA ILE D 368 -11.37 27.81 39.27
C ILE D 368 -10.06 27.99 38.44
N GLU D 369 -10.17 28.57 37.25
CA GLU D 369 -8.98 28.89 36.46
C GLU D 369 -8.09 29.89 37.24
N ARG D 370 -8.69 30.89 37.86
CA ARG D 370 -7.95 31.89 38.60
C ARG D 370 -7.19 31.30 39.80
N ASP D 371 -7.86 30.45 40.57
CA ASP D 371 -7.25 29.80 41.72
C ASP D 371 -6.17 28.79 41.34
N LEU D 372 -6.35 28.11 40.22
CA LEU D 372 -5.30 27.24 39.72
C LEU D 372 -4.07 28.09 39.38
N MET D 373 -4.27 29.22 38.70
CA MET D 373 -3.14 30.10 38.32
C MET D 373 -2.49 30.80 39.52
N ASP D 374 -3.26 31.03 40.58
CA ASP D 374 -2.70 31.60 41.81
C ASP D 374 -2.01 30.57 42.70
N GLY D 375 -2.16 29.29 42.37
CA GLY D 375 -1.76 28.24 43.30
C GLY D 375 -2.50 28.32 44.62
N ASN D 376 -3.80 28.60 44.55
CA ASN D 376 -4.69 28.39 45.69
C ASN D 376 -5.17 26.95 45.69
N ILE D 377 -5.25 26.34 44.50
CA ILE D 377 -5.73 24.97 44.31
C ILE D 377 -4.96 24.28 43.19
N GLU D 378 -4.93 22.95 43.21
CA GLU D 378 -4.21 22.18 42.19
C GLU D 378 -5.20 21.32 41.39
N ALA D 379 -4.69 20.66 40.35
CA ALA D 379 -5.54 19.86 39.46
C ALA D 379 -6.36 18.79 40.19
N GLU D 380 -5.92 18.45 41.42
CA GLU D 380 -6.51 17.37 42.20
C GLU D 380 -7.45 17.92 43.29
N GLU D 381 -7.77 19.20 43.18
CA GLU D 381 -8.80 19.81 44.03
C GLU D 381 -10.01 20.26 43.22
N VAL D 382 -9.97 20.02 41.90
CA VAL D 382 -11.00 20.52 40.98
C VAL D 382 -12.40 19.88 41.16
N PRO D 383 -12.49 18.54 41.33
CA PRO D 383 -13.79 17.92 41.61
C PRO D 383 -14.51 18.47 42.86
N ARG D 384 -13.78 18.56 43.97
CA ARG D 384 -14.30 19.04 45.24
C ARG D 384 -14.82 20.48 45.11
N VAL D 385 -14.03 21.33 44.46
CA VAL D 385 -14.37 22.74 44.30
C VAL D 385 -15.49 22.91 43.26
N TRP D 386 -15.49 22.06 42.23
CA TRP D 386 -16.51 22.08 41.19
C TRP D 386 -17.88 21.74 41.78
N ASN D 387 -17.89 20.71 42.63
CA ASN D 387 -19.03 20.29 43.40
C ASN D 387 -19.50 21.38 44.38
N GLU D 388 -18.60 21.90 45.21
CA GLU D 388 -18.92 22.97 46.16
C GLU D 388 -19.51 24.23 45.50
N LYS D 389 -18.97 24.61 44.34
CA LYS D 389 -19.47 25.76 43.58
C LYS D 389 -20.81 25.47 42.87
N MET D 390 -20.96 24.29 42.27
CA MET D 390 -22.22 23.89 41.64
C MET D 390 -23.37 23.80 42.66
N LYS D 391 -23.06 23.35 43.88
CA LYS D 391 -24.06 23.28 44.95
C LYS D 391 -24.49 24.68 45.39
N SER D 392 -23.50 25.55 45.55
CA SER D 392 -23.68 26.88 46.06
C SER D 392 -24.37 27.82 45.08
N TYR D 393 -23.98 27.73 43.81
CA TYR D 393 -24.48 28.66 42.78
C TYR D 393 -25.77 28.16 42.13
N LEU D 394 -25.83 26.86 41.82
CA LEU D 394 -26.97 26.30 41.10
C LEU D 394 -27.84 25.28 41.87
N GLY D 395 -27.47 24.93 43.10
CA GLY D 395 -28.25 23.99 43.92
C GLY D 395 -28.03 22.51 43.61
N LEU D 396 -27.05 22.23 42.75
CA LEU D 396 -26.86 20.88 42.22
C LEU D 396 -25.49 20.27 42.59
N GLU D 397 -25.53 19.01 43.00
CA GLU D 397 -24.36 18.24 43.40
C GLU D 397 -23.83 17.50 42.17
N THR D 398 -22.51 17.52 41.99
CA THR D 398 -21.84 16.83 40.86
C THR D 398 -20.84 15.80 41.37
N LEU D 399 -20.68 15.72 42.70
CA LEU D 399 -19.68 14.84 43.31
C LEU D 399 -19.90 13.40 42.87
N GLY D 400 -18.84 12.81 42.33
CA GLY D 400 -18.88 11.45 41.79
C GLY D 400 -19.37 11.40 40.36
N ASN D 401 -19.84 12.52 39.84
CA ASN D 401 -20.22 12.64 38.43
C ASN D 401 -19.33 13.71 37.78
N ASP D 402 -18.05 13.37 37.68
CA ASP D 402 -17.07 14.23 37.03
C ASP D 402 -17.34 14.37 35.53
N LYS D 403 -18.08 13.44 34.94
CA LYS D 403 -18.41 13.48 33.51
C LYS D 403 -19.30 14.66 33.17
N GLU D 404 -20.34 14.86 33.98
CA GLU D 404 -21.24 16.04 33.82
C GLU D 404 -20.81 17.21 34.70
N GLY D 405 -19.62 17.12 35.30
CA GLY D 405 -18.99 18.18 36.07
C GLY D 405 -17.79 18.74 35.32
N CYS D 406 -16.62 18.73 35.95
CA CYS D 406 -15.38 19.37 35.40
C CYS D 406 -14.86 18.86 34.05
N LEU D 407 -15.09 17.58 33.77
CA LEU D 407 -14.69 16.99 32.47
C LEU D 407 -15.58 17.47 31.32
N GLN D 408 -16.78 17.96 31.63
CA GLN D 408 -17.68 18.58 30.64
C GLN D 408 -17.17 19.16 29.33
N ASP D 409 -16.30 20.16 29.43
CA ASP D 409 -16.03 21.07 28.30
C ASP D 409 -14.69 20.76 27.60
N VAL D 410 -14.62 21.00 26.29
CA VAL D 410 -13.40 20.71 25.50
C VAL D 410 -12.22 21.68 25.74
N HIS D 411 -12.56 22.82 26.34
CA HIS D 411 -11.69 23.99 26.37
C HIS D 411 -10.29 23.78 26.92
N TRP D 412 -10.13 23.13 28.06
CA TRP D 412 -8.79 23.04 28.66
C TRP D 412 -7.87 22.17 27.81
N SER D 413 -8.35 20.98 27.43
CA SER D 413 -7.63 20.10 26.51
C SER D 413 -7.39 20.80 25.15
N GLY D 414 -8.18 21.82 24.84
CA GLY D 414 -7.90 22.67 23.67
C GLY D 414 -6.73 23.64 23.88
N GLY D 415 -6.09 23.59 25.05
CA GLY D 415 -5.09 24.59 25.47
C GLY D 415 -5.71 25.98 25.74
N MET D 416 -6.97 26.03 26.17
CA MET D 416 -7.72 27.28 26.28
C MET D 416 -8.09 27.60 27.73
N PHE D 417 -7.23 28.40 28.32
CA PHE D 417 -7.37 28.91 29.68
C PHE D 417 -7.47 30.44 29.58
N GLY D 418 -8.40 31.04 30.32
CA GLY D 418 -8.70 32.47 30.21
C GLY D 418 -9.74 32.78 29.16
N TYR D 419 -10.29 31.75 28.55
CA TYR D 419 -11.32 31.88 27.51
C TYR D 419 -12.73 32.10 28.10
N PHE D 420 -13.12 31.20 29.01
CA PHE D 420 -14.44 31.13 29.64
C PHE D 420 -15.03 32.45 30.12
N PRO D 421 -14.25 33.28 30.84
CA PRO D 421 -14.79 34.55 31.33
C PRO D 421 -15.45 35.43 30.25
N THR D 422 -14.96 35.36 29.02
CA THR D 422 -15.42 36.19 27.92
C THR D 422 -16.88 35.96 27.60
N TYR D 423 -17.39 34.77 27.88
CA TYR D 423 -18.82 34.49 27.70
C TYR D 423 -19.74 35.49 28.47
N SER D 424 -19.43 35.74 29.74
CA SER D 424 -20.26 36.62 30.60
C SER D 424 -20.00 38.08 30.31
N LEU D 425 -18.74 38.40 30.01
CA LEU D 425 -18.39 39.72 29.47
C LEU D 425 -19.26 39.99 28.27
N GLY D 426 -19.40 39.00 27.38
CA GLY D 426 -20.31 39.12 26.24
C GLY D 426 -21.74 39.44 26.63
N ALA D 427 -22.25 38.74 27.63
CA ALA D 427 -23.59 38.93 28.16
C ALA D 427 -23.75 40.37 28.66
N MET D 428 -22.72 40.83 29.35
CA MET D 428 -22.70 42.18 29.89
C MET D 428 -22.59 43.19 28.78
N VAL D 429 -21.75 42.92 27.75
CA VAL D 429 -21.71 43.85 26.58
C VAL D 429 -23.07 43.96 25.92
N ALA D 430 -23.75 42.83 25.74
CA ALA D 430 -25.08 42.82 25.13
C ALA D 430 -26.10 43.62 25.93
N ALA D 431 -26.16 43.40 27.23
CA ALA D 431 -27.12 44.12 28.09
C ALA D 431 -26.84 45.62 28.04
N GLN D 432 -25.57 46.02 28.15
CA GLN D 432 -25.23 47.49 28.09
C GLN D 432 -25.58 48.17 26.77
N LEU D 433 -25.37 47.41 25.70
CA LEU D 433 -25.58 47.85 24.34
C LEU D 433 -27.07 48.06 24.10
N MET D 434 -27.90 47.11 24.54
CA MET D 434 -29.34 47.24 24.40
C MET D 434 -29.95 48.39 25.26
N SER D 435 -29.48 48.62 26.50
CA SER D 435 -29.95 49.79 27.28
C SER D 435 -29.71 51.06 26.53
N CYS D 436 -28.54 51.12 25.90
CA CYS D 436 -28.18 52.27 25.13
C CYS D 436 -29.07 52.45 23.88
N VAL D 437 -29.36 51.38 23.16
CA VAL D 437 -30.20 51.44 21.96
C VAL D 437 -31.63 51.84 22.31
N ARG D 438 -32.17 51.29 23.38
CA ARG D 438 -33.52 51.67 23.84
C ARG D 438 -33.61 53.16 24.23
N ARG D 439 -32.60 53.65 24.94
CA ARG D 439 -32.52 55.06 25.30
C ARG D 439 -32.57 55.94 24.06
N GLU D 440 -31.70 55.64 23.12
CA GLU D 440 -31.58 56.43 21.91
C GLU D 440 -32.77 56.29 20.98
N LEU D 441 -33.21 55.07 20.71
CA LEU D 441 -34.38 54.85 19.84
C LEU D 441 -35.73 55.12 20.54
N GLY D 442 -35.81 54.81 21.82
CA GLY D 442 -37.06 54.76 22.58
C GLY D 442 -37.50 53.31 22.77
N GLU D 443 -37.95 52.97 23.98
CA GLU D 443 -38.41 51.62 24.26
C GLU D 443 -39.53 51.19 23.35
N GLU D 444 -40.39 52.14 23.00
CA GLU D 444 -41.51 51.91 22.12
C GLU D 444 -41.05 51.60 20.71
N VAL D 445 -40.10 52.36 20.18
CA VAL D 445 -39.59 52.06 18.86
C VAL D 445 -38.92 50.64 18.84
N VAL D 446 -38.18 50.30 19.90
CA VAL D 446 -37.42 49.02 19.94
C VAL D 446 -38.38 47.83 20.02
N ASP D 447 -39.32 47.86 20.96
CA ASP D 447 -40.37 46.82 21.07
C ASP D 447 -41.11 46.62 19.76
N ASP D 448 -41.43 47.72 19.08
CA ASP D 448 -42.13 47.67 17.80
C ASP D 448 -41.27 47.04 16.71
N CYS D 449 -40.02 47.45 16.62
CA CYS D 449 -39.05 46.83 15.71
C CYS D 449 -38.99 45.31 15.85
N ILE D 450 -38.89 44.87 17.10
CA ILE D 450 -38.72 43.46 17.43
C ILE D 450 -40.03 42.67 17.15
N ARG D 451 -41.15 43.15 17.66
CA ARG D 451 -42.42 42.45 17.44
C ARG D 451 -42.86 42.38 15.97
N LYS D 452 -42.41 43.34 15.15
CA LYS D 452 -42.67 43.32 13.71
C LYS D 452 -41.56 42.69 12.85
N GLY D 453 -40.49 42.21 13.46
CA GLY D 453 -39.36 41.69 12.69
C GLY D 453 -38.75 42.70 11.73
N ASP D 454 -38.75 43.98 12.13
CA ASP D 454 -38.13 45.05 11.35
C ASP D 454 -36.94 45.57 12.13
N LEU D 455 -35.84 44.83 12.02
CA LEU D 455 -34.69 45.09 12.86
C LEU D 455 -33.71 46.14 12.37
N GLY D 456 -33.97 46.76 11.22
CA GLY D 456 -33.00 47.66 10.58
C GLY D 456 -32.50 48.83 11.44
N LYS D 457 -33.41 49.55 12.10
CA LYS D 457 -32.99 50.63 13.00
C LYS D 457 -32.02 50.12 14.10
N ILE D 458 -32.27 48.91 14.59
CA ILE D 458 -31.45 48.36 15.66
C ILE D 458 -30.12 47.95 15.09
N LEU D 459 -30.14 47.31 13.92
CA LEU D 459 -28.91 46.78 13.36
C LEU D 459 -27.96 47.95 13.00
N ALA D 460 -28.55 49.08 12.61
CA ALA D 460 -27.77 50.26 12.26
C ALA D 460 -27.06 50.89 13.44
N LYS D 461 -27.72 50.94 14.58
CA LYS D 461 -27.08 51.35 15.85
C LYS D 461 -25.91 50.41 16.21
N GLN D 462 -26.08 49.11 15.96
CA GLN D 462 -25.01 48.12 16.21
C GLN D 462 -23.82 48.35 15.28
N ASN D 463 -24.16 48.63 14.02
CA ASN D 463 -23.18 48.93 13.02
C ASN D 463 -22.39 50.18 13.33
N GLU D 464 -23.07 51.26 13.67
CA GLU D 464 -22.38 52.54 13.89
C GLU D 464 -21.58 52.50 15.21
N LYS D 465 -22.18 51.90 16.24
CA LYS D 465 -21.56 51.84 17.55
C LYS D 465 -20.41 50.83 17.67
N ILE D 466 -20.54 49.66 17.04
CA ILE D 466 -19.53 48.61 17.23
C ILE D 466 -18.81 48.19 15.94
N TRP D 467 -19.60 47.66 15.00
CA TRP D 467 -19.07 46.85 13.92
C TRP D 467 -18.12 47.66 13.05
N GLN D 468 -18.46 48.92 12.77
CA GLN D 468 -17.67 49.73 11.84
C GLN D 468 -16.26 50.04 12.33
N HIS D 469 -16.04 49.99 13.63
CA HIS D 469 -14.74 50.36 14.20
C HIS D 469 -13.69 49.25 14.22
N GLY D 470 -14.16 48.00 14.27
CA GLY D 470 -13.31 46.86 14.36
C GLY D 470 -12.44 46.96 15.60
N SER D 471 -11.13 46.96 15.37
CA SER D 471 -10.14 47.03 16.44
C SER D 471 -9.38 48.38 16.39
N SER D 472 -10.05 49.42 15.92
CA SER D 472 -9.46 50.75 15.75
C SER D 472 -9.43 51.58 17.07
N LEU D 473 -10.27 51.19 18.05
CA LEU D 473 -10.25 51.74 19.41
C LEU D 473 -9.94 50.59 20.36
N THR D 474 -9.43 50.90 21.56
CA THR D 474 -9.39 49.93 22.65
C THR D 474 -10.83 49.61 23.06
N THR D 475 -11.02 48.54 23.81
CA THR D 475 -12.36 48.10 24.22
C THR D 475 -13.00 49.20 25.09
N ASP D 476 -12.22 49.79 26.00
CA ASP D 476 -12.70 50.84 26.85
C ASP D 476 -13.14 52.02 26.02
N GLU D 477 -12.32 52.47 25.06
CA GLU D 477 -12.71 53.56 24.15
C GLU D 477 -13.94 53.19 23.34
N LEU D 478 -13.95 51.98 22.81
CA LEU D 478 -15.07 51.51 22.00
C LEU D 478 -16.41 51.63 22.76
N LEU D 479 -16.45 51.10 23.97
CA LEU D 479 -17.69 51.09 24.77
C LEU D 479 -18.02 52.45 25.33
N ARG D 480 -17.00 53.26 25.63
CA ARG D 480 -17.27 54.62 26.04
C ARG D 480 -17.94 55.44 24.95
N GLN D 481 -17.37 55.40 23.77
CA GLN D 481 -17.98 56.05 22.64
C GLN D 481 -19.39 55.50 22.30
N ALA D 482 -19.56 54.19 22.41
CA ALA D 482 -20.79 53.50 22.00
C ALA D 482 -21.92 53.72 22.99
N THR D 483 -21.58 53.62 24.27
CA THR D 483 -22.60 53.60 25.33
C THR D 483 -22.39 54.62 26.43
N GLY D 484 -21.33 55.41 26.37
CA GLY D 484 -21.11 56.42 27.40
C GLY D 484 -20.23 56.01 28.56
N GLU D 485 -19.93 54.72 28.64
CA GLU D 485 -19.07 54.21 29.68
C GLU D 485 -18.38 52.91 29.26
N THR D 486 -17.30 52.69 29.96
CA THR D 486 -16.65 51.40 30.15
C THR D 486 -17.63 50.25 30.50
N LEU D 487 -17.20 48.99 30.37
CA LEU D 487 -18.09 47.85 30.60
C LEU D 487 -18.54 47.87 32.06
N ASN D 488 -19.86 47.89 32.27
CA ASN D 488 -20.46 48.00 33.60
C ASN D 488 -21.44 46.88 33.77
N PRO D 489 -21.19 45.94 34.69
CA PRO D 489 -22.06 44.81 34.88
C PRO D 489 -23.46 45.11 35.46
N GLU D 490 -23.73 46.34 35.89
CA GLU D 490 -25.01 46.65 36.47
C GLU D 490 -26.13 46.51 35.43
N HIS D 491 -25.79 46.72 34.15
CA HIS D 491 -26.80 46.63 33.12
C HIS D 491 -27.23 45.20 32.99
N TYR D 492 -26.29 44.28 33.09
CA TYR D 492 -26.63 42.89 33.10
C TYR D 492 -27.52 42.54 34.29
N ARG D 493 -27.14 42.96 35.48
CA ARG D 493 -28.05 42.82 36.66
C ARG D 493 -29.48 43.33 36.45
N ARG D 494 -29.64 44.56 35.97
CA ARG D 494 -30.99 45.09 35.69
C ARG D 494 -31.73 44.31 34.67
N HIS D 495 -31.03 43.89 33.62
CA HIS D 495 -31.66 43.06 32.58
C HIS D 495 -32.25 41.78 33.15
N LEU D 496 -31.43 41.02 33.88
CA LEU D 496 -31.86 39.73 34.43
C LEU D 496 -32.97 39.90 35.47
N GLU D 497 -32.87 40.94 36.30
CA GLU D 497 -33.91 41.25 37.27
C GLU D 497 -35.20 41.67 36.61
N ARG D 498 -35.12 42.53 35.61
CA ARG D 498 -36.28 42.97 34.88
C ARG D 498 -36.99 41.83 34.12
N ARG D 499 -36.23 40.94 33.47
CA ARG D 499 -36.85 39.84 32.73
C ARG D 499 -37.42 38.73 33.61
N TYR D 500 -36.66 38.31 34.62
CA TYR D 500 -36.93 37.07 35.33
C TYR D 500 -37.62 37.24 36.66
N ARG D 501 -37.36 38.35 37.32
CA ARG D 501 -38.00 38.64 38.56
C ARG D 501 -39.28 39.44 38.29
N ASP D 502 -39.14 40.53 37.53
CA ASP D 502 -40.25 41.44 37.27
C ASP D 502 -41.10 40.98 36.08
CO CO E . 19.95 -25.01 -22.49
S SO4 F . 30.82 -12.98 -35.82
O1 SO4 F . 30.31 -13.66 -36.98
O2 SO4 F . 32.26 -12.78 -35.97
O3 SO4 F . 30.10 -11.76 -35.62
O4 SO4 F . 30.71 -13.85 -34.69
S SO4 G . 23.29 -30.56 -21.36
O1 SO4 G . 24.05 -30.10 -22.53
O2 SO4 G . 24.04 -30.16 -20.18
O3 SO4 G . 21.96 -29.93 -21.37
O4 SO4 G . 23.09 -32.01 -21.36
S SO4 H . 20.33 -14.44 -43.40
O1 SO4 H . 21.46 -14.76 -44.28
O2 SO4 H . 20.79 -13.72 -42.23
O3 SO4 H . 19.42 -13.52 -44.04
O4 SO4 H . 19.71 -15.74 -43.07
C1 GOL I . -11.53 -15.27 -30.74
O1 GOL I . -11.66 -14.54 -29.53
C2 GOL I . -12.82 -15.36 -31.56
O2 GOL I . -13.90 -15.83 -30.78
C3 GOL I . -12.61 -16.28 -32.78
O3 GOL I . -11.25 -16.33 -33.20
C1 GOL J . 1.00 -15.93 -9.78
O1 GOL J . 1.25 -17.29 -9.57
C2 GOL J . -0.26 -15.85 -10.62
O2 GOL J . -0.11 -14.89 -11.64
C3 GOL J . -1.46 -15.56 -9.73
O3 GOL J . -1.12 -15.86 -8.41
C1 GOL K . -7.65 -17.71 -17.55
O1 GOL K . -7.17 -18.01 -16.24
C2 GOL K . -8.85 -16.72 -17.58
O2 GOL K . -9.84 -17.01 -16.60
C3 GOL K . -9.46 -16.61 -19.00
O3 GOL K . -10.28 -17.69 -19.45
C1 GOL L . 7.06 -9.78 -37.42
O1 GOL L . 7.04 -10.90 -36.53
C2 GOL L . 7.21 -10.10 -38.92
O2 GOL L . 5.93 -10.19 -39.53
C3 GOL L . 7.99 -11.38 -39.23
O3 GOL L . 7.95 -11.65 -40.62
C1 GOL M . 17.57 -35.41 -2.83
O1 GOL M . 18.73 -35.72 -3.59
C2 GOL M . 16.29 -36.08 -3.32
O2 GOL M . 16.28 -37.47 -3.04
C3 GOL M . 16.15 -35.83 -4.83
O3 GOL M . 14.80 -35.98 -5.19
C1 GOL N . 21.64 -2.47 -44.27
O1 GOL N . 21.40 -3.68 -44.97
C2 GOL N . 22.00 -2.79 -42.82
O2 GOL N . 21.38 -4.01 -42.48
C3 GOL N . 21.53 -1.63 -41.93
O3 GOL N . 22.46 -1.33 -40.91
N GLY O . 31.59 -32.48 24.45
CA GLY O . 32.32 -33.67 23.97
C GLY O . 31.64 -35.01 24.17
O GLY O . 31.18 -35.65 23.19
N ALA P . 31.52 -35.40 25.44
CA ALA P . 31.15 -36.77 25.86
C ALA P . 29.64 -37.03 25.73
O ALA P . 29.01 -37.63 26.61
CB ALA P . 31.60 -37.01 27.31
CO CO Q . 12.49 -19.52 21.03
S SO4 R . 41.91 -25.08 34.09
O1 SO4 R . 43.30 -24.87 34.49
O2 SO4 R . 41.57 -26.51 34.12
O3 SO4 R . 41.06 -24.32 35.00
O4 SO4 R . 41.71 -24.60 32.71
S SO4 S . 4.54 -33.97 41.26
O1 SO4 S . 3.15 -34.10 40.81
O2 SO4 S . 5.41 -34.92 40.57
O3 SO4 S . 4.94 -32.58 41.07
O4 SO4 S . 4.66 -34.30 42.68
S SO4 T . -0.78 -46.62 28.17
O1 SO4 T . -0.96 -46.25 26.76
O2 SO4 T . -1.51 -47.84 28.50
O3 SO4 T . 0.65 -46.82 28.44
O4 SO4 T . -1.34 -45.56 29.00
S SO4 U . 34.93 -2.33 39.36
O1 SO4 U . 36.37 -2.58 39.23
O2 SO4 U . 34.68 -1.30 40.37
O3 SO4 U . 34.40 -1.86 38.08
O4 SO4 U . 34.27 -3.56 39.78
S SO4 V . 10.94 -26.30 46.03
O1 SO4 V . 11.44 -26.96 47.24
O2 SO4 V . 9.49 -26.50 45.90
O3 SO4 V . 11.15 -24.86 46.18
O4 SO4 V . 11.70 -26.83 44.87
C1 GOL W . 12.34 -41.46 7.61
O1 GOL W . 11.48 -42.56 7.84
C2 GOL W . 11.78 -40.61 6.49
O2 GOL W . 11.93 -41.21 5.22
C3 GOL W . 12.49 -39.27 6.49
O3 GOL W . 11.50 -38.29 6.43
C1 GOL X . 33.49 -9.98 39.27
O1 GOL X . 34.76 -9.62 38.78
C2 GOL X . 32.88 -11.04 38.36
O2 GOL X . 33.86 -12.03 38.13
C3 GOL X . 32.46 -10.47 37.02
O3 GOL X . 31.19 -9.86 37.08
C1 GOL Y . 13.15 -37.52 13.49
O1 GOL Y . 13.06 -37.16 12.13
C2 GOL Y . 14.50 -37.17 14.15
O2 GOL Y . 14.49 -35.83 14.60
C3 GOL Y . 15.70 -37.50 13.24
O3 GOL Y . 16.30 -36.37 12.65
CO CO Z . -12.59 13.55 -18.23
S SO4 AA . -21.72 -2.81 -27.49
O1 SO4 AA . -21.24 -4.06 -28.03
O2 SO4 AA . -22.92 -3.18 -26.79
O3 SO4 AA . -20.74 -2.24 -26.58
O4 SO4 AA . -22.03 -1.87 -28.55
S SO4 BA . -37.32 17.10 -6.28
O1 SO4 BA . -35.94 17.07 -6.76
O2 SO4 BA . -37.78 15.80 -5.76
O3 SO4 BA . -37.34 18.05 -5.18
O4 SO4 BA . -38.20 17.56 -7.37
S SO4 CA . -3.14 -4.22 -34.61
O1 SO4 CA . -2.19 -3.12 -34.79
O2 SO4 CA . -3.68 -4.24 -33.24
O3 SO4 CA . -4.21 -4.11 -35.59
O4 SO4 CA . -2.47 -5.51 -34.81
CO CO DA . -20.98 32.66 20.55
S SO4 EA . -37.87 16.40 6.06
O1 SO4 EA . -37.36 15.65 4.91
O2 SO4 EA . -36.82 17.24 6.64
O3 SO4 EA . -38.99 17.22 5.62
O4 SO4 EA . -38.36 15.49 7.10
S SO4 FA . -38.81 40.83 28.20
O1 SO4 FA . -39.83 41.22 27.25
O2 SO4 FA . -39.09 39.46 28.63
O3 SO4 FA . -37.50 40.96 27.61
O4 SO4 FA . -38.89 41.77 29.32
#